data_6PY9
#
_entry.id   6PY9
#
_cell.length_a   126.052
_cell.length_b   126.052
_cell.length_c   295.149
_cell.angle_alpha   90.000
_cell.angle_beta   90.000
_cell.angle_gamma   120.000
#
_symmetry.space_group_name_H-M   'P 31 2 1'
#
loop_
_entity.id
_entity.type
_entity.pdbx_description
1 polymer 'Fe(3+)-Zn(2+) purple acid phosphatase'
2 branched alpha-L-fucopyranose-(1-3)-[2-acetamido-2-deoxy-beta-D-glucopyranose-(1-4)]2-acetamido-2-deoxy-beta-D-glucopyranose
3 non-polymer 'ZINC ION'
4 non-polymer 'FE (III) ION'
5 non-polymer 2-acetamido-2-deoxy-beta-D-glucopyranose
6 non-polymer 'ADP METAVANADATE'
7 non-polymer 'SULFATE ION'
8 non-polymer 'SODIUM ION'
9 non-polymer 1,2-ETHANEDIOL
10 non-polymer GLYCEROL
11 non-polymer 'TRIETHYLENE GLYCOL'
12 non-polymer [(2~{R},3~{R},4~{R},5~{S})-2-(5-azanylimidazol-1-yl)-4-[[bis(oxidanyl)-[tris(oxidanyl)vanadiooxy]vanadio]oxy-bis(oxidanyl)vanadio]oxy-5-[[bis(oxidanyl)-[tris(oxidanyl)vanadiooxy]vanadio]oxymethyl]oxolan-3-yl]oxy-tris(oxidanyl)vanadium
13 non-polymer 'CHLORIDE ION'
14 non-polymer 'CITRATE ANION'
15 water water
#
_entity_poly.entity_id   1
_entity_poly.type   'polypeptide(L)'
_entity_poly.pdbx_seq_one_letter_code
;MGVVKGLLALALVLNVVVVSNGGKSSNFVRKTNKNRDMPLDSDVFRVPPGYNAPQQVHITQGDLVGRAMIISWVTMDEPG
SSAVRYWSEKNGRKRIAKGKMSTYRFFNYSSGFIHHTTIRKLKYNTKYYYEVGLRNTTRRFSFITPPQTGLDVPYTFGLI
GDLGQSFDSNTTLSHYELSPKKGQTVLFVGDLSYADRYPNHDNVRWDTWGRFTERSVAYQPWIWTAGNHEIEFAPEINET
EPFKPFSYRYHVPYEASQSTSPFWYSIKRASAHIIVLSSYSAYGRGTPQYTWLKKELRKVKRSETPWLIVLMHSPLYNSY
NHHFMEGEAMRTKFEAWFVKYKVDVVFAGHVHAYERSERVSNIAYKITNGLCTPVKDQSAPVYITIGDAGNYGVIDSNMI
QPQPEYSAFREASFGHGMFDIKNRTHAHFSWNRNQDGVAVEADSVWFFNRHWYPVDDST
;
_entity_poly.pdbx_strand_id   A,B,D,C
#
# COMPACT_ATOMS: atom_id res chain seq x y z
N ASN A 35 40.34 -11.68 0.80
CA ASN A 35 39.02 -12.31 0.80
C ASN A 35 39.13 -13.85 0.81
N ARG A 36 38.57 -14.46 1.84
CA ARG A 36 38.57 -15.92 1.95
C ARG A 36 37.17 -16.51 1.72
N ASP A 37 36.28 -15.78 1.06
CA ASP A 37 34.96 -16.29 0.78
C ASP A 37 35.02 -17.47 -0.19
N MET A 38 34.13 -18.45 0.02
CA MET A 38 34.11 -19.61 -0.84
C MET A 38 33.59 -19.24 -2.22
N PRO A 39 34.22 -19.73 -3.27
CA PRO A 39 33.78 -19.39 -4.64
C PRO A 39 32.37 -19.89 -4.93
N LEU A 40 31.71 -19.16 -5.82
CA LEU A 40 30.31 -19.46 -6.14
C LEU A 40 30.11 -20.90 -6.56
N ASP A 41 31.15 -21.52 -7.12
CA ASP A 41 31.06 -22.90 -7.59
C ASP A 41 31.25 -23.92 -6.47
N SER A 42 31.48 -23.49 -5.22
CA SER A 42 31.72 -24.42 -4.11
C SER A 42 30.58 -25.41 -3.92
N ASP A 43 30.93 -26.61 -3.45
CA ASP A 43 29.90 -27.63 -3.25
C ASP A 43 28.84 -27.20 -2.24
N VAL A 44 29.22 -26.41 -1.22
CA VAL A 44 28.24 -25.96 -0.24
C VAL A 44 27.21 -25.01 -0.85
N PHE A 45 27.49 -24.38 -1.98
CA PHE A 45 26.52 -23.48 -2.60
C PHE A 45 25.66 -24.16 -3.66
N ARG A 46 25.83 -25.47 -3.86
CA ARG A 46 25.15 -26.19 -4.94
C ARG A 46 23.63 -25.97 -4.86
N VAL A 47 23.02 -25.82 -6.03
CA VAL A 47 21.57 -25.69 -6.14
C VAL A 47 20.96 -27.09 -6.15
N PRO A 48 19.93 -27.37 -5.36
CA PRO A 48 19.30 -28.70 -5.38
C PRO A 48 18.65 -28.99 -6.71
N PRO A 49 18.73 -30.23 -7.19
CA PRO A 49 18.25 -30.55 -8.55
C PRO A 49 16.74 -30.71 -8.62
N GLY A 50 16.23 -30.63 -9.83
CA GLY A 50 14.81 -30.74 -10.08
C GLY A 50 14.19 -29.37 -10.26
N TYR A 51 13.10 -29.33 -11.04
CA TYR A 51 12.46 -28.07 -11.38
C TYR A 51 11.86 -27.40 -10.15
N ASN A 52 12.14 -26.11 -9.99
CA ASN A 52 11.67 -25.28 -8.90
C ASN A 52 11.95 -25.90 -7.53
N ALA A 53 13.01 -26.71 -7.45
CA ALA A 53 13.33 -27.39 -6.20
C ALA A 53 13.53 -26.36 -5.09
N PRO A 54 12.90 -26.54 -3.94
CA PRO A 54 13.09 -25.59 -2.83
C PRO A 54 14.54 -25.51 -2.39
N GLN A 55 15.00 -24.30 -2.11
CA GLN A 55 16.36 -24.15 -1.66
C GLN A 55 16.40 -23.17 -0.50
N GLN A 56 17.58 -23.06 0.11
CA GLN A 56 17.77 -22.23 1.29
C GLN A 56 16.72 -22.52 2.35
N VAL A 57 16.43 -23.82 2.56
CA VAL A 57 15.45 -24.19 3.56
C VAL A 57 15.99 -23.86 4.94
N HIS A 58 15.15 -23.24 5.77
CA HIS A 58 15.57 -22.91 7.12
C HIS A 58 14.35 -22.76 7.99
N ILE A 59 14.52 -23.11 9.27
CA ILE A 59 13.43 -23.17 10.22
C ILE A 59 13.81 -22.37 11.47
N THR A 60 12.80 -21.93 12.20
CA THR A 60 13.02 -21.35 13.50
C THR A 60 11.76 -21.51 14.34
N GLN A 61 11.89 -21.31 15.65
CA GLN A 61 10.74 -21.44 16.52
C GLN A 61 9.65 -20.47 16.06
N GLY A 62 8.42 -20.98 15.94
CA GLY A 62 7.35 -20.17 15.44
C GLY A 62 6.45 -19.55 16.49
N ASP A 63 6.70 -19.80 17.77
CA ASP A 63 5.80 -19.32 18.82
C ASP A 63 6.64 -19.02 20.07
N LEU A 64 5.97 -18.88 21.19
CA LEU A 64 6.64 -18.49 22.42
C LEU A 64 7.22 -19.67 23.19
N VAL A 65 6.57 -20.83 23.16
CA VAL A 65 6.91 -21.91 24.09
C VAL A 65 7.43 -23.14 23.38
N GLY A 66 7.45 -23.18 22.05
CA GLY A 66 8.05 -24.28 21.32
C GLY A 66 7.08 -25.21 20.61
N ARG A 67 5.79 -24.90 20.58
CA ARG A 67 4.82 -25.73 19.89
C ARG A 67 4.68 -25.41 18.42
N ALA A 68 5.50 -24.50 17.91
CA ALA A 68 5.33 -24.00 16.55
C ALA A 68 6.68 -23.88 15.86
N MET A 69 6.64 -23.88 14.55
CA MET A 69 7.84 -23.76 13.74
C MET A 69 7.55 -22.95 12.50
N ILE A 70 8.32 -21.88 12.28
CA ILE A 70 8.33 -21.24 10.96
C ILE A 70 9.21 -22.06 10.02
N ILE A 71 8.65 -22.46 8.89
CA ILE A 71 9.38 -23.14 7.82
C ILE A 71 9.60 -22.14 6.69
N SER A 72 10.85 -21.98 6.27
CA SER A 72 11.21 -20.99 5.26
C SER A 72 12.00 -21.66 4.14
N TRP A 73 11.70 -21.27 2.90
CA TRP A 73 12.50 -21.72 1.76
C TRP A 73 12.28 -20.74 0.62
N VAL A 74 13.13 -20.88 -0.40
CA VAL A 74 13.11 -20.05 -1.58
C VAL A 74 12.90 -20.95 -2.79
N THR A 75 12.05 -20.53 -3.72
CA THR A 75 11.99 -21.16 -5.04
C THR A 75 12.41 -20.15 -6.10
N MET A 76 13.14 -20.62 -7.10
CA MET A 76 13.79 -19.75 -8.07
C MET A 76 13.19 -19.80 -9.46
N ASP A 77 12.46 -20.86 -9.81
CA ASP A 77 11.94 -21.01 -11.17
C ASP A 77 10.52 -20.45 -11.30
N GLU A 78 9.70 -20.59 -10.27
CA GLU A 78 8.36 -20.01 -10.28
C GLU A 78 7.86 -19.96 -8.83
N PRO A 79 6.85 -19.12 -8.55
CA PRO A 79 6.35 -18.96 -7.18
C PRO A 79 6.17 -20.25 -6.40
N GLY A 80 5.46 -21.22 -6.95
CA GLY A 80 5.31 -22.49 -6.27
C GLY A 80 4.38 -22.40 -5.07
N SER A 81 4.21 -23.53 -4.42
CA SER A 81 3.25 -23.63 -3.32
C SER A 81 3.93 -23.28 -2.01
N SER A 82 3.23 -22.47 -1.19
CA SER A 82 3.68 -22.17 0.16
C SER A 82 3.20 -23.21 1.17
N ALA A 83 2.62 -24.32 0.70
CA ALA A 83 2.18 -25.38 1.59
C ALA A 83 3.36 -26.19 2.11
N VAL A 84 3.20 -26.71 3.31
CA VAL A 84 4.15 -27.62 3.93
C VAL A 84 3.37 -28.86 4.33
N ARG A 85 3.81 -30.01 3.84
CA ARG A 85 3.30 -31.29 4.35
C ARG A 85 4.18 -31.71 5.52
N TYR A 86 3.56 -32.21 6.58
CA TYR A 86 4.36 -32.63 7.73
C TYR A 86 3.64 -33.73 8.50
N TRP A 87 4.41 -34.47 9.28
CA TRP A 87 3.87 -35.54 10.12
C TRP A 87 4.86 -35.86 11.22
N SER A 88 4.32 -36.30 12.35
CA SER A 88 5.16 -36.74 13.44
C SER A 88 5.49 -38.21 13.26
N GLU A 89 6.65 -38.60 13.77
CA GLU A 89 6.98 -40.01 13.93
C GLU A 89 5.96 -40.74 14.80
N LYS A 90 5.43 -40.05 15.82
CA LYS A 90 4.52 -40.71 16.77
C LYS A 90 3.18 -41.04 16.14
N ASN A 91 2.59 -40.08 15.42
CA ASN A 91 1.23 -40.24 14.93
C ASN A 91 1.12 -40.48 13.43
N GLY A 92 2.16 -40.18 12.65
CA GLY A 92 2.18 -40.49 11.23
C GLY A 92 0.99 -40.01 10.42
N ARG A 93 0.30 -38.96 10.87
CA ARG A 93 -0.78 -38.37 10.10
C ARG A 93 -0.23 -37.18 9.32
N LYS A 94 -0.31 -37.24 8.01
CA LYS A 94 0.21 -36.14 7.20
C LYS A 94 -0.73 -34.95 7.27
N ARG A 95 -0.17 -33.79 7.59
CA ARG A 95 -0.93 -32.56 7.67
C ARG A 95 -0.38 -31.53 6.67
N ILE A 96 -1.22 -30.56 6.32
CA ILE A 96 -0.81 -29.44 5.48
C ILE A 96 -0.94 -28.15 6.28
N ALA A 97 0.11 -27.35 6.27
CA ALA A 97 0.02 -25.94 6.67
C ALA A 97 0.28 -25.09 5.43
N LYS A 98 -0.39 -23.95 5.36
CA LYS A 98 -0.27 -23.04 4.23
C LYS A 98 0.35 -21.75 4.72
N GLY A 99 1.40 -21.30 4.04
CA GLY A 99 2.05 -20.06 4.39
C GLY A 99 1.91 -19.02 3.31
N LYS A 100 2.88 -18.12 3.24
CA LYS A 100 2.79 -16.98 2.35
C LYS A 100 4.10 -16.83 1.59
N MET A 101 4.01 -16.32 0.37
CA MET A 101 5.18 -16.07 -0.45
C MET A 101 5.41 -14.57 -0.56
N SER A 102 6.67 -14.19 -0.70
CA SER A 102 6.99 -12.78 -0.91
C SER A 102 8.23 -12.68 -1.78
N THR A 103 8.42 -11.49 -2.37
CA THR A 103 9.60 -11.19 -3.17
C THR A 103 10.12 -9.83 -2.77
N TYR A 104 11.37 -9.55 -3.14
CA TYR A 104 11.87 -8.20 -2.97
C TYR A 104 12.91 -7.89 -4.04
N ARG A 105 13.19 -6.61 -4.18
CA ARG A 105 14.25 -6.11 -5.02
C ARG A 105 15.22 -5.32 -4.17
N PHE A 106 16.49 -5.39 -4.51
CA PHE A 106 17.52 -4.57 -3.85
C PHE A 106 18.40 -4.05 -4.98
N PHE A 107 18.23 -2.77 -5.31
CA PHE A 107 18.95 -2.12 -6.42
C PHE A 107 18.63 -2.89 -7.69
N ASN A 108 19.61 -3.47 -8.38
CA ASN A 108 19.34 -4.19 -9.61
C ASN A 108 19.12 -5.69 -9.37
N TYR A 109 19.11 -6.11 -8.11
CA TYR A 109 18.86 -7.52 -7.79
C TYR A 109 17.36 -7.72 -7.57
N SER A 110 16.84 -8.84 -8.08
CA SER A 110 15.45 -9.26 -7.89
C SER A 110 15.45 -10.65 -7.30
N SER A 111 14.65 -10.87 -6.27
CA SER A 111 14.76 -12.12 -5.52
C SER A 111 13.95 -13.24 -6.18
N GLY A 112 14.30 -14.46 -5.80
CA GLY A 112 13.41 -15.57 -5.99
C GLY A 112 12.18 -15.44 -5.11
N PHE A 113 11.44 -16.53 -5.05
CA PHE A 113 10.14 -16.54 -4.38
C PHE A 113 10.34 -17.11 -2.99
N ILE A 114 10.16 -16.26 -1.97
CA ILE A 114 10.48 -16.59 -0.58
C ILE A 114 9.23 -17.08 0.14
N HIS A 115 9.30 -18.25 0.76
CA HIS A 115 8.15 -18.81 1.45
C HIS A 115 8.38 -18.82 2.95
N HIS A 116 7.36 -18.42 3.71
CA HIS A 116 7.34 -18.56 5.17
C HIS A 116 6.02 -19.21 5.57
N THR A 117 6.10 -20.37 6.23
CA THR A 117 4.93 -21.11 6.67
C THR A 117 5.13 -21.51 8.12
N THR A 118 4.12 -21.29 8.94
CA THR A 118 4.16 -21.66 10.34
C THR A 118 3.37 -22.93 10.55
N ILE A 119 4.02 -23.96 11.11
CA ILE A 119 3.34 -25.16 11.58
C ILE A 119 3.05 -24.99 13.06
N ARG A 120 1.78 -25.13 13.44
CA ARG A 120 1.33 -24.82 14.78
C ARG A 120 0.84 -26.08 15.49
N LYS A 121 0.57 -25.91 16.79
CA LYS A 121 0.02 -26.95 17.65
C LYS A 121 0.79 -28.28 17.51
N LEU A 122 2.12 -28.17 17.52
CA LEU A 122 2.97 -29.35 17.47
C LEU A 122 3.08 -30.00 18.83
N LYS A 123 3.39 -31.29 18.81
CA LYS A 123 3.64 -32.03 20.05
C LYS A 123 5.05 -31.79 20.56
N TYR A 124 5.18 -31.81 21.88
CA TYR A 124 6.45 -31.59 22.55
C TYR A 124 7.36 -32.79 22.36
N ASN A 125 8.67 -32.54 22.24
CA ASN A 125 9.68 -33.59 22.32
C ASN A 125 9.38 -34.69 21.30
N THR A 126 9.19 -34.27 20.05
CA THR A 126 8.69 -35.15 19.00
C THR A 126 9.43 -34.84 17.70
N LYS A 127 9.82 -35.90 17.01
CA LYS A 127 10.37 -35.73 15.67
C LYS A 127 9.23 -35.55 14.69
N TYR A 128 9.28 -34.47 13.93
CA TYR A 128 8.43 -34.27 12.78
C TYR A 128 9.27 -34.34 11.51
N TYR A 129 8.64 -34.79 10.44
CA TYR A 129 9.14 -34.66 9.09
C TYR A 129 8.33 -33.59 8.38
N TYR A 130 8.98 -32.84 7.49
CA TYR A 130 8.25 -31.84 6.71
C TYR A 130 8.80 -31.81 5.30
N GLU A 131 7.90 -31.62 4.33
CA GLU A 131 8.23 -31.51 2.91
C GLU A 131 7.81 -30.14 2.38
N VAL A 132 8.67 -29.55 1.56
CA VAL A 132 8.40 -28.30 0.88
C VAL A 132 8.55 -28.54 -0.61
N GLY A 133 7.89 -27.66 -1.40
CA GLY A 133 7.83 -27.79 -2.84
C GLY A 133 6.81 -28.79 -3.32
N LEU A 134 5.59 -28.72 -2.77
CA LEU A 134 4.62 -29.79 -3.01
C LEU A 134 4.21 -29.88 -4.49
N ARG A 135 4.12 -28.76 -5.20
CA ARG A 135 3.73 -28.79 -6.62
C ARG A 135 4.84 -29.38 -7.49
N ASN A 136 6.00 -28.70 -7.53
CA ASN A 136 7.12 -29.13 -8.36
C ASN A 136 7.83 -30.37 -7.83
N THR A 137 9.09 -30.20 -7.45
CA THR A 137 9.92 -31.25 -6.89
C THR A 137 10.00 -31.07 -5.37
N THR A 138 9.77 -32.15 -4.65
CA THR A 138 9.56 -32.12 -3.20
C THR A 138 10.83 -32.51 -2.48
N ARG A 139 11.20 -31.72 -1.48
CA ARG A 139 12.36 -32.02 -0.64
C ARG A 139 11.89 -32.21 0.80
N ARG A 140 12.44 -33.23 1.46
CA ARG A 140 11.98 -33.68 2.77
C ARG A 140 13.07 -33.45 3.82
N PHE A 141 12.66 -32.97 4.99
CA PHE A 141 13.56 -32.68 6.09
C PHE A 141 12.88 -33.13 7.38
N SER A 142 13.48 -32.82 8.53
CA SER A 142 12.92 -33.21 9.81
C SER A 142 13.47 -32.32 10.92
N PHE A 143 12.75 -32.30 12.04
CA PHE A 143 13.19 -31.59 13.24
C PHE A 143 12.61 -32.30 14.45
N ILE A 144 13.07 -31.88 15.64
CA ILE A 144 12.54 -32.39 16.90
C ILE A 144 12.07 -31.20 17.71
N THR A 145 10.79 -31.19 18.05
CA THR A 145 10.27 -30.17 18.93
C THR A 145 10.97 -30.27 20.28
N PRO A 146 11.16 -29.15 20.97
CA PRO A 146 11.83 -29.21 22.26
C PRO A 146 10.89 -29.82 23.28
N PRO A 147 11.37 -30.13 24.46
CA PRO A 147 10.43 -30.48 25.54
C PRO A 147 9.66 -29.25 25.97
N GLN A 148 8.47 -29.51 26.52
CA GLN A 148 7.74 -28.50 27.26
C GLN A 148 8.67 -27.78 28.23
N THR A 149 8.42 -26.48 28.42
CA THR A 149 9.29 -25.71 29.30
C THR A 149 9.17 -26.24 30.73
N GLY A 150 10.25 -26.16 31.48
CA GLY A 150 10.27 -26.74 32.81
C GLY A 150 11.55 -26.40 33.51
N LEU A 151 11.56 -26.65 34.83
CA LEU A 151 12.69 -26.23 35.65
C LEU A 151 13.96 -26.98 35.31
N ASP A 152 13.88 -28.29 35.20
CA ASP A 152 15.08 -29.11 35.10
C ASP A 152 15.25 -29.75 33.73
N VAL A 153 14.50 -29.28 32.74
CA VAL A 153 14.55 -29.78 31.36
C VAL A 153 15.90 -29.48 30.73
N PRO A 154 16.74 -30.47 30.48
CA PRO A 154 18.05 -30.20 29.87
C PRO A 154 17.93 -29.87 28.37
N TYR A 155 18.94 -29.17 27.86
CA TYR A 155 18.92 -28.71 26.48
C TYR A 155 20.26 -28.11 26.11
N THR A 156 20.68 -28.31 24.86
CA THR A 156 22.00 -27.91 24.42
C THR A 156 21.87 -26.89 23.30
N PHE A 157 22.41 -25.69 23.54
CA PHE A 157 22.35 -24.60 22.58
C PHE A 157 23.69 -24.46 21.87
N GLY A 158 23.65 -24.43 20.54
CA GLY A 158 24.80 -23.94 19.81
C GLY A 158 24.88 -22.42 19.92
N LEU A 159 26.10 -21.90 19.93
CA LEU A 159 26.33 -20.46 19.89
C LEU A 159 27.22 -20.14 18.71
N ILE A 160 26.71 -19.33 17.79
CA ILE A 160 27.41 -19.00 16.56
C ILE A 160 27.22 -17.52 16.26
N GLY A 161 28.29 -16.85 15.91
CA GLY A 161 28.18 -15.47 15.53
C GLY A 161 29.10 -15.12 14.38
N ASP A 162 28.60 -14.26 13.50
CA ASP A 162 29.43 -13.71 12.43
C ASP A 162 29.93 -14.83 11.54
N LEU A 163 29.00 -15.70 11.11
CA LEU A 163 29.35 -16.91 10.37
C LEU A 163 29.98 -16.56 9.02
N GLY A 164 29.25 -15.84 8.19
CA GLY A 164 29.78 -15.55 6.89
C GLY A 164 29.78 -16.83 6.04
N GLN A 165 30.55 -16.78 4.96
CA GLN A 165 30.66 -17.90 4.03
C GLN A 165 32.10 -18.06 3.55
N SER A 166 33.06 -17.85 4.45
CA SER A 166 34.44 -18.16 4.12
C SER A 166 34.69 -19.65 4.32
N PHE A 167 35.88 -20.10 3.93
CA PHE A 167 36.29 -21.47 4.27
C PHE A 167 36.32 -21.69 5.79
N ASP A 168 36.65 -20.64 6.56
CA ASP A 168 36.59 -20.75 8.02
C ASP A 168 35.18 -21.01 8.49
N SER A 169 34.20 -20.29 7.91
CA SER A 169 32.79 -20.53 8.22
C SER A 169 32.40 -21.98 8.02
N ASN A 170 32.91 -22.59 6.95
CA ASN A 170 32.51 -23.95 6.65
C ASN A 170 33.03 -24.94 7.68
N THR A 171 34.25 -24.76 8.19
CA THR A 171 34.71 -25.70 9.20
C THR A 171 34.04 -25.45 10.56
N THR A 172 33.75 -24.20 10.92
CA THR A 172 32.99 -23.94 12.13
C THR A 172 31.67 -24.69 12.11
N LEU A 173 30.92 -24.53 11.02
CA LEU A 173 29.67 -25.28 10.87
C LEU A 173 29.92 -26.78 10.98
N SER A 174 30.98 -27.27 10.34
CA SER A 174 31.37 -28.66 10.50
C SER A 174 31.67 -29.01 11.95
N HIS A 175 32.39 -28.14 12.66
CA HIS A 175 32.68 -28.42 14.05
C HIS A 175 31.40 -28.46 14.88
N TYR A 176 30.43 -27.60 14.55
CA TYR A 176 29.17 -27.63 15.26
C TYR A 176 28.43 -28.94 14.99
N GLU A 177 28.26 -29.30 13.71
CA GLU A 177 27.43 -30.46 13.40
C GLU A 177 28.08 -31.76 13.84
N LEU A 178 29.40 -31.79 14.04
CA LEU A 178 30.11 -32.98 14.49
C LEU A 178 30.38 -32.98 15.98
N SER A 179 29.81 -32.03 16.71
CA SER A 179 30.06 -31.90 18.13
C SER A 179 29.43 -33.06 18.88
N PRO A 180 30.17 -33.74 19.76
CA PRO A 180 29.55 -34.82 20.53
C PRO A 180 28.52 -34.32 21.53
N LYS A 181 28.51 -33.02 21.83
CA LYS A 181 27.48 -32.48 22.71
C LYS A 181 26.13 -32.31 22.01
N LYS A 182 26.10 -32.45 20.69
CA LYS A 182 24.86 -32.42 19.93
C LYS A 182 24.02 -31.18 20.22
N GLY A 183 24.32 -30.08 19.55
CA GLY A 183 23.48 -28.90 19.67
C GLY A 183 22.10 -29.19 19.13
N GLN A 184 21.08 -28.64 19.79
CA GLN A 184 19.70 -28.84 19.38
C GLN A 184 19.04 -27.60 18.82
N THR A 185 19.63 -26.43 19.03
CA THR A 185 19.16 -25.15 18.56
C THR A 185 20.38 -24.25 18.54
N VAL A 186 20.50 -23.41 17.53
CA VAL A 186 21.60 -22.46 17.45
C VAL A 186 21.11 -21.09 17.87
N LEU A 187 21.82 -20.47 18.81
CA LEU A 187 21.60 -19.06 19.14
C LEU A 187 22.56 -18.25 18.28
N PHE A 188 22.02 -17.49 17.32
CA PHE A 188 22.83 -16.80 16.32
C PHE A 188 22.86 -15.30 16.64
N VAL A 189 24.07 -14.77 16.87
CA VAL A 189 24.18 -13.44 17.46
C VAL A 189 24.52 -12.36 16.42
N GLY A 190 24.18 -12.58 15.17
CA GLY A 190 24.21 -11.51 14.20
C GLY A 190 25.27 -11.71 13.13
N ASP A 191 25.18 -10.83 12.12
CA ASP A 191 26.04 -10.82 10.94
C ASP A 191 26.02 -12.18 10.23
N LEU A 192 25.04 -12.35 9.34
CA LEU A 192 24.80 -13.63 8.68
C LEU A 192 25.74 -13.79 7.48
N SER A 193 25.35 -13.24 6.33
CA SER A 193 25.97 -13.58 5.05
C SER A 193 27.13 -12.69 4.65
N TYR A 194 27.26 -11.48 5.23
CA TYR A 194 28.26 -10.50 4.81
C TYR A 194 28.09 -10.13 3.34
N ALA A 195 26.88 -10.28 2.81
CA ALA A 195 26.64 -9.94 1.42
C ALA A 195 26.83 -8.46 1.14
N ASP A 196 26.68 -7.61 2.17
CA ASP A 196 26.85 -6.17 1.99
C ASP A 196 28.30 -5.77 1.76
N ARG A 197 29.26 -6.70 1.92
CA ARG A 197 30.63 -6.38 1.55
C ARG A 197 30.83 -6.36 0.04
N TYR A 198 29.94 -6.99 -0.70
CA TYR A 198 30.01 -7.08 -2.15
C TYR A 198 29.51 -5.81 -2.82
N PRO A 199 29.88 -5.60 -4.10
CA PRO A 199 29.31 -4.51 -4.88
C PRO A 199 27.78 -4.47 -4.89
N ASN A 200 27.21 -3.34 -4.47
CA ASN A 200 25.77 -3.17 -4.32
C ASN A 200 25.19 -4.25 -3.43
N HIS A 201 25.98 -4.76 -2.48
CA HIS A 201 25.52 -5.75 -1.50
C HIS A 201 25.06 -7.04 -2.18
N ASP A 202 25.68 -7.40 -3.30
CA ASP A 202 25.26 -8.51 -4.17
C ASP A 202 24.46 -9.62 -3.50
N ASN A 203 23.14 -9.49 -3.56
CA ASN A 203 22.23 -10.33 -2.81
C ASN A 203 22.23 -11.79 -3.26
N VAL A 204 22.91 -12.13 -4.36
CA VAL A 204 23.16 -13.55 -4.62
C VAL A 204 23.96 -14.15 -3.48
N ARG A 205 24.76 -13.34 -2.78
CA ARG A 205 25.49 -13.89 -1.64
C ARG A 205 24.61 -14.16 -0.42
N TRP A 206 23.37 -13.64 -0.40
CA TRP A 206 22.39 -14.14 0.55
C TRP A 206 21.88 -15.53 0.15
N ASP A 207 21.64 -15.74 -1.15
CA ASP A 207 21.16 -17.04 -1.62
C ASP A 207 22.20 -18.13 -1.36
N THR A 208 23.47 -17.82 -1.65
CA THR A 208 24.53 -18.78 -1.38
C THR A 208 24.64 -19.07 0.10
N TRP A 209 24.53 -18.05 0.94
CA TRP A 209 24.56 -18.29 2.38
C TRP A 209 23.42 -19.18 2.81
N GLY A 210 22.22 -18.94 2.26
CA GLY A 210 21.07 -19.76 2.63
C GLY A 210 21.24 -21.22 2.24
N ARG A 211 21.74 -21.47 1.02
CA ARG A 211 22.01 -22.84 0.60
C ARG A 211 23.13 -23.47 1.44
N PHE A 212 24.13 -22.68 1.81
CA PHE A 212 25.24 -23.20 2.59
C PHE A 212 24.80 -23.59 4.00
N THR A 213 24.05 -22.72 4.69
CA THR A 213 23.65 -23.01 6.06
C THR A 213 22.55 -24.05 6.15
N GLU A 214 21.92 -24.40 5.03
CA GLU A 214 20.75 -25.28 5.06
C GLU A 214 21.04 -26.62 5.75
N ARG A 215 22.26 -27.15 5.59
CA ARG A 215 22.51 -28.49 6.11
C ARG A 215 22.38 -28.56 7.63
N SER A 216 22.33 -27.42 8.31
CA SER A 216 22.02 -27.35 9.73
C SER A 216 20.64 -26.75 9.99
N VAL A 217 20.39 -25.54 9.50
CA VAL A 217 19.18 -24.80 9.91
C VAL A 217 17.92 -25.40 9.33
N ALA A 218 18.02 -26.28 8.34
CA ALA A 218 16.82 -26.97 7.87
C ALA A 218 16.38 -28.09 8.80
N TYR A 219 17.24 -28.51 9.73
CA TYR A 219 16.92 -29.57 10.67
C TYR A 219 16.84 -29.11 12.12
N GLN A 220 17.28 -27.90 12.43
CA GLN A 220 17.14 -27.39 13.79
C GLN A 220 17.01 -25.87 13.73
N PRO A 221 16.23 -25.27 14.64
CA PRO A 221 16.04 -23.82 14.56
C PRO A 221 17.32 -23.09 14.88
N TRP A 222 17.54 -22.00 14.14
CA TRP A 222 18.46 -20.95 14.54
C TRP A 222 17.62 -19.78 15.00
N ILE A 223 18.06 -19.14 16.08
CA ILE A 223 17.34 -18.02 16.66
C ILE A 223 18.09 -16.77 16.19
N TRP A 224 17.43 -15.95 15.37
CA TRP A 224 18.15 -14.90 14.64
C TRP A 224 18.30 -13.61 15.45
N THR A 225 19.53 -13.10 15.50
CA THR A 225 19.81 -11.74 15.95
C THR A 225 20.29 -10.90 14.77
N ALA A 226 19.85 -9.64 14.74
CA ALA A 226 20.25 -8.72 13.68
C ALA A 226 21.57 -8.06 14.02
N GLY A 227 22.58 -8.24 13.16
CA GLY A 227 23.86 -7.57 13.31
C GLY A 227 23.97 -6.36 12.40
N ASN A 228 25.15 -5.73 12.44
CA ASN A 228 25.32 -4.51 11.66
C ASN A 228 25.46 -4.82 10.17
N HIS A 229 25.92 -6.03 9.81
CA HIS A 229 25.98 -6.35 8.39
C HIS A 229 24.62 -6.65 7.79
N GLU A 230 23.58 -6.80 8.62
CA GLU A 230 22.21 -6.85 8.14
C GLU A 230 21.58 -5.48 7.91
N ILE A 231 22.19 -4.40 8.41
CA ILE A 231 21.53 -3.09 8.30
C ILE A 231 21.27 -2.76 6.84
N GLU A 232 22.31 -2.86 6.00
CA GLU A 232 22.23 -2.68 4.55
C GLU A 232 21.60 -1.33 4.18
N PHE A 233 21.93 -0.31 4.96
CA PHE A 233 21.53 1.05 4.66
C PHE A 233 22.49 1.56 3.60
N ALA A 234 22.01 1.68 2.36
CA ALA A 234 22.82 2.08 1.22
C ALA A 234 22.10 3.16 0.44
N PRO A 235 22.02 4.37 1.00
CA PRO A 235 21.31 5.45 0.29
C PRO A 235 21.87 5.73 -1.11
N GLU A 236 23.17 5.50 -1.31
CA GLU A 236 23.76 5.78 -2.61
C GLU A 236 23.09 4.98 -3.73
N ILE A 237 22.60 3.78 -3.46
CA ILE A 237 21.85 3.01 -4.46
C ILE A 237 20.36 3.01 -4.15
N ASN A 238 19.88 4.01 -3.41
CA ASN A 238 18.46 4.20 -3.09
C ASN A 238 17.87 3.03 -2.30
N GLU A 239 18.66 2.45 -1.41
CA GLU A 239 18.20 1.34 -0.54
C GLU A 239 18.31 1.80 0.91
N THR A 240 17.26 2.43 1.42
CA THR A 240 17.32 3.11 2.70
C THR A 240 16.42 2.51 3.77
N GLU A 241 15.83 1.34 3.53
CA GLU A 241 15.06 0.64 4.54
C GLU A 241 16.01 -0.31 5.27
N PRO A 242 16.33 -0.06 6.55
CA PRO A 242 17.27 -0.96 7.23
C PRO A 242 16.74 -2.38 7.32
N PHE A 243 17.66 -3.35 7.23
CA PHE A 243 17.43 -4.77 7.40
C PHE A 243 16.53 -5.38 6.33
N LYS A 244 16.32 -4.69 5.22
CA LYS A 244 15.35 -5.14 4.21
C LYS A 244 15.60 -6.58 3.76
N PRO A 245 16.77 -6.92 3.17
CA PRO A 245 16.98 -8.32 2.74
C PRO A 245 16.84 -9.30 3.89
N PHE A 246 17.52 -9.04 5.00
CA PHE A 246 17.42 -9.92 6.16
C PHE A 246 15.98 -10.12 6.58
N SER A 247 15.18 -9.06 6.61
CA SER A 247 13.83 -9.22 7.14
C SER A 247 12.92 -9.99 6.19
N TYR A 248 13.16 -9.89 4.87
CA TYR A 248 12.37 -10.68 3.94
C TYR A 248 12.71 -12.17 4.04
N ARG A 249 13.99 -12.49 4.27
CA ARG A 249 14.47 -13.87 4.21
C ARG A 249 14.37 -14.60 5.54
N TYR A 250 14.45 -13.91 6.67
CA TYR A 250 14.44 -14.56 7.98
C TYR A 250 13.34 -13.95 8.84
N HIS A 251 12.26 -14.70 9.04
CA HIS A 251 11.18 -14.27 9.94
C HIS A 251 11.43 -14.80 11.35
N VAL A 252 10.98 -14.03 12.33
CA VAL A 252 11.07 -14.41 13.74
C VAL A 252 9.69 -14.34 14.37
N PRO A 253 9.39 -15.16 15.41
CA PRO A 253 8.06 -15.19 16.04
C PRO A 253 7.81 -14.02 16.99
N TYR A 254 8.07 -12.80 16.52
CA TYR A 254 8.19 -11.67 17.44
C TYR A 254 6.86 -11.26 18.04
N GLU A 255 5.74 -11.46 17.32
CA GLU A 255 4.45 -11.15 17.93
C GLU A 255 4.14 -12.07 19.09
N ALA A 256 4.75 -13.26 19.15
CA ALA A 256 4.43 -14.18 20.22
C ALA A 256 4.78 -13.61 21.59
N SER A 257 5.74 -12.69 21.63
CA SER A 257 6.10 -12.03 22.88
C SER A 257 5.65 -10.59 22.92
N GLN A 258 4.63 -10.23 22.13
CA GLN A 258 4.07 -8.89 22.08
C GLN A 258 5.07 -7.86 21.57
N SER A 259 6.09 -8.28 20.84
CA SER A 259 6.95 -7.29 20.20
C SER A 259 6.24 -6.71 18.98
N THR A 260 6.55 -5.46 18.67
CA THR A 260 6.07 -4.83 17.46
C THR A 260 7.10 -4.86 16.34
N SER A 261 8.24 -5.52 16.54
CA SER A 261 9.27 -5.53 15.53
C SER A 261 10.01 -6.85 15.50
N PRO A 262 10.37 -7.36 14.31
CA PRO A 262 11.16 -8.60 14.25
C PRO A 262 12.54 -8.48 14.87
N PHE A 263 13.01 -7.29 15.19
CA PHE A 263 14.41 -7.13 15.58
C PHE A 263 14.64 -7.25 17.09
N TRP A 264 13.58 -7.27 17.89
CA TRP A 264 13.68 -7.63 19.30
C TRP A 264 12.48 -8.49 19.68
N TYR A 265 12.75 -9.57 20.39
CA TYR A 265 11.70 -10.56 20.64
C TYR A 265 12.24 -11.60 21.61
N SER A 266 11.34 -12.44 22.08
CA SER A 266 11.65 -13.43 23.08
C SER A 266 11.08 -14.77 22.64
N ILE A 267 11.73 -15.83 23.09
CA ILE A 267 11.17 -17.17 22.98
C ILE A 267 11.53 -17.90 24.26
N LYS A 268 10.71 -18.89 24.58
CA LYS A 268 11.04 -19.89 25.57
C LYS A 268 11.27 -21.21 24.87
N ARG A 269 12.29 -21.92 25.31
CA ARG A 269 12.58 -23.24 24.78
C ARG A 269 13.22 -24.04 25.89
N ALA A 270 12.61 -25.17 26.26
CA ALA A 270 13.11 -26.06 27.32
C ALA A 270 13.22 -25.21 28.59
N SER A 271 14.36 -25.21 29.27
CA SER A 271 14.46 -24.49 30.53
C SER A 271 14.99 -23.08 30.37
N ALA A 272 14.98 -22.55 29.15
CA ALA A 272 15.61 -21.27 28.88
C ALA A 272 14.58 -20.28 28.40
N HIS A 273 14.76 -19.03 28.82
CA HIS A 273 14.05 -17.86 28.32
C HIS A 273 15.07 -16.99 27.62
N ILE A 274 14.87 -16.75 26.33
CA ILE A 274 15.85 -16.09 25.48
C ILE A 274 15.29 -14.76 25.00
N ILE A 275 16.04 -13.70 25.21
CA ILE A 275 15.65 -12.36 24.83
C ILE A 275 16.60 -11.91 23.74
N VAL A 276 16.05 -11.53 22.60
CA VAL A 276 16.84 -11.06 21.46
C VAL A 276 16.68 -9.55 21.37
N LEU A 277 17.79 -8.83 21.45
CA LEU A 277 17.77 -7.38 21.32
C LEU A 277 18.36 -6.98 19.99
N SER A 278 18.17 -5.71 19.63
CA SER A 278 18.66 -5.14 18.38
C SER A 278 19.60 -3.97 18.69
N SER A 279 20.90 -4.17 18.46
CA SER A 279 21.89 -3.16 18.78
C SER A 279 21.77 -1.91 17.91
N TYR A 280 21.21 -2.03 16.71
CA TYR A 280 21.13 -0.91 15.77
C TYR A 280 19.67 -0.50 15.52
N SER A 281 18.78 -0.82 16.45
CA SER A 281 17.46 -0.19 16.55
C SER A 281 17.49 0.85 17.68
N ALA A 282 16.41 1.61 17.79
CA ALA A 282 16.32 2.59 18.87
C ALA A 282 16.17 1.88 20.20
N TYR A 283 16.80 2.42 21.25
CA TYR A 283 16.57 1.88 22.59
C TYR A 283 16.54 2.98 23.64
N GLY A 284 16.36 4.23 23.22
CA GLY A 284 16.10 5.29 24.18
C GLY A 284 14.85 5.01 24.99
N ARG A 285 14.78 5.67 26.14
CA ARG A 285 13.63 5.49 27.01
C ARG A 285 12.38 5.91 26.26
N GLY A 286 11.32 5.11 26.42
CA GLY A 286 10.08 5.37 25.73
C GLY A 286 9.97 4.79 24.34
N THR A 287 11.08 4.37 23.72
CA THR A 287 11.02 3.77 22.40
C THR A 287 10.43 2.36 22.47
N PRO A 288 9.96 1.82 21.33
CA PRO A 288 9.38 0.46 21.36
C PRO A 288 10.31 -0.61 21.94
N GLN A 289 11.57 -0.70 21.51
CA GLN A 289 12.43 -1.76 22.06
C GLN A 289 12.69 -1.55 23.55
N TYR A 290 12.98 -0.33 23.97
CA TYR A 290 13.14 -0.05 25.38
C TYR A 290 11.90 -0.45 26.17
N THR A 291 10.72 -0.08 25.68
CA THR A 291 9.46 -0.36 26.38
C THR A 291 9.20 -1.86 26.44
N TRP A 292 9.48 -2.57 25.34
CA TRP A 292 9.23 -3.99 25.30
C TRP A 292 10.17 -4.75 26.23
N LEU A 293 11.44 -4.34 26.32
CA LEU A 293 12.39 -5.03 27.18
C LEU A 293 12.03 -4.85 28.65
N LYS A 294 11.71 -3.62 29.02
CA LYS A 294 11.25 -3.27 30.37
C LYS A 294 10.12 -4.19 30.82
N LYS A 295 9.10 -4.37 29.97
CA LYS A 295 8.00 -5.25 30.32
C LYS A 295 8.38 -6.71 30.21
N GLU A 296 9.24 -7.07 29.26
CA GLU A 296 9.58 -8.48 29.07
C GLU A 296 10.39 -9.01 30.25
N LEU A 297 11.34 -8.23 30.75
CA LEU A 297 12.10 -8.69 31.92
C LEU A 297 11.19 -8.92 33.11
N ARG A 298 10.05 -8.25 33.17
CA ARG A 298 9.13 -8.46 34.29
C ARG A 298 8.26 -9.70 34.08
N LYS A 299 8.04 -10.12 32.84
CA LYS A 299 7.25 -11.32 32.59
C LYS A 299 8.05 -12.60 32.76
N VAL A 300 9.37 -12.51 32.88
CA VAL A 300 10.18 -13.71 32.96
C VAL A 300 9.81 -14.46 34.23
N LYS A 301 9.57 -15.76 34.09
CA LYS A 301 9.22 -16.62 35.21
C LYS A 301 10.35 -17.62 35.40
N ARG A 302 11.31 -17.28 36.28
CA ARG A 302 12.42 -18.20 36.53
C ARG A 302 11.97 -19.52 37.14
N SER A 303 10.74 -19.61 37.64
CA SER A 303 10.20 -20.87 38.14
C SER A 303 9.78 -21.82 37.03
N GLU A 304 9.67 -21.34 35.79
CA GLU A 304 9.43 -22.20 34.63
C GLU A 304 10.63 -22.29 33.70
N THR A 305 11.27 -21.16 33.40
CA THR A 305 12.51 -21.12 32.62
C THR A 305 13.59 -20.55 33.53
N PRO A 306 14.38 -21.39 34.19
CA PRO A 306 15.41 -20.86 35.10
C PRO A 306 16.53 -20.10 34.40
N TRP A 307 16.84 -20.43 33.16
CA TRP A 307 18.00 -19.88 32.47
C TRP A 307 17.56 -18.67 31.65
N LEU A 308 18.13 -17.53 31.97
CA LEU A 308 17.75 -16.28 31.31
C LEU A 308 18.93 -15.88 30.43
N ILE A 309 18.70 -15.89 29.12
CA ILE A 309 19.74 -15.69 28.11
C ILE A 309 19.38 -14.47 27.28
N VAL A 310 20.35 -13.55 27.11
CA VAL A 310 20.15 -12.37 26.26
C VAL A 310 21.09 -12.43 25.08
N LEU A 311 20.58 -12.08 23.89
CA LEU A 311 21.37 -11.98 22.67
C LEU A 311 21.32 -10.57 22.10
N MET A 312 22.48 -10.10 21.65
CA MET A 312 22.61 -8.84 20.94
C MET A 312 23.85 -8.98 20.08
N HIS A 313 23.96 -8.13 19.07
CA HIS A 313 25.11 -8.32 18.20
C HIS A 313 26.36 -7.73 18.83
N SER A 314 26.24 -6.52 19.37
CA SER A 314 27.38 -5.74 19.80
C SER A 314 27.64 -5.97 21.29
N PRO A 315 28.81 -6.47 21.67
CA PRO A 315 29.08 -6.78 23.09
C PRO A 315 29.18 -5.56 23.98
N LEU A 316 28.56 -5.66 25.16
CA LEU A 316 28.70 -4.61 26.18
C LEU A 316 30.03 -4.69 26.92
N TYR A 317 30.63 -5.88 27.00
CA TYR A 317 31.96 -6.05 27.54
C TYR A 317 32.85 -6.67 26.47
N ASN A 318 34.01 -6.09 26.26
CA ASN A 318 34.88 -6.35 25.12
C ASN A 318 36.21 -5.66 25.33
N SER A 319 37.28 -6.43 25.46
CA SER A 319 38.61 -5.85 25.61
C SER A 319 39.45 -5.97 24.34
N TYR A 320 38.83 -6.37 23.22
CA TYR A 320 39.51 -6.29 21.92
C TYR A 320 39.48 -4.87 21.37
N ASN A 321 40.55 -4.52 20.64
CA ASN A 321 40.61 -3.22 19.99
C ASN A 321 39.47 -3.03 18.99
N HIS A 322 39.18 -4.07 18.20
CA HIS A 322 38.12 -3.97 17.20
C HIS A 322 36.78 -3.74 17.88
N HIS A 323 36.15 -2.63 17.52
CA HIS A 323 34.87 -2.19 18.08
C HIS A 323 34.97 -1.97 19.59
N PHE A 324 36.14 -1.58 20.08
CA PHE A 324 36.29 -1.23 21.49
C PHE A 324 35.29 -0.14 21.85
N MET A 325 34.47 -0.41 22.87
CA MET A 325 33.52 0.49 23.48
C MET A 325 32.30 0.82 22.61
N GLU A 326 32.05 0.11 21.52
CA GLU A 326 30.83 0.38 20.78
C GLU A 326 29.59 -0.03 21.57
N GLY A 327 29.75 -0.96 22.52
CA GLY A 327 28.63 -1.36 23.35
C GLY A 327 28.27 -0.40 24.45
N GLU A 328 29.04 0.69 24.63
CA GLU A 328 28.81 1.59 25.76
C GLU A 328 27.40 2.12 25.78
N ALA A 329 26.88 2.49 24.60
CA ALA A 329 25.55 3.12 24.55
C ALA A 329 24.49 2.18 25.10
N MET A 330 24.39 0.97 24.55
CA MET A 330 23.37 0.06 25.05
C MET A 330 23.62 -0.32 26.51
N ARG A 331 24.90 -0.47 26.88
CA ARG A 331 25.22 -0.87 28.25
C ARG A 331 24.68 0.14 29.26
N THR A 332 24.89 1.44 29.01
CA THR A 332 24.37 2.43 29.95
C THR A 332 22.86 2.32 30.09
N LYS A 333 22.16 1.93 29.03
CA LYS A 333 20.70 1.86 29.10
C LYS A 333 20.21 0.59 29.78
N PHE A 334 20.86 -0.56 29.51
CA PHE A 334 20.30 -1.84 29.91
C PHE A 334 21.09 -2.63 30.94
N GLU A 335 22.37 -2.30 31.17
CA GLU A 335 23.19 -3.15 32.02
C GLU A 335 22.61 -3.30 33.41
N ALA A 336 22.13 -2.21 34.01
CA ALA A 336 21.51 -2.32 35.34
C ALA A 336 20.32 -3.28 35.31
N TRP A 337 19.55 -3.27 34.21
CA TRP A 337 18.42 -4.18 34.12
C TRP A 337 18.87 -5.63 34.08
N PHE A 338 20.00 -5.91 33.42
CA PHE A 338 20.51 -7.28 33.43
C PHE A 338 20.95 -7.69 34.83
N VAL A 339 21.51 -6.75 35.59
CA VAL A 339 21.85 -7.05 36.98
C VAL A 339 20.57 -7.28 37.78
N LYS A 340 19.63 -6.34 37.70
CA LYS A 340 18.39 -6.44 38.46
C LYS A 340 17.71 -7.79 38.25
N TYR A 341 17.55 -8.21 37.01
CA TYR A 341 16.80 -9.42 36.74
C TYR A 341 17.65 -10.67 36.74
N LYS A 342 18.93 -10.55 37.09
CA LYS A 342 19.81 -11.70 37.29
C LYS A 342 19.88 -12.57 36.03
N VAL A 343 20.05 -11.90 34.88
CA VAL A 343 20.35 -12.59 33.63
C VAL A 343 21.53 -13.52 33.86
N ASP A 344 21.40 -14.75 33.38
CA ASP A 344 22.49 -15.71 33.54
C ASP A 344 23.65 -15.40 32.61
N VAL A 345 23.36 -15.10 31.33
CA VAL A 345 24.43 -14.92 30.35
C VAL A 345 23.92 -14.05 29.21
N VAL A 346 24.82 -13.22 28.69
CA VAL A 346 24.57 -12.38 27.53
C VAL A 346 25.57 -12.81 26.47
N PHE A 347 25.07 -13.20 25.31
CA PHE A 347 25.92 -13.57 24.19
C PHE A 347 25.90 -12.47 23.15
N ALA A 348 27.08 -12.20 22.57
CA ALA A 348 27.23 -11.22 21.51
C ALA A 348 28.26 -11.69 20.50
N GLY A 349 28.23 -11.09 19.32
CA GLY A 349 29.28 -11.34 18.35
C GLY A 349 30.04 -10.07 18.01
N HIS A 350 30.03 -9.70 16.73
CA HIS A 350 30.54 -8.44 16.23
C HIS A 350 32.07 -8.45 16.25
N VAL A 351 32.69 -8.61 17.43
CA VAL A 351 34.12 -8.82 17.46
C VAL A 351 34.42 -10.23 16.96
N HIS A 352 35.37 -10.34 16.01
CA HIS A 352 35.66 -11.61 15.35
C HIS A 352 36.74 -12.34 16.14
N ALA A 353 36.30 -12.93 17.26
CA ALA A 353 37.17 -13.55 18.24
C ALA A 353 36.32 -14.08 19.38
N TYR A 354 36.94 -14.59 20.43
CA TYR A 354 36.23 -15.16 21.56
C TYR A 354 36.64 -14.42 22.84
N GLU A 355 35.67 -14.12 23.70
CA GLU A 355 35.96 -13.52 25.00
C GLU A 355 34.84 -13.84 25.97
N ARG A 356 35.21 -14.19 27.20
CA ARG A 356 34.28 -14.55 28.27
C ARG A 356 34.59 -13.67 29.47
N SER A 357 33.60 -12.92 29.94
CA SER A 357 33.85 -12.01 31.04
C SER A 357 33.77 -12.74 32.38
N GLU A 358 34.27 -12.09 33.42
CA GLU A 358 33.80 -12.37 34.76
C GLU A 358 32.42 -11.75 34.97
N ARG A 359 31.73 -12.19 36.02
CA ARG A 359 30.48 -11.55 36.41
C ARG A 359 30.82 -10.20 37.03
N VAL A 360 30.61 -9.13 36.28
CA VAL A 360 30.96 -7.79 36.72
C VAL A 360 29.83 -6.86 36.32
N SER A 361 29.80 -5.71 36.97
CA SER A 361 28.87 -4.66 36.59
C SER A 361 29.62 -3.34 36.68
N ASN A 362 29.09 -2.35 35.98
CA ASN A 362 29.65 -1.01 35.97
C ASN A 362 28.45 -0.05 35.97
N ILE A 363 27.64 -0.15 37.03
CA ILE A 363 26.36 0.52 37.13
C ILE A 363 26.34 1.56 38.23
N ALA A 364 27.46 1.83 38.90
CA ALA A 364 27.50 2.80 39.99
C ALA A 364 27.80 4.23 39.53
N TYR A 365 27.95 4.47 38.22
CA TYR A 365 28.45 5.75 37.75
C TYR A 365 27.39 6.84 37.86
N LYS A 366 27.78 8.00 38.40
CA LYS A 366 26.88 9.14 38.52
C LYS A 366 27.55 10.43 38.04
N ILE A 367 28.33 10.33 36.97
CA ILE A 367 28.99 11.44 36.29
C ILE A 367 30.17 11.99 37.09
N THR A 368 29.92 12.46 38.31
CA THR A 368 30.93 13.15 39.09
C THR A 368 31.48 12.33 40.24
N ASN A 369 31.02 11.09 40.42
CA ASN A 369 31.46 10.32 41.58
C ASN A 369 32.64 9.42 41.28
N GLY A 370 33.14 9.42 40.03
CA GLY A 370 34.35 8.71 39.70
C GLY A 370 34.26 7.19 39.63
N LEU A 371 33.05 6.61 39.73
CA LEU A 371 32.90 5.15 39.82
C LEU A 371 32.60 4.57 38.43
N CYS A 372 33.66 4.54 37.62
CA CYS A 372 33.59 4.08 36.25
C CYS A 372 34.38 2.80 36.02
N THR A 373 34.80 2.12 37.06
CA THR A 373 35.55 0.89 36.85
C THR A 373 34.64 -0.29 37.11
N PRO A 374 34.62 -1.30 36.24
CA PRO A 374 33.77 -2.47 36.51
C PRO A 374 34.24 -3.17 37.78
N VAL A 375 33.28 -3.59 38.59
CA VAL A 375 33.56 -4.35 39.81
C VAL A 375 32.91 -5.73 39.70
N LYS A 376 33.44 -6.67 40.48
CA LYS A 376 32.84 -7.98 40.55
C LYS A 376 31.44 -7.88 41.13
N ASP A 377 30.47 -8.52 40.47
CA ASP A 377 29.07 -8.42 40.86
C ASP A 377 28.46 -9.79 40.59
N GLN A 378 28.15 -10.53 41.65
CA GLN A 378 27.71 -11.90 41.48
C GLN A 378 26.27 -11.99 41.01
N SER A 379 25.52 -10.88 41.00
CA SER A 379 24.22 -10.85 40.36
C SER A 379 24.29 -10.56 38.86
N ALA A 380 25.48 -10.29 38.34
CA ALA A 380 25.58 -9.94 36.93
C ALA A 380 25.61 -11.18 36.07
N PRO A 381 25.24 -11.05 34.79
CA PRO A 381 25.50 -12.12 33.84
C PRO A 381 26.99 -12.17 33.49
N VAL A 382 27.37 -13.32 32.95
CA VAL A 382 28.62 -13.44 32.21
C VAL A 382 28.39 -12.91 30.80
N TYR A 383 29.31 -12.08 30.33
CA TYR A 383 29.26 -11.56 28.97
C TYR A 383 30.22 -12.38 28.11
N ILE A 384 29.70 -12.98 27.05
CA ILE A 384 30.50 -13.80 26.14
C ILE A 384 30.41 -13.22 24.72
N THR A 385 31.57 -12.89 24.16
CA THR A 385 31.72 -12.55 22.76
C THR A 385 32.05 -13.83 21.98
N ILE A 386 31.19 -14.22 21.06
CA ILE A 386 31.44 -15.45 20.31
C ILE A 386 31.29 -15.19 18.80
N GLY A 387 31.74 -14.01 18.35
CA GLY A 387 31.58 -13.64 16.96
C GLY A 387 32.68 -14.16 16.07
N ASP A 388 33.13 -15.40 16.32
CA ASP A 388 34.37 -15.92 15.76
C ASP A 388 34.13 -17.10 14.83
N ALA A 389 32.94 -17.20 14.23
CA ALA A 389 32.64 -18.38 13.42
C ALA A 389 33.23 -18.34 12.01
N GLY A 390 33.86 -17.23 11.62
CA GLY A 390 34.59 -17.23 10.37
C GLY A 390 34.46 -15.98 9.52
N ASN A 391 33.30 -15.32 9.61
CA ASN A 391 32.97 -14.17 8.78
C ASN A 391 33.51 -14.38 7.36
N TYR A 392 34.29 -13.45 6.84
CA TYR A 392 34.95 -13.62 5.56
C TYR A 392 36.44 -13.97 5.73
N GLY A 393 36.81 -14.54 6.88
CA GLY A 393 38.12 -15.13 7.05
C GLY A 393 39.11 -14.31 7.84
N VAL A 394 38.69 -13.25 8.52
CA VAL A 394 39.59 -12.38 9.25
C VAL A 394 39.31 -12.53 10.74
N ILE A 395 40.36 -12.71 11.50
CA ILE A 395 40.25 -12.81 12.94
C ILE A 395 40.67 -11.49 13.55
N ASP A 396 40.06 -11.13 14.66
CA ASP A 396 40.46 -9.94 15.40
C ASP A 396 41.46 -10.35 16.48
N SER A 397 42.72 -9.95 16.30
CA SER A 397 43.83 -10.35 17.15
C SER A 397 44.22 -9.30 18.19
N ASN A 398 44.06 -8.01 17.91
CA ASN A 398 44.59 -6.99 18.80
C ASN A 398 43.73 -6.87 20.05
N MET A 399 44.36 -7.11 21.20
CA MET A 399 43.72 -7.01 22.49
C MET A 399 44.33 -5.86 23.28
N ILE A 400 43.51 -5.22 24.11
CA ILE A 400 44.05 -4.30 25.09
C ILE A 400 44.89 -5.08 26.11
N GLN A 401 46.10 -4.60 26.38
CA GLN A 401 47.03 -5.29 27.26
C GLN A 401 47.42 -4.40 28.43
N PRO A 402 47.45 -4.93 29.66
CA PRO A 402 47.16 -6.32 30.02
C PRO A 402 45.67 -6.64 29.98
N GLN A 403 45.35 -7.94 29.98
CA GLN A 403 43.97 -8.37 30.06
C GLN A 403 43.29 -7.71 31.26
N PRO A 404 42.21 -6.95 31.05
CA PRO A 404 41.57 -6.23 32.17
C PRO A 404 40.98 -7.21 33.17
N GLU A 405 40.86 -6.73 34.40
CA GLU A 405 40.26 -7.53 35.47
C GLU A 405 38.92 -8.10 35.04
N TYR A 406 38.13 -7.35 34.28
CA TYR A 406 36.79 -7.81 33.98
C TYR A 406 36.79 -8.94 32.95
N SER A 407 37.89 -9.16 32.24
CA SER A 407 37.95 -10.22 31.25
C SER A 407 38.49 -11.48 31.90
N ALA A 408 37.79 -12.58 31.73
CA ALA A 408 38.24 -13.84 32.31
C ALA A 408 39.05 -14.67 31.32
N PHE A 409 38.56 -14.82 30.09
CA PHE A 409 39.26 -15.59 29.07
C PHE A 409 39.00 -14.95 27.71
N ARG A 410 40.02 -15.00 26.85
CA ARG A 410 39.87 -14.42 25.53
C ARG A 410 40.93 -15.01 24.62
N GLU A 411 40.60 -15.14 23.33
CA GLU A 411 41.51 -15.73 22.38
C GLU A 411 41.00 -15.47 20.97
N ALA A 412 41.92 -15.10 20.08
CA ALA A 412 41.61 -14.79 18.70
C ALA A 412 41.80 -16.06 17.86
N SER A 413 40.81 -16.95 17.97
CA SER A 413 40.70 -18.14 17.13
C SER A 413 39.28 -18.26 16.59
N PHE A 414 39.15 -18.88 15.41
CA PHE A 414 37.84 -19.25 14.90
C PHE A 414 37.27 -20.42 15.73
N GLY A 415 35.95 -20.46 15.83
CA GLY A 415 35.30 -21.47 16.62
C GLY A 415 33.86 -21.11 16.89
N HIS A 416 33.21 -21.98 17.68
CA HIS A 416 31.81 -21.81 18.09
C HIS A 416 31.66 -22.28 19.53
N GLY A 417 30.48 -22.00 20.12
CA GLY A 417 30.22 -22.30 21.50
C GLY A 417 29.06 -23.26 21.71
N MET A 418 29.01 -23.82 22.93
CA MET A 418 27.89 -24.66 23.33
C MET A 418 27.48 -24.27 24.74
N PHE A 419 26.18 -24.06 24.95
CA PHE A 419 25.64 -23.74 26.27
C PHE A 419 24.74 -24.90 26.64
N ASP A 420 25.31 -25.86 27.39
CA ASP A 420 24.66 -27.14 27.66
C ASP A 420 24.01 -27.08 29.04
N ILE A 421 22.69 -26.94 29.05
CA ILE A 421 21.93 -26.83 30.29
C ILE A 421 21.65 -28.21 30.85
N LYS A 422 22.01 -28.43 32.11
CA LYS A 422 21.81 -29.71 32.78
C LYS A 422 20.53 -29.75 33.60
N ASN A 423 20.22 -28.69 34.31
CA ASN A 423 19.07 -28.63 35.20
C ASN A 423 18.94 -27.18 35.64
N ARG A 424 18.11 -26.93 36.64
CA ARG A 424 17.83 -25.55 37.04
C ARG A 424 19.04 -24.83 37.60
N THR A 425 20.06 -25.54 38.12
CA THR A 425 21.20 -24.88 38.72
C THR A 425 22.44 -24.88 37.87
N HIS A 426 22.60 -25.84 36.97
CA HIS A 426 23.88 -26.04 36.30
C HIS A 426 23.75 -26.02 34.78
N ALA A 427 24.62 -25.24 34.14
CA ALA A 427 24.79 -25.26 32.69
C ALA A 427 26.27 -25.21 32.40
N HIS A 428 26.69 -25.96 31.40
CA HIS A 428 28.10 -26.06 31.08
C HIS A 428 28.33 -25.37 29.75
N PHE A 429 29.15 -24.32 29.78
CA PHE A 429 29.51 -23.61 28.56
C PHE A 429 30.90 -24.05 28.12
N SER A 430 31.04 -24.33 26.83
CA SER A 430 32.32 -24.69 26.26
C SER A 430 32.51 -23.95 24.95
N TRP A 431 33.77 -23.82 24.57
CA TRP A 431 34.16 -23.19 23.32
C TRP A 431 35.06 -24.13 22.54
N ASN A 432 34.76 -24.36 21.27
CA ASN A 432 35.52 -25.26 20.42
C ASN A 432 36.23 -24.46 19.33
N ARG A 433 37.54 -24.66 19.20
CA ARG A 433 38.34 -23.99 18.17
C ARG A 433 38.37 -24.83 16.90
N ASN A 434 38.44 -24.13 15.75
CA ASN A 434 38.52 -24.81 14.46
C ASN A 434 39.81 -25.59 14.29
N GLN A 435 40.90 -25.19 14.98
CA GLN A 435 42.17 -25.90 14.87
C GLN A 435 42.26 -27.13 15.76
N ASP A 436 41.29 -27.35 16.63
CA ASP A 436 41.26 -28.53 17.48
C ASP A 436 40.34 -29.60 16.89
N GLY A 437 40.43 -30.80 17.46
CA GLY A 437 39.44 -31.81 17.16
C GLY A 437 38.06 -31.35 17.56
N VAL A 438 37.03 -31.96 16.95
CA VAL A 438 35.68 -31.46 17.18
C VAL A 438 35.19 -31.74 18.60
N ALA A 439 35.80 -32.66 19.33
CA ALA A 439 35.42 -32.94 20.70
C ALA A 439 36.29 -32.23 21.72
N VAL A 440 37.25 -31.44 21.28
CA VAL A 440 38.14 -30.73 22.17
C VAL A 440 37.49 -29.42 22.62
N GLU A 441 37.57 -29.14 23.91
CA GLU A 441 37.08 -27.89 24.50
C GLU A 441 38.29 -27.06 24.90
N ALA A 442 38.52 -25.95 24.19
CA ALA A 442 39.63 -25.06 24.52
C ALA A 442 39.31 -24.15 25.69
N ASP A 443 38.04 -23.84 25.90
CA ASP A 443 37.59 -23.13 27.08
C ASP A 443 36.29 -23.77 27.51
N SER A 444 36.05 -23.75 28.82
CA SER A 444 35.05 -24.60 29.44
C SER A 444 34.77 -24.06 30.83
N VAL A 445 33.51 -23.84 31.18
CA VAL A 445 33.19 -23.36 32.52
C VAL A 445 31.76 -23.79 32.85
N TRP A 446 31.55 -24.12 34.11
CA TRP A 446 30.20 -24.35 34.63
C TRP A 446 29.56 -23.02 34.99
N PHE A 447 28.31 -22.86 34.59
CA PHE A 447 27.48 -21.74 35.03
C PHE A 447 26.61 -22.19 36.19
N PHE A 448 26.63 -21.45 37.28
CA PHE A 448 25.66 -21.65 38.35
C PHE A 448 24.56 -20.62 38.16
N ASN A 449 23.32 -21.11 38.01
CA ASN A 449 22.17 -20.26 37.74
C ASN A 449 22.07 -19.14 38.77
N ARG A 450 21.82 -17.92 38.27
CA ARG A 450 21.73 -16.77 39.17
C ARG A 450 20.49 -16.84 40.07
N HIS A 451 19.41 -17.46 39.60
CA HIS A 451 18.17 -17.51 40.37
C HIS A 451 18.15 -18.68 41.33
N TRP A 452 18.53 -19.88 40.87
CA TRP A 452 18.37 -21.09 41.67
C TRP A 452 19.62 -21.54 42.40
N TYR A 453 20.78 -20.96 42.12
CA TYR A 453 21.98 -21.35 42.87
C TYR A 453 23.06 -20.28 42.72
N PRO A 454 22.89 -19.13 43.40
CA PRO A 454 23.82 -18.02 43.20
C PRO A 454 25.08 -18.14 44.03
N VAL A 455 26.18 -18.57 43.41
CA VAL A 455 27.45 -18.76 44.08
C VAL A 455 28.55 -18.43 43.08
N ASP A 456 29.68 -17.92 43.60
CA ASP A 456 30.83 -17.58 42.76
C ASP A 456 31.23 -18.74 41.85
N ASP A 457 30.69 -18.77 40.63
CA ASP A 457 31.13 -19.78 39.66
C ASP A 457 32.41 -19.37 38.93
N SER A 458 33.35 -18.77 39.65
CA SER A 458 34.64 -18.34 39.10
C SER A 458 35.81 -19.01 39.82
N ASN B 35 -39.65 13.13 -1.17
CA ASN B 35 -38.70 12.36 -0.39
C ASN B 35 -39.38 11.62 0.76
N ARG B 36 -39.74 10.36 0.52
CA ARG B 36 -40.37 9.52 1.53
C ARG B 36 -39.37 8.73 2.38
N ASP B 37 -38.10 9.14 2.40
CA ASP B 37 -37.13 8.48 3.27
C ASP B 37 -37.51 8.67 4.73
N MET B 38 -37.38 7.62 5.52
CA MET B 38 -37.70 7.73 6.94
C MET B 38 -36.73 8.68 7.61
N PRO B 39 -37.22 9.57 8.49
CA PRO B 39 -36.34 10.56 9.12
C PRO B 39 -35.31 9.89 10.04
N LEU B 40 -34.24 10.65 10.31
CA LEU B 40 -33.10 10.09 11.03
C LEU B 40 -33.48 9.57 12.41
N ASP B 41 -34.49 10.15 13.05
CA ASP B 41 -34.86 9.70 14.39
C ASP B 41 -35.98 8.66 14.37
N SER B 42 -36.20 7.98 13.25
CA SER B 42 -37.14 6.88 13.21
C SER B 42 -36.68 5.74 14.11
N ASP B 43 -37.65 4.98 14.63
CA ASP B 43 -37.33 3.86 15.51
C ASP B 43 -36.44 2.83 14.83
N VAL B 44 -36.52 2.72 13.50
CA VAL B 44 -35.72 1.71 12.81
C VAL B 44 -34.24 2.09 12.73
N PHE B 45 -33.90 3.36 12.93
CA PHE B 45 -32.51 3.81 12.91
C PHE B 45 -31.90 3.93 14.30
N ARG B 46 -32.56 3.40 15.32
CA ARG B 46 -32.10 3.62 16.69
C ARG B 46 -30.79 2.88 16.95
N VAL B 47 -29.88 3.56 17.62
CA VAL B 47 -28.58 2.97 17.96
C VAL B 47 -28.79 1.96 19.08
N PRO B 48 -28.30 0.72 18.95
CA PRO B 48 -28.33 -0.22 20.08
C PRO B 48 -27.58 0.35 21.28
N PRO B 49 -28.16 0.25 22.47
CA PRO B 49 -27.59 0.93 23.65
C PRO B 49 -26.39 0.20 24.23
N GLY B 50 -25.58 0.97 24.96
CA GLY B 50 -24.40 0.48 25.64
C GLY B 50 -23.12 0.83 24.92
N TYR B 51 -22.04 1.01 25.70
CA TYR B 51 -20.80 1.56 25.14
C TYR B 51 -20.27 0.70 24.01
N ASN B 52 -20.04 1.34 22.85
CA ASN B 52 -19.51 0.67 21.67
C ASN B 52 -20.33 -0.56 21.30
N ALA B 53 -21.64 -0.46 21.46
CA ALA B 53 -22.50 -1.58 21.11
C ALA B 53 -22.41 -1.87 19.61
N PRO B 54 -22.33 -3.14 19.20
CA PRO B 54 -22.29 -3.45 17.77
C PRO B 54 -23.62 -3.15 17.12
N GLN B 55 -23.56 -2.54 15.93
CA GLN B 55 -24.75 -2.16 15.19
C GLN B 55 -24.57 -2.54 13.73
N GLN B 56 -25.65 -2.42 12.96
CA GLN B 56 -25.66 -2.83 11.55
C GLN B 56 -25.18 -4.27 11.43
N VAL B 57 -25.63 -5.13 12.34
CA VAL B 57 -25.24 -6.53 12.28
C VAL B 57 -25.90 -7.17 11.07
N HIS B 58 -25.10 -7.88 10.27
CA HIS B 58 -25.64 -8.55 9.10
C HIS B 58 -24.79 -9.77 8.78
N ILE B 59 -25.42 -10.77 8.19
CA ILE B 59 -24.76 -12.03 7.87
C ILE B 59 -25.03 -12.39 6.42
N THR B 60 -24.16 -13.23 5.87
CA THR B 60 -24.43 -13.83 4.57
C THR B 60 -23.63 -15.12 4.49
N GLN B 61 -23.99 -15.95 3.52
CA GLN B 61 -23.27 -17.20 3.31
C GLN B 61 -21.78 -16.91 3.13
N GLY B 62 -20.95 -17.73 3.74
CA GLY B 62 -19.53 -17.49 3.73
C GLY B 62 -18.74 -18.57 3.03
N ASP B 63 -19.41 -19.41 2.24
CA ASP B 63 -18.72 -20.50 1.54
C ASP B 63 -19.57 -20.90 0.34
N LEU B 64 -19.14 -21.94 -0.37
CA LEU B 64 -19.87 -22.37 -1.55
C LEU B 64 -21.12 -23.17 -1.20
N VAL B 65 -21.10 -23.96 -0.13
CA VAL B 65 -22.13 -24.97 0.09
C VAL B 65 -23.03 -24.70 1.30
N GLY B 66 -22.69 -23.76 2.18
CA GLY B 66 -23.56 -23.41 3.30
C GLY B 66 -22.98 -23.72 4.67
N ARG B 67 -21.83 -24.33 4.76
CA ARG B 67 -21.22 -24.59 6.06
C ARG B 67 -20.59 -23.36 6.70
N ALA B 68 -20.65 -22.19 6.07
CA ALA B 68 -19.98 -21.03 6.63
C ALA B 68 -20.91 -19.84 6.57
N MET B 69 -20.66 -18.88 7.46
CA MET B 69 -21.40 -17.64 7.51
C MET B 69 -20.39 -16.53 7.69
N ILE B 70 -20.57 -15.45 6.96
CA ILE B 70 -19.84 -14.22 7.21
C ILE B 70 -20.68 -13.41 8.19
N ILE B 71 -20.10 -13.07 9.33
CA ILE B 71 -20.74 -12.22 10.32
C ILE B 71 -20.15 -10.83 10.16
N SER B 72 -21.02 -9.83 10.09
CA SER B 72 -20.56 -8.49 9.83
C SER B 72 -21.29 -7.49 10.72
N TRP B 73 -20.56 -6.50 11.22
CA TRP B 73 -21.13 -5.48 12.08
C TRP B 73 -20.16 -4.30 12.20
N VAL B 74 -20.67 -3.21 12.77
CA VAL B 74 -19.96 -1.95 12.89
C VAL B 74 -20.00 -1.51 14.34
N THR B 75 -18.87 -1.02 14.84
CA THR B 75 -18.80 -0.38 16.14
C THR B 75 -18.44 1.09 15.93
N MET B 76 -19.05 1.99 16.69
CA MET B 76 -18.89 3.42 16.44
C MET B 76 -17.96 4.12 17.42
N ASP B 77 -17.76 3.56 18.61
CA ASP B 77 -17.04 4.26 19.66
C ASP B 77 -15.54 3.95 19.67
N GLU B 78 -15.17 2.70 19.39
CA GLU B 78 -13.77 2.34 19.29
C GLU B 78 -13.67 1.08 18.46
N PRO B 79 -12.47 0.73 17.96
CA PRO B 79 -12.33 -0.47 17.13
C PRO B 79 -13.03 -1.69 17.69
N GLY B 80 -12.73 -2.07 18.93
CA GLY B 80 -13.35 -3.23 19.52
C GLY B 80 -12.83 -4.51 18.90
N SER B 81 -13.44 -5.60 19.30
CA SER B 81 -12.98 -6.93 18.92
C SER B 81 -13.72 -7.43 17.69
N SER B 82 -12.98 -8.08 16.79
CA SER B 82 -13.58 -8.76 15.65
C SER B 82 -13.85 -10.23 15.94
N ALA B 83 -13.92 -10.62 17.20
CA ALA B 83 -14.20 -11.99 17.60
C ALA B 83 -15.70 -12.24 17.62
N VAL B 84 -16.09 -13.44 17.20
CA VAL B 84 -17.48 -13.87 17.25
C VAL B 84 -17.53 -15.13 18.10
N ARG B 85 -18.29 -15.07 19.21
CA ARG B 85 -18.60 -16.25 19.99
C ARG B 85 -19.85 -16.89 19.40
N TYR B 86 -19.82 -18.20 19.22
CA TYR B 86 -20.98 -18.87 18.65
C TYR B 86 -21.08 -20.30 19.14
N TRP B 87 -22.30 -20.81 19.16
CA TRP B 87 -22.52 -22.19 19.59
C TRP B 87 -23.82 -22.71 19.00
N SER B 88 -23.88 -24.02 18.84
CA SER B 88 -25.08 -24.69 18.36
C SER B 88 -26.09 -24.82 19.48
N GLU B 89 -27.35 -24.49 19.20
CA GLU B 89 -28.41 -24.68 20.20
C GLU B 89 -28.43 -26.12 20.69
N LYS B 90 -28.16 -27.07 19.80
CA LYS B 90 -28.11 -28.48 20.15
C LYS B 90 -27.02 -28.72 21.18
N ASN B 91 -25.79 -28.98 20.72
CA ASN B 91 -24.62 -29.18 21.57
C ASN B 91 -24.49 -28.12 22.65
N GLY B 92 -23.85 -27.01 22.31
CA GLY B 92 -23.67 -25.91 23.25
C GLY B 92 -22.24 -25.50 23.47
N ARG B 93 -21.27 -26.10 22.78
CA ARG B 93 -19.88 -25.69 22.91
C ARG B 93 -19.69 -24.31 22.30
N LYS B 94 -19.18 -23.37 23.09
CA LYS B 94 -19.09 -21.96 22.70
C LYS B 94 -17.70 -21.69 22.11
N ARG B 95 -17.62 -21.59 20.79
CA ARG B 95 -16.37 -21.36 20.08
C ARG B 95 -16.22 -19.88 19.73
N ILE B 96 -14.99 -19.51 19.37
CA ILE B 96 -14.65 -18.16 18.93
C ILE B 96 -14.14 -18.24 17.50
N ALA B 97 -14.58 -17.30 16.67
CA ALA B 97 -13.98 -17.03 15.36
C ALA B 97 -13.47 -15.61 15.35
N LYS B 98 -12.27 -15.40 14.83
CA LYS B 98 -11.69 -14.08 14.76
C LYS B 98 -11.68 -13.59 13.32
N GLY B 99 -12.09 -12.34 13.11
CA GLY B 99 -12.15 -11.78 11.77
C GLY B 99 -11.32 -10.53 11.69
N LYS B 100 -11.73 -9.54 10.91
CA LYS B 100 -10.91 -8.37 10.70
C LYS B 100 -11.75 -7.11 10.73
N MET B 101 -11.11 -6.02 11.16
CA MET B 101 -11.71 -4.70 11.18
C MET B 101 -11.11 -3.86 10.06
N SER B 102 -11.94 -3.11 9.38
CA SER B 102 -11.46 -2.19 8.37
C SER B 102 -12.22 -0.88 8.53
N THR B 103 -11.66 0.20 7.98
CA THR B 103 -12.36 1.47 7.96
C THR B 103 -12.22 2.10 6.59
N TYR B 104 -13.04 3.11 6.33
CA TYR B 104 -12.84 3.88 5.11
C TYR B 104 -13.26 5.32 5.37
N ARG B 105 -12.75 6.20 4.51
CA ARG B 105 -13.26 7.55 4.37
C ARG B 105 -13.96 7.67 3.02
N PHE B 106 -14.98 8.53 2.96
CA PHE B 106 -15.61 8.87 1.69
C PHE B 106 -15.86 10.37 1.75
N PHE B 107 -15.14 11.13 0.90
CA PHE B 107 -15.12 12.58 0.98
C PHE B 107 -14.83 13.04 2.41
N ASN B 108 -15.76 13.76 3.03
CA ASN B 108 -15.53 14.27 4.38
C ASN B 108 -16.21 13.41 5.45
N TYR B 109 -16.61 12.20 5.09
CA TYR B 109 -17.17 11.24 6.03
C TYR B 109 -16.08 10.24 6.43
N SER B 110 -16.10 9.81 7.68
CA SER B 110 -15.24 8.76 8.19
C SER B 110 -16.09 7.68 8.81
N SER B 111 -15.88 6.45 8.40
CA SER B 111 -16.67 5.33 8.90
C SER B 111 -16.31 5.05 10.36
N GLY B 112 -17.16 4.26 10.98
CA GLY B 112 -16.81 3.56 12.20
C GLY B 112 -15.97 2.35 11.83
N PHE B 113 -15.94 1.39 12.74
CA PHE B 113 -15.03 0.26 12.65
C PHE B 113 -15.83 -0.94 12.17
N ILE B 114 -15.56 -1.35 10.95
CA ILE B 114 -16.34 -2.34 10.22
C ILE B 114 -15.70 -3.70 10.46
N HIS B 115 -16.48 -4.65 10.96
CA HIS B 115 -15.96 -5.98 11.26
C HIS B 115 -16.57 -6.99 10.30
N HIS B 116 -15.72 -7.85 9.75
CA HIS B 116 -16.15 -9.00 8.95
C HIS B 116 -15.42 -10.22 9.48
N THR B 117 -16.18 -11.21 9.94
CA THR B 117 -15.62 -12.43 10.51
C THR B 117 -16.38 -13.62 9.94
N THR B 118 -15.66 -14.65 9.52
CA THR B 118 -16.26 -15.80 8.87
C THR B 118 -16.27 -16.98 9.85
N ILE B 119 -17.46 -17.47 10.16
CA ILE B 119 -17.62 -18.69 10.93
C ILE B 119 -17.64 -19.85 9.95
N ARG B 120 -16.71 -20.80 10.10
CA ARG B 120 -16.55 -21.90 9.17
C ARG B 120 -16.83 -23.25 9.82
N LYS B 121 -16.83 -24.27 8.98
CA LYS B 121 -16.96 -25.68 9.37
C LYS B 121 -18.24 -25.95 10.16
N LEU B 122 -19.29 -25.18 9.93
CA LEU B 122 -20.53 -25.33 10.66
C LEU B 122 -21.28 -26.59 10.23
N LYS B 123 -22.25 -26.98 11.07
CA LYS B 123 -23.13 -28.11 10.79
C LYS B 123 -24.38 -27.65 10.05
N TYR B 124 -24.81 -28.47 9.08
CA TYR B 124 -26.00 -28.19 8.29
C TYR B 124 -27.25 -28.27 9.15
N ASN B 125 -28.29 -27.58 8.69
CA ASN B 125 -29.64 -27.72 9.24
C ASN B 125 -29.64 -27.55 10.77
N THR B 126 -28.96 -26.50 11.24
CA THR B 126 -28.72 -26.39 12.67
C THR B 126 -28.78 -24.94 13.13
N LYS B 127 -29.57 -24.69 14.17
CA LYS B 127 -29.62 -23.36 14.75
C LYS B 127 -28.33 -23.09 15.51
N TYR B 128 -27.73 -21.93 15.23
CA TYR B 128 -26.57 -21.45 15.96
C TYR B 128 -26.92 -20.11 16.59
N TYR B 129 -26.33 -19.85 17.75
CA TYR B 129 -26.34 -18.52 18.34
C TYR B 129 -24.95 -17.93 18.19
N TYR B 130 -24.90 -16.61 18.01
CA TYR B 130 -23.62 -15.93 17.94
C TYR B 130 -23.72 -14.60 18.64
N GLU B 131 -22.55 -14.11 19.06
CA GLU B 131 -22.40 -12.90 19.84
C GLU B 131 -21.28 -12.06 19.25
N VAL B 132 -21.45 -10.75 19.26
CA VAL B 132 -20.43 -9.82 18.78
C VAL B 132 -20.28 -8.69 19.79
N GLY B 133 -19.13 -8.01 19.72
CA GLY B 133 -18.81 -7.00 20.70
C GLY B 133 -18.38 -7.63 22.01
N LEU B 134 -17.52 -8.64 21.92
CA LEU B 134 -17.15 -9.41 23.10
C LEU B 134 -16.36 -8.59 24.12
N ARG B 135 -15.71 -7.51 23.69
CA ARG B 135 -14.91 -6.71 24.61
C ARG B 135 -15.78 -5.86 25.53
N ASN B 136 -16.77 -5.15 24.97
CA ASN B 136 -17.55 -4.23 25.79
C ASN B 136 -19.03 -4.63 25.83
N THR B 137 -19.87 -4.13 24.92
CA THR B 137 -21.30 -4.45 24.94
C THR B 137 -21.60 -5.58 23.96
N THR B 138 -22.06 -6.72 24.49
CA THR B 138 -22.31 -7.91 23.68
C THR B 138 -23.76 -7.92 23.17
N ARG B 139 -23.93 -8.23 21.90
CA ARG B 139 -25.25 -8.46 21.36
C ARG B 139 -25.28 -9.86 20.77
N ARG B 140 -26.41 -10.55 20.98
CA ARG B 140 -26.57 -11.95 20.62
C ARG B 140 -27.64 -12.09 19.55
N PHE B 141 -27.39 -12.97 18.60
CA PHE B 141 -28.32 -13.21 17.50
C PHE B 141 -28.32 -14.70 17.23
N SER B 142 -28.97 -15.10 16.14
CA SER B 142 -28.93 -16.50 15.75
C SER B 142 -29.19 -16.62 14.26
N PHE B 143 -28.87 -17.81 13.73
CA PHE B 143 -29.20 -18.16 12.35
C PHE B 143 -29.37 -19.67 12.30
N ILE B 144 -29.94 -20.15 11.20
CA ILE B 144 -30.06 -21.58 10.93
C ILE B 144 -29.29 -21.89 9.65
N THR B 145 -28.29 -22.75 9.76
CA THR B 145 -27.56 -23.18 8.58
C THR B 145 -28.50 -23.93 7.65
N PRO B 146 -28.31 -23.81 6.33
CA PRO B 146 -29.21 -24.48 5.39
C PRO B 146 -28.99 -25.98 5.46
N PRO B 147 -29.96 -26.77 5.00
CA PRO B 147 -29.73 -28.20 4.85
C PRO B 147 -28.68 -28.48 3.79
N GLN B 148 -28.17 -29.70 3.79
CA GLN B 148 -27.15 -30.09 2.82
C GLN B 148 -27.71 -30.04 1.40
N THR B 149 -26.88 -29.59 0.45
CA THR B 149 -27.37 -29.50 -0.94
C THR B 149 -27.84 -30.86 -1.43
N GLY B 150 -28.93 -30.84 -2.20
CA GLY B 150 -29.46 -32.07 -2.75
C GLY B 150 -30.60 -31.81 -3.70
N LEU B 151 -31.02 -32.88 -4.37
CA LEU B 151 -32.02 -32.77 -5.43
C LEU B 151 -33.34 -32.22 -4.92
N ASP B 152 -33.86 -32.76 -3.82
CA ASP B 152 -35.24 -32.47 -3.43
C ASP B 152 -35.34 -31.59 -2.19
N VAL B 153 -34.22 -31.07 -1.71
CA VAL B 153 -34.15 -30.19 -0.55
C VAL B 153 -35.01 -28.94 -0.74
N PRO B 154 -36.08 -28.75 0.01
CA PRO B 154 -36.89 -27.53 -0.11
C PRO B 154 -36.22 -26.34 0.57
N TYR B 155 -36.59 -25.16 0.10
CA TYR B 155 -36.07 -23.91 0.65
C TYR B 155 -36.89 -22.77 0.08
N THR B 156 -37.11 -21.76 0.90
CA THR B 156 -37.87 -20.59 0.52
C THR B 156 -36.92 -19.40 0.44
N PHE B 157 -36.86 -18.77 -0.73
CA PHE B 157 -36.05 -17.58 -0.95
C PHE B 157 -36.95 -16.37 -1.03
N GLY B 158 -36.61 -15.33 -0.28
CA GLY B 158 -37.23 -14.04 -0.49
C GLY B 158 -36.54 -13.28 -1.61
N LEU B 159 -37.31 -12.40 -2.26
CA LEU B 159 -36.80 -11.59 -3.35
C LEU B 159 -37.09 -10.13 -3.07
N ILE B 160 -36.03 -9.34 -2.88
CA ILE B 160 -36.12 -7.94 -2.54
C ILE B 160 -35.12 -7.18 -3.40
N GLY B 161 -35.55 -6.07 -3.95
CA GLY B 161 -34.67 -5.25 -4.74
C GLY B 161 -34.99 -3.80 -4.54
N ASP B 162 -33.93 -2.98 -4.58
CA ASP B 162 -34.06 -1.53 -4.49
C ASP B 162 -34.81 -1.16 -3.21
N LEU B 163 -34.32 -1.71 -2.09
CA LEU B 163 -35.00 -1.55 -0.82
C LEU B 163 -35.02 -0.08 -0.39
N GLY B 164 -33.86 0.53 -0.23
CA GLY B 164 -33.85 1.90 0.25
C GLY B 164 -34.23 1.95 1.72
N GLN B 165 -34.56 3.16 2.17
CA GLN B 165 -34.93 3.41 3.57
C GLN B 165 -36.12 4.35 3.65
N SER B 166 -37.14 4.10 2.83
CA SER B 166 -38.36 4.89 2.88
C SER B 166 -39.39 4.18 3.76
N PHE B 167 -40.54 4.83 3.97
CA PHE B 167 -41.61 4.18 4.71
C PHE B 167 -42.13 2.96 3.97
N ASP B 168 -42.16 3.04 2.63
CA ASP B 168 -42.47 1.87 1.80
C ASP B 168 -41.47 0.75 2.02
N SER B 169 -40.18 1.11 2.11
CA SER B 169 -39.16 0.10 2.38
C SER B 169 -39.46 -0.63 3.68
N ASN B 170 -39.87 0.11 4.71
CA ASN B 170 -40.20 -0.52 5.98
C ASN B 170 -41.37 -1.48 5.83
N THR B 171 -42.35 -1.11 5.01
CA THR B 171 -43.52 -1.95 4.82
C THR B 171 -43.15 -3.27 4.14
N THR B 172 -42.31 -3.21 3.10
CA THR B 172 -41.89 -4.43 2.42
C THR B 172 -41.18 -5.38 3.37
N LEU B 173 -40.20 -4.87 4.11
CA LEU B 173 -39.48 -5.67 5.10
C LEU B 173 -40.45 -6.32 6.09
N SER B 174 -41.43 -5.55 6.58
N SER B 174 -41.41 -5.54 6.58
CA SER B 174 -42.41 -6.13 7.49
CA SER B 174 -42.42 -6.08 7.48
C SER B 174 -43.18 -7.25 6.81
C SER B 174 -43.17 -7.24 6.81
N HIS B 175 -43.61 -7.03 5.57
CA HIS B 175 -44.31 -8.09 4.83
C HIS B 175 -43.45 -9.32 4.66
N TYR B 176 -42.16 -9.12 4.36
CA TYR B 176 -41.30 -10.27 4.18
C TYR B 176 -41.23 -11.10 5.45
N GLU B 177 -40.89 -10.47 6.56
CA GLU B 177 -40.66 -11.22 7.79
C GLU B 177 -41.96 -11.79 8.36
N LEU B 178 -43.09 -11.15 8.08
CA LEU B 178 -44.37 -11.65 8.55
C LEU B 178 -45.02 -12.64 7.58
N SER B 179 -44.41 -12.89 6.43
CA SER B 179 -45.00 -13.78 5.42
C SER B 179 -45.28 -15.17 5.99
N PRO B 180 -46.48 -15.72 5.76
CA PRO B 180 -46.80 -17.06 6.28
C PRO B 180 -45.86 -18.14 5.77
N LYS B 181 -45.43 -18.07 4.52
CA LYS B 181 -44.27 -18.85 4.08
C LYS B 181 -43.04 -18.11 4.58
N LYS B 182 -42.23 -18.76 5.39
CA LYS B 182 -41.14 -18.08 6.07
C LYS B 182 -39.91 -18.11 5.18
N GLY B 183 -39.55 -16.94 4.64
CA GLY B 183 -38.33 -16.82 3.89
C GLY B 183 -37.15 -17.19 4.77
N GLN B 184 -36.26 -18.03 4.24
CA GLN B 184 -35.10 -18.48 4.99
C GLN B 184 -33.81 -17.85 4.52
N THR B 185 -33.81 -17.24 3.34
CA THR B 185 -32.68 -16.51 2.80
C THR B 185 -33.24 -15.45 1.84
N VAL B 186 -32.68 -14.25 1.86
CA VAL B 186 -33.06 -13.18 0.94
C VAL B 186 -32.07 -13.15 -0.24
N LEU B 187 -32.62 -13.24 -1.46
CA LEU B 187 -31.89 -12.91 -2.67
C LEU B 187 -32.14 -11.42 -2.97
N PHE B 188 -31.10 -10.61 -2.91
CA PHE B 188 -31.21 -9.16 -3.00
C PHE B 188 -30.57 -8.69 -4.30
N VAL B 189 -31.35 -8.05 -5.16
CA VAL B 189 -30.94 -7.81 -6.55
C VAL B 189 -30.35 -6.41 -6.75
N GLY B 190 -29.92 -5.76 -5.67
CA GLY B 190 -29.13 -4.55 -5.78
C GLY B 190 -29.93 -3.29 -5.45
N ASP B 191 -29.17 -2.20 -5.33
CA ASP B 191 -29.59 -0.90 -4.82
C ASP B 191 -30.01 -1.02 -3.37
N LEU B 192 -29.07 -0.76 -2.46
CA LEU B 192 -29.29 -1.03 -1.04
C LEU B 192 -29.86 0.19 -0.33
N SER B 193 -29.01 1.19 -0.12
CA SER B 193 -29.26 2.28 0.82
C SER B 193 -29.71 3.56 0.14
N TYR B 194 -29.47 3.70 -1.16
CA TYR B 194 -29.68 4.96 -1.87
C TYR B 194 -29.00 6.14 -1.16
N ALA B 195 -27.96 5.84 -0.40
CA ALA B 195 -27.19 6.89 0.25
C ALA B 195 -26.60 7.85 -0.78
N ASP B 196 -26.34 7.39 -2.00
CA ASP B 196 -25.70 8.24 -3.00
C ASP B 196 -26.64 9.33 -3.49
N ARG B 197 -27.95 9.20 -3.25
CA ARG B 197 -28.87 10.29 -3.54
C ARG B 197 -28.67 11.48 -2.62
N TYR B 198 -28.02 11.30 -1.48
CA TYR B 198 -27.84 12.41 -0.56
C TYR B 198 -26.62 13.24 -0.94
N PRO B 199 -26.51 14.45 -0.40
CA PRO B 199 -25.32 15.29 -0.69
C PRO B 199 -24.03 14.63 -0.24
N ASN B 200 -23.02 14.68 -1.10
CA ASN B 200 -21.74 14.01 -0.86
C ASN B 200 -21.95 12.54 -0.52
N HIS B 201 -23.04 11.97 -1.05
CA HIS B 201 -23.42 10.57 -0.83
C HIS B 201 -23.58 10.27 0.66
N ASP B 202 -23.93 11.31 1.43
CA ASP B 202 -23.88 11.29 2.89
C ASP B 202 -23.95 9.88 3.47
N ASN B 203 -22.77 9.29 3.70
CA ASN B 203 -22.65 7.88 4.06
C ASN B 203 -23.26 7.55 5.41
N VAL B 204 -23.57 8.56 6.22
CA VAL B 204 -24.46 8.35 7.36
C VAL B 204 -25.69 7.54 6.94
N ARG B 205 -26.19 7.74 5.71
CA ARG B 205 -27.36 7.00 5.24
C ARG B 205 -27.05 5.52 4.94
N TRP B 206 -25.77 5.16 4.84
CA TRP B 206 -25.39 3.76 4.85
C TRP B 206 -25.54 3.16 6.25
N ASP B 207 -25.13 3.93 7.28
CA ASP B 207 -25.24 3.42 8.66
C ASP B 207 -26.70 3.23 9.06
N THR B 208 -27.59 4.15 8.67
CA THR B 208 -29.00 4.01 9.03
C THR B 208 -29.60 2.80 8.35
N TRP B 209 -29.25 2.57 7.09
CA TRP B 209 -29.81 1.42 6.38
C TRP B 209 -29.34 0.11 6.99
N GLY B 210 -28.08 0.07 7.44
CA GLY B 210 -27.60 -1.10 8.17
C GLY B 210 -28.38 -1.38 9.44
N ARG B 211 -28.70 -0.33 10.20
CA ARG B 211 -29.46 -0.54 11.43
C ARG B 211 -30.90 -0.94 11.13
N PHE B 212 -31.51 -0.31 10.12
CA PHE B 212 -32.88 -0.65 9.74
C PHE B 212 -33.00 -2.10 9.27
N THR B 213 -32.09 -2.57 8.42
CA THR B 213 -32.26 -3.92 7.91
C THR B 213 -31.80 -4.98 8.89
N GLU B 214 -31.17 -4.58 9.99
CA GLU B 214 -30.59 -5.53 10.92
C GLU B 214 -31.62 -6.56 11.39
N ARG B 215 -32.86 -6.12 11.64
CA ARG B 215 -33.87 -7.02 12.19
C ARG B 215 -34.13 -8.24 11.33
N SER B 216 -33.74 -8.22 10.06
CA SER B 216 -33.80 -9.41 9.22
C SER B 216 -32.42 -9.99 8.93
N VAL B 217 -31.53 -9.21 8.31
CA VAL B 217 -30.26 -9.76 7.84
C VAL B 217 -29.32 -10.16 8.98
N ALA B 218 -29.61 -9.75 10.22
CA ALA B 218 -28.81 -10.29 11.32
C ALA B 218 -29.18 -11.71 11.67
N TYR B 219 -30.32 -12.22 11.18
CA TYR B 219 -30.77 -13.57 11.52
C TYR B 219 -30.82 -14.55 10.35
N GLN B 220 -30.78 -14.06 9.12
CA GLN B 220 -30.74 -14.97 7.99
C GLN B 220 -29.93 -14.24 6.94
N PRO B 221 -29.11 -14.94 6.16
CA PRO B 221 -28.28 -14.25 5.17
C PRO B 221 -29.13 -13.54 4.11
N TRP B 222 -28.60 -12.42 3.63
CA TRP B 222 -29.03 -11.84 2.38
C TRP B 222 -27.91 -12.00 1.36
N ILE B 223 -28.26 -12.40 0.15
CA ILE B 223 -27.27 -12.63 -0.90
C ILE B 223 -27.19 -11.36 -1.74
N TRP B 224 -26.02 -10.74 -1.76
CA TRP B 224 -25.85 -9.38 -2.25
C TRP B 224 -25.54 -9.36 -3.74
N THR B 225 -26.25 -8.51 -4.47
CA THR B 225 -25.96 -8.10 -5.83
C THR B 225 -25.65 -6.61 -5.82
N ALA B 226 -24.70 -6.18 -6.64
CA ALA B 226 -24.33 -4.77 -6.72
C ALA B 226 -25.16 -4.04 -7.77
N GLY B 227 -25.88 -2.99 -7.36
CA GLY B 227 -26.67 -2.19 -8.27
C GLY B 227 -26.00 -0.87 -8.63
N ASN B 228 -26.71 -0.06 -9.43
CA ASN B 228 -26.13 1.20 -9.89
CA ASN B 228 -26.12 1.19 -9.89
C ASN B 228 -25.99 2.21 -8.76
N HIS B 229 -26.79 2.09 -7.70
CA HIS B 229 -26.64 3.03 -6.59
C HIS B 229 -25.48 2.67 -5.70
N GLU B 230 -24.94 1.46 -5.84
CA GLU B 230 -23.70 1.08 -5.19
C GLU B 230 -22.45 1.65 -5.87
N ILE B 231 -22.52 2.06 -7.14
CA ILE B 231 -21.31 2.43 -7.88
C ILE B 231 -20.59 3.59 -7.19
N GLU B 232 -21.33 4.67 -6.93
CA GLU B 232 -20.87 5.82 -6.17
C GLU B 232 -19.60 6.41 -6.79
N PHE B 233 -19.67 6.65 -8.10
CA PHE B 233 -18.60 7.28 -8.85
C PHE B 233 -18.80 8.80 -8.77
N ALA B 234 -18.00 9.46 -7.94
CA ALA B 234 -18.17 10.87 -7.62
C ALA B 234 -16.86 11.63 -7.81
N PRO B 235 -16.35 11.69 -9.04
CA PRO B 235 -15.05 12.34 -9.26
C PRO B 235 -15.03 13.81 -8.86
N GLU B 236 -16.18 14.48 -8.88
CA GLU B 236 -16.27 15.87 -8.40
C GLU B 236 -15.78 16.02 -6.95
N ILE B 237 -15.98 15.00 -6.10
CA ILE B 237 -15.45 15.04 -4.73
C ILE B 237 -14.35 14.00 -4.57
N ASN B 238 -13.61 13.72 -5.65
CA ASN B 238 -12.44 12.85 -5.63
C ASN B 238 -12.74 11.47 -5.04
N GLU B 239 -13.90 10.92 -5.38
CA GLU B 239 -14.20 9.53 -5.07
C GLU B 239 -14.36 8.78 -6.39
N THR B 240 -13.30 8.14 -6.85
CA THR B 240 -13.27 7.55 -8.18
C THR B 240 -13.23 6.02 -8.18
N GLU B 241 -13.29 5.38 -7.00
CA GLU B 241 -13.23 3.93 -6.90
C GLU B 241 -14.65 3.38 -6.85
N PRO B 242 -15.11 2.67 -7.88
CA PRO B 242 -16.50 2.19 -7.90
C PRO B 242 -16.78 1.24 -6.73
N PHE B 243 -18.00 1.34 -6.18
CA PHE B 243 -18.53 0.44 -5.15
C PHE B 243 -17.76 0.55 -3.82
N LYS B 244 -16.98 1.62 -3.62
CA LYS B 244 -16.11 1.66 -2.44
C LYS B 244 -16.90 1.51 -1.13
N PRO B 245 -17.91 2.34 -0.83
CA PRO B 245 -18.66 2.12 0.43
C PRO B 245 -19.29 0.75 0.50
N PHE B 246 -20.03 0.36 -0.53
CA PHE B 246 -20.69 -0.93 -0.57
C PHE B 246 -19.73 -2.07 -0.28
N SER B 247 -18.55 -2.05 -0.90
CA SER B 247 -17.67 -3.20 -0.76
C SER B 247 -16.97 -3.24 0.60
N TYR B 248 -16.77 -2.09 1.24
CA TYR B 248 -16.26 -2.10 2.61
C TYR B 248 -17.26 -2.73 3.57
N ARG B 249 -18.54 -2.44 3.39
CA ARG B 249 -19.56 -2.81 4.35
C ARG B 249 -20.13 -4.20 4.13
N TYR B 250 -20.17 -4.67 2.88
CA TYR B 250 -20.83 -5.92 2.53
C TYR B 250 -19.81 -6.83 1.85
N HIS B 251 -19.37 -7.86 2.55
CA HIS B 251 -18.49 -8.85 1.98
C HIS B 251 -19.30 -10.04 1.49
N VAL B 252 -18.71 -10.75 0.53
CA VAL B 252 -19.32 -11.95 -0.05
C VAL B 252 -18.23 -12.99 -0.25
N PRO B 253 -18.61 -14.28 -0.27
CA PRO B 253 -17.61 -15.35 -0.39
C PRO B 253 -17.24 -15.60 -1.85
N TYR B 254 -16.72 -14.57 -2.52
CA TYR B 254 -16.54 -14.69 -3.96
C TYR B 254 -15.41 -15.64 -4.32
N GLU B 255 -14.41 -15.79 -3.44
CA GLU B 255 -13.31 -16.68 -3.78
C GLU B 255 -13.72 -18.13 -3.74
N ALA B 256 -14.80 -18.47 -3.04
CA ALA B 256 -15.24 -19.87 -2.96
C ALA B 256 -15.61 -20.42 -4.32
N SER B 257 -16.06 -19.56 -5.24
CA SER B 257 -16.36 -19.94 -6.61
C SER B 257 -15.25 -19.52 -7.60
N GLN B 258 -14.05 -19.24 -7.08
CA GLN B 258 -12.88 -18.82 -7.88
C GLN B 258 -13.14 -17.57 -8.69
N SER B 259 -14.09 -16.75 -8.28
CA SER B 259 -14.16 -15.40 -8.81
C SER B 259 -13.00 -14.59 -8.25
N THR B 260 -12.56 -13.59 -9.01
CA THR B 260 -11.54 -12.68 -8.52
C THR B 260 -12.11 -11.36 -8.05
N SER B 261 -13.43 -11.21 -8.01
CA SER B 261 -14.04 -9.95 -7.63
C SER B 261 -15.29 -10.18 -6.81
N PRO B 262 -15.57 -9.33 -5.83
CA PRO B 262 -16.79 -9.50 -5.02
C PRO B 262 -18.07 -9.35 -5.81
N PHE B 263 -18.05 -8.73 -7.01
CA PHE B 263 -19.29 -8.30 -7.63
C PHE B 263 -19.90 -9.36 -8.54
N TRP B 264 -19.20 -10.45 -8.76
CA TRP B 264 -19.78 -11.63 -9.39
C TRP B 264 -19.20 -12.84 -8.68
N TYR B 265 -20.07 -13.81 -8.40
CA TYR B 265 -19.69 -14.98 -7.62
C TYR B 265 -20.89 -15.90 -7.61
N SER B 266 -20.68 -17.09 -7.07
CA SER B 266 -21.69 -18.13 -7.05
C SER B 266 -21.78 -18.66 -5.62
N ILE B 267 -22.98 -19.04 -5.22
CA ILE B 267 -23.14 -19.84 -4.01
C ILE B 267 -24.13 -20.95 -4.30
N LYS B 268 -23.98 -22.04 -3.56
CA LYS B 268 -24.98 -23.09 -3.54
C LYS B 268 -25.65 -23.10 -2.16
N ARG B 269 -26.98 -23.18 -2.16
CA ARG B 269 -27.74 -23.28 -0.92
C ARG B 269 -28.95 -24.17 -1.16
N ALA B 270 -29.09 -25.21 -0.33
CA ALA B 270 -30.20 -26.16 -0.42
C ALA B 270 -30.17 -26.78 -1.81
N SER B 271 -31.22 -26.67 -2.62
CA SER B 271 -31.23 -27.27 -3.94
C SER B 271 -31.07 -26.21 -5.03
N ALA B 272 -30.48 -25.07 -4.70
CA ALA B 272 -30.36 -23.95 -5.63
C ALA B 272 -28.88 -23.64 -5.87
N HIS B 273 -28.56 -23.40 -7.13
CA HIS B 273 -27.27 -22.85 -7.51
C HIS B 273 -27.53 -21.42 -7.97
N ILE B 274 -26.98 -20.46 -7.26
CA ILE B 274 -27.27 -19.04 -7.45
C ILE B 274 -26.02 -18.38 -8.00
N ILE B 275 -26.17 -17.65 -9.10
CA ILE B 275 -25.09 -16.94 -9.77
C ILE B 275 -25.39 -15.45 -9.71
N VAL B 276 -24.43 -14.68 -9.20
CA VAL B 276 -24.60 -13.25 -9.02
C VAL B 276 -23.72 -12.53 -10.03
N LEU B 277 -24.33 -11.66 -10.83
CA LEU B 277 -23.59 -10.94 -11.88
C LEU B 277 -23.55 -9.45 -11.56
N SER B 278 -22.60 -8.76 -12.22
CA SER B 278 -22.39 -7.34 -12.02
C SER B 278 -22.68 -6.58 -13.31
N SER B 279 -23.86 -5.94 -13.36
CA SER B 279 -24.24 -5.15 -14.53
C SER B 279 -23.28 -4.01 -14.79
N TYR B 280 -22.63 -3.50 -13.74
CA TYR B 280 -21.82 -2.31 -13.81
C TYR B 280 -20.34 -2.62 -13.67
N SER B 281 -19.95 -3.85 -13.99
CA SER B 281 -18.58 -4.27 -14.20
C SER B 281 -18.39 -4.66 -15.66
N ALA B 282 -17.13 -4.80 -16.07
CA ALA B 282 -16.84 -5.24 -17.43
C ALA B 282 -17.38 -6.65 -17.67
N TYR B 283 -17.91 -6.88 -18.87
CA TYR B 283 -18.29 -8.23 -19.26
C TYR B 283 -17.99 -8.50 -20.73
N GLY B 284 -17.15 -7.68 -21.36
CA GLY B 284 -16.70 -8.00 -22.71
C GLY B 284 -15.96 -9.33 -22.75
N ARG B 285 -15.91 -9.89 -23.95
CA ARG B 285 -15.25 -11.17 -24.13
C ARG B 285 -13.81 -11.13 -23.64
N GLY B 286 -13.44 -12.10 -22.81
CA GLY B 286 -12.12 -12.15 -22.23
C GLY B 286 -11.93 -11.38 -20.93
N THR B 287 -12.93 -10.60 -20.49
CA THR B 287 -12.80 -9.94 -19.19
C THR B 287 -12.96 -10.96 -18.06
N PRO B 288 -12.53 -10.61 -16.84
CA PRO B 288 -12.70 -11.56 -15.72
C PRO B 288 -14.13 -12.06 -15.53
N GLN B 289 -15.13 -11.17 -15.46
CA GLN B 289 -16.50 -11.63 -15.21
C GLN B 289 -17.01 -12.52 -16.34
N TYR B 290 -16.78 -12.11 -17.57
CA TYR B 290 -17.14 -12.94 -18.72
C TYR B 290 -16.49 -14.30 -18.60
N THR B 291 -15.18 -14.32 -18.34
CA THR B 291 -14.45 -15.58 -18.20
C THR B 291 -15.02 -16.42 -17.06
N TRP B 292 -15.25 -15.79 -15.91
CA TRP B 292 -15.73 -16.55 -14.75
C TRP B 292 -17.12 -17.13 -15.02
N LEU B 293 -18.06 -16.32 -15.52
CA LEU B 293 -19.39 -16.84 -15.81
C LEU B 293 -19.32 -18.01 -16.79
N LYS B 294 -18.49 -17.88 -17.82
CA LYS B 294 -18.31 -18.94 -18.81
C LYS B 294 -17.94 -20.25 -18.15
N LYS B 295 -16.93 -20.25 -17.28
CA LYS B 295 -16.53 -21.49 -16.60
C LYS B 295 -17.57 -21.90 -15.57
N GLU B 296 -18.17 -20.93 -14.88
CA GLU B 296 -19.10 -21.24 -13.81
C GLU B 296 -20.33 -22.01 -14.32
N LEU B 297 -20.83 -21.66 -15.51
CA LEU B 297 -21.96 -22.40 -16.06
C LEU B 297 -21.58 -23.84 -16.39
N ARG B 298 -20.32 -24.09 -16.81
CA ARG B 298 -19.90 -25.47 -17.02
C ARG B 298 -19.87 -26.26 -15.73
N LYS B 299 -19.64 -25.60 -14.59
CA LYS B 299 -19.55 -26.30 -13.31
C LYS B 299 -20.90 -26.67 -12.72
N VAL B 300 -21.99 -26.02 -13.14
CA VAL B 300 -23.31 -26.29 -12.56
C VAL B 300 -23.69 -27.75 -12.80
N LYS B 301 -24.16 -28.43 -11.76
CA LYS B 301 -24.70 -29.78 -11.94
C LYS B 301 -26.15 -29.81 -11.46
N ARG B 302 -27.08 -29.97 -12.42
CA ARG B 302 -28.51 -29.99 -12.12
C ARG B 302 -28.94 -31.26 -11.40
N SER B 303 -28.09 -32.29 -11.37
CA SER B 303 -28.37 -33.51 -10.62
C SER B 303 -27.94 -33.42 -9.17
N GLU B 304 -27.26 -32.34 -8.77
CA GLU B 304 -27.00 -32.06 -7.38
C GLU B 304 -27.66 -30.77 -6.90
N THR B 305 -27.93 -29.82 -7.79
CA THR B 305 -28.62 -28.59 -7.43
C THR B 305 -29.53 -28.18 -8.60
N PRO B 306 -30.76 -28.68 -8.61
CA PRO B 306 -31.58 -28.53 -9.83
C PRO B 306 -31.97 -27.11 -10.18
N TRP B 307 -32.10 -26.23 -9.19
CA TRP B 307 -32.63 -24.89 -9.45
C TRP B 307 -31.46 -23.96 -9.71
N LEU B 308 -31.39 -23.46 -10.95
CA LEU B 308 -30.32 -22.57 -11.38
C LEU B 308 -30.91 -21.16 -11.42
N ILE B 309 -30.40 -20.28 -10.56
CA ILE B 309 -30.94 -18.93 -10.42
C ILE B 309 -29.84 -17.93 -10.73
N VAL B 310 -30.19 -16.88 -11.48
CA VAL B 310 -29.25 -15.81 -11.81
C VAL B 310 -29.76 -14.52 -11.18
N LEU B 311 -28.86 -13.79 -10.53
CA LEU B 311 -29.16 -12.49 -9.97
C LEU B 311 -28.30 -11.44 -10.67
N MET B 312 -28.94 -10.37 -11.13
CA MET B 312 -28.27 -9.22 -11.68
C MET B 312 -29.13 -8.02 -11.33
N HIS B 313 -28.56 -6.83 -11.43
CA HIS B 313 -29.38 -5.66 -11.12
C HIS B 313 -30.28 -5.26 -12.28
N SER B 314 -29.71 -5.10 -13.48
CA SER B 314 -30.42 -4.48 -14.59
C SER B 314 -31.14 -5.54 -15.42
N PRO B 315 -32.47 -5.46 -15.58
CA PRO B 315 -33.20 -6.55 -16.24
C PRO B 315 -32.90 -6.64 -17.72
N LEU B 316 -32.71 -7.87 -18.20
CA LEU B 316 -32.53 -8.12 -19.62
C LEU B 316 -33.83 -7.91 -20.37
N TYR B 317 -34.97 -8.20 -19.73
CA TYR B 317 -36.29 -8.09 -20.34
C TYR B 317 -37.13 -7.21 -19.45
N ASN B 318 -37.67 -6.14 -20.02
CA ASN B 318 -38.31 -5.12 -19.22
C ASN B 318 -39.16 -4.27 -20.15
N SER B 319 -40.48 -4.33 -19.99
CA SER B 319 -41.41 -3.56 -20.80
C SER B 319 -41.82 -2.27 -20.14
N TYR B 320 -41.09 -1.85 -19.10
CA TYR B 320 -41.33 -0.57 -18.48
C TYR B 320 -40.52 0.48 -19.19
N ASN B 321 -41.01 1.72 -19.09
CA ASN B 321 -40.37 2.85 -19.76
C ASN B 321 -39.06 3.23 -19.07
N HIS B 322 -39.09 3.38 -17.75
CA HIS B 322 -37.90 3.67 -16.98
C HIS B 322 -36.83 2.60 -17.22
N HIS B 323 -35.64 3.03 -17.65
CA HIS B 323 -34.52 2.14 -17.93
CA HIS B 323 -34.51 2.14 -17.93
C HIS B 323 -34.80 1.16 -19.05
N PHE B 324 -35.72 1.51 -19.96
CA PHE B 324 -36.03 0.65 -21.11
C PHE B 324 -34.78 0.38 -21.95
N MET B 325 -34.51 -0.90 -22.19
CA MET B 325 -33.42 -1.42 -23.03
C MET B 325 -32.03 -1.22 -22.43
N GLU B 326 -31.92 -0.82 -21.16
CA GLU B 326 -30.58 -0.70 -20.60
C GLU B 326 -29.91 -2.06 -20.48
N GLY B 327 -30.71 -3.13 -20.38
CA GLY B 327 -30.19 -4.48 -20.33
C GLY B 327 -29.76 -5.09 -21.64
N GLU B 328 -29.86 -4.37 -22.76
CA GLU B 328 -29.53 -4.97 -24.06
C GLU B 328 -28.06 -5.41 -24.12
N ALA B 329 -27.14 -4.57 -23.63
CA ALA B 329 -25.72 -4.90 -23.75
C ALA B 329 -25.42 -6.24 -23.08
N MET B 330 -25.84 -6.42 -21.83
CA MET B 330 -25.57 -7.68 -21.17
C MET B 330 -26.37 -8.82 -21.79
N ARG B 331 -27.61 -8.54 -22.20
CA ARG B 331 -28.41 -9.55 -22.88
C ARG B 331 -27.67 -10.06 -24.10
N THR B 332 -27.13 -9.14 -24.88
CA THR B 332 -26.31 -9.49 -26.03
C THR B 332 -25.21 -10.50 -25.68
N LYS B 333 -24.56 -10.34 -24.52
CA LYS B 333 -23.43 -11.20 -24.20
C LYS B 333 -23.89 -12.52 -23.57
N PHE B 334 -24.89 -12.48 -22.69
CA PHE B 334 -25.16 -13.64 -21.86
C PHE B 334 -26.48 -14.35 -22.13
N GLU B 335 -27.45 -13.70 -22.77
CA GLU B 335 -28.76 -14.34 -22.97
C GLU B 335 -28.63 -15.75 -23.55
N ALA B 336 -27.82 -15.92 -24.59
CA ALA B 336 -27.70 -17.22 -25.22
C ALA B 336 -27.10 -18.25 -24.26
N TRP B 337 -26.24 -17.81 -23.34
CA TRP B 337 -25.71 -18.76 -22.37
C TRP B 337 -26.79 -19.21 -21.39
N PHE B 338 -27.73 -18.31 -21.05
CA PHE B 338 -28.81 -18.69 -20.13
C PHE B 338 -29.73 -19.72 -20.76
N VAL B 339 -29.98 -19.58 -22.06
CA VAL B 339 -30.80 -20.56 -22.78
C VAL B 339 -30.04 -21.88 -22.88
N LYS B 340 -28.78 -21.83 -23.31
CA LYS B 340 -27.97 -23.04 -23.43
C LYS B 340 -27.96 -23.84 -22.14
N TYR B 341 -27.78 -23.16 -21.03
CA TYR B 341 -27.67 -23.88 -19.78
C TYR B 341 -28.98 -23.99 -19.03
N LYS B 342 -30.07 -23.52 -19.62
CA LYS B 342 -31.41 -23.76 -19.10
C LYS B 342 -31.57 -23.18 -17.70
N VAL B 343 -31.13 -21.93 -17.53
CA VAL B 343 -31.40 -21.22 -16.30
C VAL B 343 -32.90 -21.25 -16.01
N ASP B 344 -33.26 -21.49 -14.75
CA ASP B 344 -34.68 -21.52 -14.38
C ASP B 344 -35.27 -20.12 -14.31
N VAL B 345 -34.54 -19.15 -13.75
CA VAL B 345 -35.11 -17.81 -13.54
C VAL B 345 -33.98 -16.82 -13.36
N VAL B 346 -34.17 -15.63 -13.92
CA VAL B 346 -33.25 -14.52 -13.76
C VAL B 346 -33.98 -13.44 -13.00
N PHE B 347 -33.43 -13.04 -11.85
CA PHE B 347 -34.03 -11.99 -11.03
C PHE B 347 -33.23 -10.71 -11.16
N ALA B 348 -33.95 -9.60 -11.28
CA ALA B 348 -33.34 -8.28 -11.43
C ALA B 348 -34.19 -7.25 -10.72
N GLY B 349 -33.62 -6.06 -10.55
CA GLY B 349 -34.30 -4.93 -9.97
C GLY B 349 -34.22 -3.71 -10.86
N HIS B 350 -33.70 -2.60 -10.33
CA HIS B 350 -33.41 -1.39 -11.10
C HIS B 350 -34.68 -0.66 -11.52
N VAL B 351 -35.63 -1.37 -12.14
CA VAL B 351 -36.93 -0.79 -12.40
C VAL B 351 -37.80 -0.89 -11.15
N HIS B 352 -38.42 0.22 -10.75
CA HIS B 352 -39.14 0.25 -9.49
C HIS B 352 -40.59 -0.20 -9.69
N ALA B 353 -40.73 -1.49 -9.98
CA ALA B 353 -42.01 -2.10 -10.30
C ALA B 353 -41.80 -3.61 -10.36
N TYR B 354 -42.87 -4.34 -10.69
CA TYR B 354 -42.86 -5.80 -10.76
C TYR B 354 -43.20 -6.28 -12.16
N GLU B 355 -42.44 -7.26 -12.66
CA GLU B 355 -42.71 -7.84 -13.98
C GLU B 355 -42.21 -9.27 -14.02
N ARG B 356 -43.04 -10.15 -14.60
CA ARG B 356 -42.69 -11.53 -14.87
C ARG B 356 -42.83 -11.78 -16.36
N SER B 357 -41.80 -12.36 -16.98
CA SER B 357 -41.82 -12.57 -18.42
C SER B 357 -42.31 -13.98 -18.76
N GLU B 358 -42.63 -14.18 -20.04
CA GLU B 358 -42.75 -15.53 -20.58
C GLU B 358 -41.37 -16.15 -20.72
N ARG B 359 -41.33 -17.47 -20.88
CA ARG B 359 -40.07 -18.10 -21.27
C ARG B 359 -39.79 -17.71 -22.71
N VAL B 360 -38.78 -16.88 -22.91
CA VAL B 360 -38.62 -16.14 -24.14
C VAL B 360 -37.14 -15.99 -24.43
N SER B 361 -36.77 -15.98 -25.71
CA SER B 361 -35.38 -15.82 -26.11
C SER B 361 -35.32 -14.95 -27.35
N ASN B 362 -34.19 -14.28 -27.53
CA ASN B 362 -33.99 -13.37 -28.64
C ASN B 362 -32.53 -13.45 -29.05
N ILE B 363 -32.11 -14.62 -29.52
CA ILE B 363 -30.70 -14.94 -29.71
C ILE B 363 -30.37 -15.33 -31.15
N ALA B 364 -31.26 -15.08 -32.12
CA ALA B 364 -31.02 -15.50 -33.49
C ALA B 364 -30.65 -14.34 -34.42
N TYR B 365 -30.45 -13.15 -33.87
CA TYR B 365 -30.21 -11.96 -34.67
C TYR B 365 -28.81 -11.95 -35.27
N LYS B 366 -28.71 -11.65 -36.58
CA LYS B 366 -27.44 -11.62 -37.28
C LYS B 366 -27.25 -10.33 -38.05
N ILE B 367 -27.73 -9.21 -37.46
CA ILE B 367 -27.62 -7.85 -38.00
C ILE B 367 -28.51 -7.63 -39.22
N THR B 368 -28.40 -8.49 -40.23
CA THR B 368 -29.09 -8.30 -41.49
C THR B 368 -30.24 -9.27 -41.72
N ASN B 369 -30.53 -10.17 -40.78
CA ASN B 369 -31.51 -11.22 -41.04
C ASN B 369 -32.90 -10.91 -40.53
N GLY B 370 -33.11 -9.75 -39.91
CA GLY B 370 -34.40 -9.35 -39.40
C GLY B 370 -34.94 -10.13 -38.21
N LEU B 371 -34.13 -10.96 -37.56
CA LEU B 371 -34.64 -11.84 -36.52
C LEU B 371 -34.40 -11.22 -35.15
N CYS B 372 -35.17 -10.15 -34.89
CA CYS B 372 -34.96 -9.32 -33.71
C CYS B 372 -36.14 -9.38 -32.75
N THR B 373 -36.98 -10.40 -32.87
CA THR B 373 -38.18 -10.42 -32.05
C THR B 373 -38.14 -11.61 -31.10
N PRO B 374 -38.47 -11.40 -29.83
CA PRO B 374 -38.46 -12.51 -28.88
C PRO B 374 -39.50 -13.55 -29.26
N VAL B 375 -39.12 -14.82 -29.11
CA VAL B 375 -39.96 -15.96 -29.44
C VAL B 375 -40.11 -16.79 -28.18
N LYS B 376 -41.27 -17.42 -28.02
CA LYS B 376 -41.41 -18.42 -26.98
C LYS B 376 -40.28 -19.45 -27.10
N ASP B 377 -39.69 -19.80 -25.96
CA ASP B 377 -38.57 -20.74 -25.93
C ASP B 377 -38.60 -21.40 -24.56
N GLN B 378 -39.00 -22.67 -24.52
CA GLN B 378 -39.15 -23.35 -23.25
C GLN B 378 -37.81 -23.65 -22.57
N SER B 379 -36.70 -23.54 -23.30
CA SER B 379 -35.39 -23.65 -22.69
C SER B 379 -34.93 -22.37 -22.00
N ALA B 380 -35.57 -21.24 -22.27
CA ALA B 380 -35.14 -19.99 -21.69
C ALA B 380 -35.62 -19.87 -20.24
N PRO B 381 -34.98 -19.02 -19.45
CA PRO B 381 -35.46 -18.76 -18.10
C PRO B 381 -36.68 -17.85 -18.12
N VAL B 382 -37.23 -17.61 -16.95
CA VAL B 382 -38.17 -16.52 -16.76
C VAL B 382 -37.38 -15.30 -16.29
N TYR B 383 -37.72 -14.14 -16.84
CA TYR B 383 -37.11 -12.89 -16.41
C TYR B 383 -38.11 -12.17 -15.49
N ILE B 384 -37.70 -11.96 -14.24
CA ILE B 384 -38.54 -11.33 -13.23
C ILE B 384 -37.84 -10.06 -12.76
N THR B 385 -38.55 -8.94 -12.87
CA THR B 385 -38.13 -7.68 -12.29
C THR B 385 -38.80 -7.52 -10.92
N ILE B 386 -37.99 -7.45 -9.86
CA ILE B 386 -38.54 -7.34 -8.51
C ILE B 386 -37.89 -6.17 -7.76
N GLY B 387 -37.75 -5.04 -8.47
CA GLY B 387 -37.07 -3.87 -7.93
C GLY B 387 -37.97 -2.87 -7.24
N ASP B 388 -39.00 -3.36 -6.54
CA ASP B 388 -40.09 -2.54 -6.04
C ASP B 388 -40.24 -2.62 -4.53
N ALA B 389 -39.14 -2.83 -3.81
CA ALA B 389 -39.25 -2.94 -2.37
C ALA B 389 -39.51 -1.61 -1.69
N GLY B 390 -39.31 -0.48 -2.39
CA GLY B 390 -39.52 0.82 -1.76
C GLY B 390 -38.66 1.99 -2.22
N ASN B 391 -37.38 1.74 -2.48
CA ASN B 391 -36.36 2.76 -2.74
C ASN B 391 -36.57 4.00 -1.87
N TYR B 392 -36.61 5.18 -2.47
CA TYR B 392 -36.86 6.42 -1.75
C TYR B 392 -38.31 6.88 -1.91
N GLY B 393 -39.22 5.97 -2.25
CA GLY B 393 -40.64 6.23 -2.27
C GLY B 393 -41.25 6.52 -3.64
N VAL B 394 -40.71 5.93 -4.71
CA VAL B 394 -41.19 6.20 -6.06
C VAL B 394 -41.43 4.89 -6.80
N ILE B 395 -42.60 4.77 -7.45
CA ILE B 395 -42.90 3.62 -8.28
C ILE B 395 -42.71 4.00 -9.73
N ASP B 396 -42.33 3.04 -10.57
CA ASP B 396 -42.24 3.25 -12.02
C ASP B 396 -43.53 2.74 -12.65
N SER B 397 -44.40 3.66 -13.08
CA SER B 397 -45.70 3.25 -13.59
C SER B 397 -45.84 3.36 -15.09
N ASN B 398 -45.10 4.25 -15.74
CA ASN B 398 -45.18 4.39 -17.19
CA ASN B 398 -45.19 4.39 -17.18
C ASN B 398 -44.59 3.15 -17.84
N MET B 399 -45.45 2.30 -18.40
CA MET B 399 -45.05 1.12 -19.14
C MET B 399 -45.39 1.26 -20.62
N ILE B 400 -44.69 0.49 -21.44
CA ILE B 400 -45.00 0.44 -22.86
C ILE B 400 -46.35 -0.23 -23.05
N GLN B 401 -47.19 0.35 -23.88
CA GLN B 401 -48.48 -0.23 -24.20
C GLN B 401 -48.60 -0.47 -25.70
N PRO B 402 -49.29 -1.53 -26.13
CA PRO B 402 -49.83 -2.61 -25.28
C PRO B 402 -48.73 -3.52 -24.70
N GLN B 403 -49.08 -4.29 -23.68
CA GLN B 403 -48.15 -5.22 -23.07
C GLN B 403 -47.56 -6.16 -24.13
N PRO B 404 -46.23 -6.18 -24.29
CA PRO B 404 -45.64 -7.02 -25.34
C PRO B 404 -45.85 -8.49 -25.04
N GLU B 405 -45.71 -9.30 -26.09
CA GLU B 405 -46.01 -10.72 -25.97
C GLU B 405 -45.07 -11.41 -24.99
N TYR B 406 -43.87 -10.85 -24.77
CA TYR B 406 -42.89 -11.48 -23.88
C TYR B 406 -43.16 -11.21 -22.39
N SER B 407 -44.00 -10.24 -22.06
CA SER B 407 -44.30 -9.87 -20.69
C SER B 407 -45.52 -10.66 -20.21
N ALA B 408 -45.34 -11.51 -19.19
CA ALA B 408 -46.47 -12.29 -18.68
C ALA B 408 -47.38 -11.45 -17.80
N PHE B 409 -46.83 -10.89 -16.72
CA PHE B 409 -47.56 -10.10 -15.75
C PHE B 409 -46.69 -8.92 -15.35
N ARG B 410 -47.30 -7.74 -15.19
CA ARG B 410 -46.58 -6.56 -14.72
C ARG B 410 -47.51 -5.68 -13.93
N GLU B 411 -46.98 -5.01 -12.89
CA GLU B 411 -47.75 -4.08 -12.09
C GLU B 411 -46.82 -3.18 -11.28
N ALA B 412 -47.16 -1.88 -11.27
CA ALA B 412 -46.39 -0.88 -10.53
C ALA B 412 -46.96 -0.74 -9.11
N SER B 413 -46.59 -1.69 -8.24
CA SER B 413 -46.87 -1.58 -6.83
C SER B 413 -45.65 -2.02 -6.05
N PHE B 414 -45.48 -1.45 -4.85
CA PHE B 414 -44.40 -1.86 -3.97
C PHE B 414 -44.66 -3.27 -3.48
N GLY B 415 -43.60 -4.04 -3.27
CA GLY B 415 -43.78 -5.40 -2.80
C GLY B 415 -42.49 -6.18 -2.83
N HIS B 416 -42.62 -7.49 -2.67
CA HIS B 416 -41.50 -8.41 -2.63
C HIS B 416 -41.95 -9.78 -3.11
N GLY B 417 -40.98 -10.62 -3.44
CA GLY B 417 -41.28 -11.94 -3.99
C GLY B 417 -40.76 -13.10 -3.16
N MET B 418 -41.30 -14.28 -3.40
N MET B 418 -41.29 -14.29 -3.43
CA MET B 418 -40.88 -15.49 -2.70
CA MET B 418 -40.91 -15.49 -2.70
C MET B 418 -40.72 -16.61 -3.71
C MET B 418 -40.73 -16.61 -3.71
N PHE B 419 -39.55 -17.24 -3.70
CA PHE B 419 -39.26 -18.38 -4.57
C PHE B 419 -39.16 -19.57 -3.63
N ASP B 420 -40.20 -20.40 -3.63
CA ASP B 420 -40.41 -21.44 -2.64
C ASP B 420 -40.15 -22.80 -3.29
N ILE B 421 -38.91 -23.27 -3.19
CA ILE B 421 -38.55 -24.53 -3.81
C ILE B 421 -39.18 -25.67 -3.02
N LYS B 422 -39.95 -26.51 -3.72
CA LYS B 422 -40.60 -27.67 -3.11
C LYS B 422 -39.77 -28.93 -3.27
N ASN B 423 -39.18 -29.13 -4.43
CA ASN B 423 -38.36 -30.30 -4.73
C ASN B 423 -37.69 -30.07 -6.08
N ARG B 424 -37.14 -31.14 -6.66
CA ARG B 424 -36.33 -31.02 -7.86
C ARG B 424 -37.12 -30.51 -9.05
N THR B 425 -38.44 -30.76 -9.06
CA THR B 425 -39.27 -30.41 -10.20
C THR B 425 -40.04 -29.12 -10.03
N HIS B 426 -40.36 -28.73 -8.78
CA HIS B 426 -41.38 -27.73 -8.54
C HIS B 426 -40.87 -26.63 -7.63
N ALA B 427 -41.09 -25.38 -8.03
CA ALA B 427 -40.92 -24.25 -7.15
C ALA B 427 -42.07 -23.30 -7.40
N HIS B 428 -42.61 -22.77 -6.32
CA HIS B 428 -43.70 -21.82 -6.43
C HIS B 428 -43.13 -20.42 -6.23
N PHE B 429 -43.36 -19.55 -7.20
CA PHE B 429 -43.06 -18.14 -7.04
C PHE B 429 -44.33 -17.35 -6.80
N SER B 430 -44.24 -16.38 -5.89
CA SER B 430 -45.38 -15.54 -5.55
C SER B 430 -44.86 -14.13 -5.30
N TRP B 431 -45.76 -13.18 -5.47
CA TRP B 431 -45.47 -11.76 -5.33
C TRP B 431 -46.50 -11.16 -4.38
N ASN B 432 -46.04 -10.52 -3.33
CA ASN B 432 -46.91 -9.95 -2.31
C ASN B 432 -46.83 -8.42 -2.36
N ARG B 433 -47.98 -7.78 -2.46
CA ARG B 433 -48.08 -6.33 -2.50
C ARG B 433 -48.13 -5.74 -1.09
N ASN B 434 -47.52 -4.57 -0.94
CA ASN B 434 -47.58 -3.87 0.34
C ASN B 434 -49.01 -3.50 0.70
N GLN B 435 -49.79 -3.02 -0.26
CA GLN B 435 -51.17 -2.61 -0.01
C GLN B 435 -52.10 -3.78 0.30
N ASP B 436 -51.62 -5.01 0.22
CA ASP B 436 -52.42 -6.20 0.51
C ASP B 436 -52.05 -6.76 1.89
N GLY B 437 -52.84 -7.73 2.33
CA GLY B 437 -52.48 -8.47 3.52
C GLY B 437 -51.15 -9.19 3.36
N VAL B 438 -50.56 -9.60 4.49
CA VAL B 438 -49.26 -10.24 4.44
C VAL B 438 -49.35 -11.62 3.79
N ALA B 439 -50.52 -12.23 3.76
CA ALA B 439 -50.65 -13.61 3.31
C ALA B 439 -51.21 -13.74 1.90
N VAL B 440 -51.53 -12.64 1.22
CA VAL B 440 -52.18 -12.71 -0.09
C VAL B 440 -51.13 -12.51 -1.18
N GLU B 441 -51.15 -13.41 -2.17
CA GLU B 441 -50.27 -13.35 -3.31
C GLU B 441 -51.01 -12.66 -4.45
N ALA B 442 -50.55 -11.46 -4.82
CA ALA B 442 -51.17 -10.79 -5.97
C ALA B 442 -50.82 -11.48 -7.29
N ASP B 443 -49.62 -12.04 -7.40
CA ASP B 443 -49.23 -12.86 -8.54
C ASP B 443 -48.58 -14.12 -8.01
N SER B 444 -48.70 -15.20 -8.76
CA SER B 444 -48.08 -16.45 -8.33
C SER B 444 -48.05 -17.41 -9.51
N VAL B 445 -47.09 -18.33 -9.50
CA VAL B 445 -46.89 -19.22 -10.63
C VAL B 445 -46.02 -20.40 -10.21
N TRP B 446 -46.40 -21.60 -10.62
CA TRP B 446 -45.56 -22.76 -10.39
C TRP B 446 -44.48 -22.85 -11.46
N PHE B 447 -43.24 -23.01 -11.03
CA PHE B 447 -42.13 -23.22 -11.95
C PHE B 447 -41.93 -24.72 -12.14
N PHE B 448 -41.78 -25.13 -13.40
CA PHE B 448 -41.33 -26.48 -13.71
C PHE B 448 -39.85 -26.42 -14.04
N ASN B 449 -39.04 -27.07 -13.21
CA ASN B 449 -37.59 -27.03 -13.36
C ASN B 449 -37.18 -27.37 -14.79
N ARG B 450 -36.32 -26.53 -15.37
CA ARG B 450 -35.94 -26.70 -16.77
C ARG B 450 -35.15 -27.99 -17.01
N HIS B 451 -34.52 -28.56 -16.00
CA HIS B 451 -33.79 -29.81 -16.20
C HIS B 451 -34.58 -31.04 -15.82
N TRP B 452 -35.47 -30.96 -14.81
CA TRP B 452 -36.13 -32.11 -14.25
C TRP B 452 -37.62 -32.19 -14.57
N TYR B 453 -38.23 -31.10 -15.01
CA TYR B 453 -39.62 -31.14 -15.40
C TYR B 453 -39.81 -30.17 -16.56
N PRO B 454 -39.06 -30.36 -17.67
CA PRO B 454 -39.02 -29.32 -18.72
C PRO B 454 -40.28 -29.30 -19.55
N VAL B 455 -41.41 -29.04 -18.90
CA VAL B 455 -42.70 -28.93 -19.54
C VAL B 455 -43.10 -27.46 -19.51
N ASP B 456 -43.79 -27.01 -20.55
CA ASP B 456 -44.24 -25.63 -20.57
C ASP B 456 -45.05 -25.33 -19.32
N ASP B 457 -44.67 -24.26 -18.62
CA ASP B 457 -45.40 -23.80 -17.45
C ASP B 457 -45.90 -22.38 -17.61
N SER B 458 -46.28 -22.00 -18.83
CA SER B 458 -46.77 -20.65 -19.10
C SER B 458 -48.20 -20.48 -18.61
N THR B 459 -48.44 -19.40 -17.86
CA THR B 459 -49.77 -19.09 -17.36
C THR B 459 -50.64 -18.48 -18.45
N ASN C 35 -2.51 18.64 34.30
CA ASN C 35 -3.18 19.21 35.48
C ASN C 35 -3.68 20.61 35.19
N ARG C 36 -2.75 21.52 34.88
CA ARG C 36 -3.08 22.92 34.64
C ARG C 36 -3.34 23.20 33.18
N ASP C 37 -3.75 22.19 32.42
CA ASP C 37 -4.05 22.37 31.00
C ASP C 37 -5.28 23.24 30.79
N MET C 38 -5.16 24.18 29.85
CA MET C 38 -6.23 25.10 29.57
C MET C 38 -7.48 24.36 29.07
N PRO C 39 -8.67 24.69 29.58
CA PRO C 39 -9.89 24.01 29.12
C PRO C 39 -10.14 24.21 27.62
N LEU C 40 -10.83 23.24 27.04
CA LEU C 40 -11.14 23.23 25.61
C LEU C 40 -11.85 24.48 25.14
N ASP C 41 -12.53 25.21 26.03
CA ASP C 41 -13.23 26.42 25.64
C ASP C 41 -12.40 27.67 25.84
N SER C 42 -11.09 27.52 25.98
CA SER C 42 -10.22 28.67 26.15
C SER C 42 -10.17 29.49 24.87
N ASP C 43 -9.94 30.80 25.03
CA ASP C 43 -9.85 31.68 23.86
C ASP C 43 -8.74 31.22 22.92
N VAL C 44 -7.59 30.83 23.47
CA VAL C 44 -6.46 30.37 22.66
C VAL C 44 -6.83 29.21 21.76
N PHE C 45 -7.93 28.50 22.05
CA PHE C 45 -8.35 27.33 21.28
C PHE C 45 -9.50 27.63 20.32
N ARG C 46 -9.87 28.90 20.10
CA ARG C 46 -11.05 29.18 19.30
C ARG C 46 -10.86 28.77 17.84
N VAL C 47 -11.91 28.14 17.28
CA VAL C 47 -11.90 27.79 15.86
C VAL C 47 -12.06 29.07 15.03
N PRO C 48 -11.17 29.33 14.06
CA PRO C 48 -11.38 30.45 13.13
C PRO C 48 -12.72 30.34 12.45
N PRO C 49 -13.50 31.43 12.37
CA PRO C 49 -14.83 31.35 11.78
C PRO C 49 -14.79 31.17 10.28
N GLY C 50 -15.89 30.65 9.75
CA GLY C 50 -16.07 30.44 8.34
C GLY C 50 -16.10 28.95 8.02
N TYR C 51 -16.87 28.61 6.98
CA TYR C 51 -16.92 27.22 6.52
C TYR C 51 -15.53 26.76 6.07
N ASN C 52 -15.12 25.62 6.59
CA ASN C 52 -13.80 25.01 6.36
C ASN C 52 -12.65 26.01 6.45
N ALA C 53 -12.73 26.96 7.37
CA ALA C 53 -11.64 27.90 7.55
C ALA C 53 -10.38 27.16 7.96
N PRO C 54 -9.24 27.43 7.32
CA PRO C 54 -7.99 26.79 7.76
C PRO C 54 -7.77 27.03 9.24
N GLN C 55 -7.23 26.02 9.92
CA GLN C 55 -6.90 26.16 11.33
C GLN C 55 -5.59 25.42 11.61
N GLN C 56 -5.00 25.71 12.77
CA GLN C 56 -3.68 25.21 13.14
C GLN C 56 -2.66 25.52 12.05
N VAL C 57 -2.56 26.80 11.69
CA VAL C 57 -1.63 27.21 10.65
C VAL C 57 -0.24 27.29 11.27
N HIS C 58 0.77 26.80 10.54
CA HIS C 58 2.13 26.81 11.05
C HIS C 58 3.09 26.67 9.87
N ILE C 59 4.22 27.37 9.96
CA ILE C 59 5.24 27.37 8.92
C ILE C 59 6.58 26.96 9.52
N THR C 60 7.47 26.50 8.64
CA THR C 60 8.84 26.21 9.01
C THR C 60 9.68 26.30 7.73
N GLN C 61 10.99 26.32 7.91
CA GLN C 61 11.90 26.43 6.78
C GLN C 61 11.66 25.28 5.80
N GLY C 62 11.57 25.60 4.51
CA GLY C 62 11.26 24.60 3.51
C GLY C 62 12.45 24.08 2.72
N ASP C 63 13.61 24.69 2.90
CA ASP C 63 14.82 24.28 2.17
C ASP C 63 16.01 24.33 3.11
N LEU C 64 17.21 24.18 2.52
CA LEU C 64 18.43 24.13 3.31
C LEU C 64 18.91 25.51 3.74
N VAL C 65 18.72 26.53 2.91
CA VAL C 65 19.37 27.81 3.12
C VAL C 65 18.40 28.94 3.43
N GLY C 66 17.08 28.70 3.44
CA GLY C 66 16.11 29.72 3.80
C GLY C 66 15.29 30.33 2.66
N ARG C 67 15.39 29.82 1.44
CA ARG C 67 14.65 30.37 0.32
C ARG C 67 13.31 29.68 0.10
N ALA C 68 12.89 28.82 1.02
CA ALA C 68 11.64 28.09 0.87
C ALA C 68 11.00 27.95 2.25
N MET C 69 9.68 27.77 2.24
CA MET C 69 8.90 27.67 3.46
C MET C 69 7.86 26.58 3.29
N ILE C 70 7.72 25.73 4.30
CA ILE C 70 6.63 24.77 4.34
C ILE C 70 5.46 25.42 5.06
N ILE C 71 4.36 25.61 4.33
CA ILE C 71 3.12 26.14 4.89
C ILE C 71 2.24 24.96 5.21
N SER C 72 1.73 24.89 6.44
CA SER C 72 0.92 23.75 6.86
C SER C 72 -0.36 24.20 7.54
N TRP C 73 -1.45 23.46 7.31
CA TRP C 73 -2.69 23.78 8.00
C TRP C 73 -3.65 22.59 7.93
N VAL C 74 -4.79 22.76 8.62
CA VAL C 74 -5.82 21.74 8.77
C VAL C 74 -7.18 22.36 8.45
N THR C 75 -8.00 21.65 7.68
CA THR C 75 -9.39 21.98 7.51
C THR C 75 -10.25 20.83 8.04
N MET C 76 -11.39 21.16 8.67
CA MET C 76 -12.18 20.15 9.38
C MET C 76 -13.48 19.77 8.68
N ASP C 77 -14.02 20.61 7.82
CA ASP C 77 -15.32 20.37 7.22
C ASP C 77 -15.24 19.50 5.97
N GLU C 78 -14.24 19.71 5.11
CA GLU C 78 -14.04 18.91 3.92
C GLU C 78 -12.57 19.06 3.51
N PRO C 79 -12.09 18.23 2.57
CA PRO C 79 -10.67 18.29 2.18
C PRO C 79 -10.16 19.67 1.78
N GLY C 80 -10.90 20.41 0.95
CA GLY C 80 -10.46 21.73 0.55
C GLY C 80 -9.22 21.69 -0.33
N SER C 81 -8.71 22.88 -0.61
CA SER C 81 -7.59 23.03 -1.52
C SER C 81 -6.27 23.10 -0.77
N SER C 82 -5.24 22.45 -1.31
CA SER C 82 -3.88 22.56 -0.82
C SER C 82 -3.10 23.67 -1.51
N ALA C 83 -3.78 24.59 -2.17
CA ALA C 83 -3.07 25.68 -2.83
C ALA C 83 -2.78 26.79 -1.84
N VAL C 84 -1.65 27.47 -2.06
CA VAL C 84 -1.25 28.62 -1.24
C VAL C 84 -0.97 29.78 -2.20
N ARG C 85 -1.69 30.89 -2.00
CA ARG C 85 -1.39 32.10 -2.74
C ARG C 85 -0.41 32.93 -1.94
N TYR C 86 0.67 33.38 -2.59
CA TYR C 86 1.62 34.21 -1.90
C TYR C 86 2.16 35.31 -2.81
N TRP C 87 2.64 36.37 -2.18
CA TRP C 87 3.24 37.50 -2.87
C TRP C 87 4.06 38.29 -1.87
N SER C 88 5.13 38.89 -2.35
CA SER C 88 5.97 39.73 -1.50
C SER C 88 5.37 41.11 -1.37
N GLU C 89 5.59 41.74 -0.23
CA GLU C 89 5.14 43.12 -0.06
C GLU C 89 5.79 44.05 -1.07
N LYS C 90 6.90 43.62 -1.68
CA LYS C 90 7.57 44.40 -2.72
C LYS C 90 7.02 44.03 -4.10
N ASN C 91 7.70 43.11 -4.81
CA ASN C 91 7.44 42.90 -6.23
C ASN C 91 6.02 42.40 -6.50
N GLY C 92 5.31 41.95 -5.46
CA GLY C 92 3.86 42.01 -5.41
C GLY C 92 3.09 41.15 -6.38
N ARG C 93 3.76 40.34 -7.21
CA ARG C 93 3.03 39.40 -8.05
C ARG C 93 2.49 38.26 -7.21
N LYS C 94 1.20 37.97 -7.36
CA LYS C 94 0.55 36.92 -6.57
C LYS C 94 0.75 35.57 -7.25
N ARG C 95 1.47 34.67 -6.56
CA ARG C 95 1.78 33.35 -7.08
C ARG C 95 1.04 32.27 -6.30
N ILE C 96 1.01 31.07 -6.88
CA ILE C 96 0.28 29.92 -6.34
C ILE C 96 1.23 28.74 -6.23
N ALA C 97 1.38 28.19 -5.02
CA ALA C 97 2.03 26.90 -4.81
C ALA C 97 0.97 25.85 -4.48
N LYS C 98 1.19 24.61 -4.92
CA LYS C 98 0.27 23.51 -4.63
C LYS C 98 0.98 22.42 -3.80
N GLY C 99 0.26 21.89 -2.81
CA GLY C 99 0.85 20.90 -1.94
C GLY C 99 0.12 19.56 -1.97
N LYS C 100 0.15 18.83 -0.86
CA LYS C 100 -0.63 17.61 -0.75
C LYS C 100 -1.41 17.62 0.56
N MET C 101 -2.52 16.90 0.56
CA MET C 101 -3.37 16.69 1.72
C MET C 101 -3.20 15.26 2.21
N SER C 102 -3.46 15.05 3.49
CA SER C 102 -3.42 13.70 4.03
C SER C 102 -4.17 13.68 5.35
N THR C 103 -4.58 12.47 5.73
CA THR C 103 -5.33 12.21 6.95
C THR C 103 -4.71 11.03 7.69
N TYR C 104 -5.08 10.91 8.96
CA TYR C 104 -4.69 9.72 9.71
C TYR C 104 -5.76 9.43 10.73
N ARG C 105 -5.71 8.22 11.27
CA ARG C 105 -6.51 7.82 12.41
C ARG C 105 -5.59 7.43 13.55
N PHE C 106 -6.08 7.58 14.78
CA PHE C 106 -5.36 7.13 15.97
C PHE C 106 -6.40 6.53 16.90
N PHE C 107 -6.38 5.20 17.02
CA PHE C 107 -7.41 4.50 17.78
C PHE C 107 -8.78 4.92 17.27
N ASN C 108 -9.58 5.62 18.07
CA ASN C 108 -10.92 6.01 17.63
C ASN C 108 -10.99 7.48 17.19
N TYR C 109 -9.84 8.14 17.01
CA TYR C 109 -9.77 9.51 16.52
C TYR C 109 -9.55 9.53 15.01
N SER C 110 -10.32 10.37 14.31
CA SER C 110 -10.14 10.64 12.88
C SER C 110 -9.72 12.09 12.69
N SER C 111 -8.57 12.30 12.05
CA SER C 111 -8.04 13.64 11.89
C SER C 111 -8.89 14.45 10.91
N GLY C 112 -8.69 15.76 10.93
CA GLY C 112 -9.15 16.57 9.82
C GLY C 112 -8.26 16.36 8.61
N PHE C 113 -8.30 17.28 7.67
CA PHE C 113 -7.55 17.15 6.43
C PHE C 113 -6.33 18.05 6.53
N ILE C 114 -5.16 17.44 6.58
CA ILE C 114 -3.91 18.12 6.88
C ILE C 114 -3.24 18.50 5.57
N HIS C 115 -2.82 19.76 5.46
CA HIS C 115 -2.20 20.26 4.24
C HIS C 115 -0.77 20.68 4.54
N HIS C 116 0.12 20.32 3.63
CA HIS C 116 1.49 20.79 3.63
C HIS C 116 1.82 21.21 2.22
N THR C 117 2.34 22.42 2.06
CA THR C 117 2.67 22.97 0.77
C THR C 117 3.98 23.72 0.89
N THR C 118 4.91 23.45 -0.02
CA THR C 118 6.18 24.14 0.00
C THR C 118 6.15 25.29 -1.01
N ILE C 119 6.47 26.48 -0.54
CA ILE C 119 6.74 27.62 -1.39
CA ILE C 119 6.75 27.60 -1.42
C ILE C 119 8.25 27.70 -1.58
N ARG C 120 8.72 27.66 -2.81
CA ARG C 120 10.14 27.69 -3.12
C ARG C 120 10.50 28.99 -3.83
N LYS C 121 11.82 29.19 -3.97
CA LYS C 121 12.42 30.28 -4.73
C LYS C 121 12.00 31.66 -4.20
N LEU C 122 11.84 31.76 -2.88
CA LEU C 122 11.55 33.06 -2.29
C LEU C 122 12.77 33.97 -2.36
N LYS C 123 12.52 35.27 -2.27
CA LYS C 123 13.60 36.24 -2.12
C LYS C 123 14.05 36.29 -0.67
N TYR C 124 15.36 36.40 -0.47
CA TYR C 124 15.87 36.55 0.88
C TYR C 124 15.44 37.90 1.46
N ASN C 125 15.19 37.91 2.76
CA ASN C 125 15.06 39.14 3.52
C ASN C 125 13.91 40.01 3.00
N THR C 126 12.77 39.39 2.71
CA THR C 126 11.62 40.17 2.28
C THR C 126 10.36 39.63 2.94
N LYS C 127 9.43 40.54 3.22
CA LYS C 127 8.13 40.15 3.73
C LYS C 127 7.31 39.53 2.61
N TYR C 128 6.68 38.40 2.90
CA TYR C 128 5.69 37.78 2.02
C TYR C 128 4.33 37.77 2.72
N TYR C 129 3.27 37.74 1.91
CA TYR C 129 1.95 37.36 2.39
C TYR C 129 1.59 36.03 1.75
N TYR C 130 0.97 35.17 2.53
CA TYR C 130 0.41 33.96 2.00
C TYR C 130 -0.99 33.78 2.54
N GLU C 131 -1.84 33.20 1.70
CA GLU C 131 -3.19 32.88 2.13
C GLU C 131 -3.46 31.41 1.86
N VAL C 132 -4.30 30.84 2.73
CA VAL C 132 -4.70 29.46 2.68
C VAL C 132 -6.21 29.41 2.71
N GLY C 133 -6.78 28.32 2.19
CA GLY C 133 -8.21 28.11 2.22
C GLY C 133 -8.93 28.77 1.06
N LEU C 134 -8.39 28.59 -0.15
CA LEU C 134 -8.84 29.37 -1.30
C LEU C 134 -10.19 28.89 -1.82
N ARG C 135 -10.45 27.59 -1.73
CA ARG C 135 -11.72 27.06 -2.21
C ARG C 135 -12.93 27.57 -1.40
N ASN C 136 -12.73 28.01 -0.15
CA ASN C 136 -13.85 28.51 0.64
C ASN C 136 -13.43 29.69 1.54
N THR C 137 -13.26 29.47 2.83
CA THR C 137 -12.88 30.57 3.71
C THR C 137 -11.37 30.76 3.67
N THR C 138 -10.93 31.92 3.21
CA THR C 138 -9.52 32.25 3.09
C THR C 138 -9.04 32.94 4.35
N ARG C 139 -7.80 32.65 4.76
CA ARG C 139 -7.13 33.37 5.83
C ARG C 139 -5.75 33.80 5.34
N ARG C 140 -5.30 34.96 5.80
CA ARG C 140 -4.05 35.57 5.34
C ARG C 140 -3.06 35.72 6.49
N PHE C 141 -1.80 35.41 6.23
CA PHE C 141 -0.72 35.56 7.21
C PHE C 141 0.48 36.17 6.49
N SER C 142 1.58 36.34 7.22
CA SER C 142 2.83 36.80 6.60
C SER C 142 4.02 36.17 7.30
N PHE C 143 5.16 36.16 6.61
CA PHE C 143 6.45 35.85 7.19
C PHE C 143 7.50 36.72 6.51
N ILE C 144 8.70 36.68 7.05
CA ILE C 144 9.86 37.40 6.53
C ILE C 144 10.97 36.38 6.36
N THR C 145 11.32 36.09 5.11
CA THR C 145 12.42 35.19 4.81
C THR C 145 13.69 35.67 5.50
N PRO C 146 14.57 34.76 5.90
CA PRO C 146 15.81 35.17 6.55
C PRO C 146 16.76 35.81 5.54
N PRO C 147 17.78 36.51 6.01
CA PRO C 147 18.86 36.90 5.09
C PRO C 147 19.58 35.67 4.56
N GLN C 148 20.21 35.84 3.41
CA GLN C 148 21.08 34.80 2.90
C GLN C 148 22.10 34.42 3.96
N THR C 149 22.53 33.15 3.93
CA THR C 149 23.55 32.71 4.86
C THR C 149 24.84 33.48 4.62
N GLY C 150 25.52 33.83 5.70
CA GLY C 150 26.75 34.60 5.63
C GLY C 150 27.42 34.65 6.98
N LEU C 151 28.68 35.06 6.95
CA LEU C 151 29.53 34.94 8.13
C LEU C 151 29.08 35.85 9.25
N ASP C 152 28.58 37.05 8.93
CA ASP C 152 28.37 38.05 9.97
C ASP C 152 26.93 38.51 10.06
N VAL C 153 25.98 37.67 9.64
CA VAL C 153 24.57 38.04 9.61
C VAL C 153 23.93 37.88 10.99
N PRO C 154 23.44 38.95 11.62
CA PRO C 154 22.79 38.79 12.92
C PRO C 154 21.43 38.13 12.79
N TYR C 155 21.03 37.42 13.85
CA TYR C 155 19.75 36.72 13.87
C TYR C 155 19.43 36.33 15.29
N THR C 156 18.12 36.28 15.59
CA THR C 156 17.64 36.09 16.96
C THR C 156 16.73 34.89 17.01
N PHE C 157 17.15 33.85 17.74
CA PHE C 157 16.39 32.61 17.86
C PHE C 157 15.70 32.53 19.20
N GLY C 158 14.39 32.34 19.16
CA GLY C 158 13.66 31.92 20.34
C GLY C 158 13.96 30.47 20.68
N LEU C 159 14.02 30.20 21.98
CA LEU C 159 14.25 28.84 22.46
C LEU C 159 13.09 28.43 23.34
N ILE C 160 12.38 27.40 22.90
CA ILE C 160 11.21 26.88 23.60
C ILE C 160 11.31 25.36 23.59
N GLY C 161 11.08 24.75 24.75
CA GLY C 161 10.95 23.30 24.81
C GLY C 161 9.80 22.89 25.70
N ASP C 162 9.21 21.74 25.38
CA ASP C 162 8.21 21.11 26.24
C ASP C 162 7.05 22.08 26.51
N LEU C 163 6.47 22.62 25.43
CA LEU C 163 5.51 23.71 25.55
C LEU C 163 4.24 23.25 26.25
N GLY C 164 3.53 22.32 25.62
CA GLY C 164 2.25 21.93 26.16
C GLY C 164 1.20 23.00 25.98
N GLN C 165 0.11 22.82 26.74
CA GLN C 165 -1.04 23.69 26.67
C GLN C 165 -1.59 23.96 28.06
N SER C 166 -0.71 24.09 29.05
CA SER C 166 -1.15 24.56 30.34
C SER C 166 -1.25 26.09 30.33
N PHE C 167 -1.75 26.66 31.43
CA PHE C 167 -1.77 28.11 31.53
C PHE C 167 -0.35 28.67 31.53
N ASP C 168 0.62 27.94 32.10
CA ASP C 168 2.01 28.38 32.03
C ASP C 168 2.50 28.42 30.59
N SER C 169 2.11 27.42 29.79
CA SER C 169 2.44 27.40 28.37
C SER C 169 2.07 28.72 27.70
N ASN C 170 0.85 29.22 27.99
CA ASN C 170 0.38 30.45 27.37
C ASN C 170 1.19 31.65 27.84
N THR C 171 1.63 31.65 29.10
CA THR C 171 2.44 32.76 29.58
C THR C 171 3.80 32.76 28.92
N THR C 172 4.43 31.59 28.80
CA THR C 172 5.71 31.50 28.10
C THR C 172 5.59 32.08 26.69
N LEU C 173 4.53 31.70 25.97
CA LEU C 173 4.38 32.16 24.61
C LEU C 173 4.20 33.68 24.56
N SER C 174 3.38 34.23 25.46
CA SER C 174 3.24 35.68 25.55
C SER C 174 4.59 36.35 25.80
N HIS C 175 5.36 35.83 26.74
CA HIS C 175 6.66 36.42 27.01
C HIS C 175 7.55 36.40 25.78
N TYR C 176 7.48 35.32 24.99
CA TYR C 176 8.31 35.27 23.80
C TYR C 176 7.88 36.31 22.77
N GLU C 177 6.56 36.46 22.57
CA GLU C 177 6.04 37.39 21.57
C GLU C 177 6.26 38.83 21.96
N LEU C 178 6.22 39.15 23.26
CA LEU C 178 6.45 40.50 23.73
C LEU C 178 7.93 40.80 23.97
N SER C 179 8.82 39.88 23.60
CA SER C 179 10.23 40.04 23.87
C SER C 179 10.75 41.31 23.20
N PRO C 180 11.49 42.16 23.90
CA PRO C 180 12.24 43.22 23.21
C PRO C 180 13.31 42.68 22.28
N LYS C 181 13.82 41.48 22.56
CA LYS C 181 14.77 40.87 21.65
C LYS C 181 14.19 40.67 20.25
N LYS C 182 12.88 40.44 20.15
CA LYS C 182 12.21 40.23 18.87
C LYS C 182 12.74 38.98 18.14
N GLY C 183 12.33 37.81 18.61
CA GLY C 183 12.74 36.58 17.95
C GLY C 183 12.18 36.47 16.55
N GLN C 184 12.96 35.84 15.68
CA GLN C 184 12.61 35.69 14.28
C GLN C 184 12.33 34.25 13.89
N THR C 185 12.65 33.28 14.76
CA THR C 185 12.50 31.87 14.51
C THR C 185 12.57 31.17 15.86
N VAL C 186 11.80 30.10 16.02
CA VAL C 186 11.78 29.33 17.24
C VAL C 186 12.50 28.02 16.99
N LEU C 187 13.54 27.79 17.78
CA LEU C 187 14.19 26.48 17.85
C LEU C 187 13.46 25.68 18.92
N PHE C 188 12.69 24.70 18.50
CA PHE C 188 11.79 23.99 19.41
C PHE C 188 12.37 22.62 19.73
N VAL C 189 12.72 22.39 21.00
CA VAL C 189 13.51 21.21 21.36
C VAL C 189 12.64 20.03 21.75
N GLY C 190 11.38 20.03 21.36
CA GLY C 190 10.57 18.83 21.41
C GLY C 190 9.62 18.79 22.58
N ASP C 191 8.68 17.84 22.49
CA ASP C 191 7.49 17.70 23.32
C ASP C 191 6.55 18.88 23.07
N LEU C 192 5.62 18.68 22.15
CA LEU C 192 4.75 19.73 21.66
C LEU C 192 3.45 19.80 22.46
N SER C 193 2.50 18.88 22.16
CA SER C 193 1.13 19.02 22.65
C SER C 193 0.88 18.35 23.99
N TYR C 194 1.64 17.30 24.30
CA TYR C 194 1.43 16.48 25.49
C TYR C 194 0.10 15.75 25.45
N ALA C 195 -0.45 15.61 24.23
CA ALA C 195 -1.72 14.92 24.03
C ALA C 195 -1.68 13.47 24.47
N ASP C 196 -0.49 12.87 24.58
CA ASP C 196 -0.41 11.47 24.97
C ASP C 196 -0.76 11.27 26.44
N ARG C 197 -0.77 12.33 27.24
CA ARG C 197 -1.17 12.20 28.63
C ARG C 197 -2.65 11.91 28.78
N TYR C 198 -3.44 12.14 27.76
CA TYR C 198 -4.88 12.03 27.80
C TYR C 198 -5.33 10.63 27.44
N PRO C 199 -6.56 10.25 27.78
CA PRO C 199 -7.05 8.90 27.43
C PRO C 199 -7.00 8.66 25.92
N ASN C 200 -6.41 7.52 25.55
CA ASN C 200 -6.20 7.16 24.15
C ASN C 200 -5.44 8.27 23.41
N HIS C 201 -4.65 9.03 24.15
CA HIS C 201 -3.82 10.11 23.60
C HIS C 201 -4.66 11.19 22.95
N ASP C 202 -5.90 11.34 23.41
CA ASP C 202 -6.91 12.23 22.82
C ASP C 202 -6.33 13.24 21.84
N ASN C 203 -6.27 12.86 20.56
CA ASN C 203 -5.63 13.70 19.55
C ASN C 203 -6.36 15.02 19.29
N VAL C 204 -7.55 15.22 19.85
CA VAL C 204 -8.13 16.56 19.83
C VAL C 204 -7.17 17.57 20.48
N ARG C 205 -6.35 17.09 21.42
CA ARG C 205 -5.38 17.97 22.07
C ARG C 205 -4.18 18.29 21.18
N TRP C 206 -3.94 17.52 20.12
CA TRP C 206 -3.08 18.02 19.05
C TRP C 206 -3.74 19.21 18.35
N ASP C 207 -5.03 19.08 18.04
CA ASP C 207 -5.72 20.14 17.31
C ASP C 207 -5.75 21.42 18.11
N THR C 208 -6.08 21.32 19.40
CA THR C 208 -6.11 22.53 20.22
C THR C 208 -4.73 23.16 20.29
N TRP C 209 -3.68 22.35 20.44
CA TRP C 209 -2.33 22.89 20.51
C TRP C 209 -1.95 23.56 19.20
N GLY C 210 -2.37 22.97 18.07
CA GLY C 210 -2.15 23.62 16.79
C GLY C 210 -2.82 24.99 16.69
N ARG C 211 -4.04 25.09 17.22
CA ARG C 211 -4.75 26.37 17.18
C ARG C 211 -4.18 27.35 18.19
N PHE C 212 -3.64 26.85 19.30
CA PHE C 212 -3.04 27.73 20.30
C PHE C 212 -1.73 28.32 19.81
N THR C 213 -0.87 27.50 19.21
CA THR C 213 0.44 27.98 18.78
C THR C 213 0.38 28.76 17.48
N GLU C 214 -0.75 28.69 16.76
CA GLU C 214 -0.87 29.35 15.47
C GLU C 214 -0.41 30.80 15.53
N ARG C 215 -0.76 31.52 16.61
CA ARG C 215 -0.52 32.96 16.68
C ARG C 215 0.97 33.29 16.62
N SER C 216 1.85 32.33 16.90
CA SER C 216 3.27 32.50 16.64
C SER C 216 3.71 31.81 15.34
N VAL C 217 3.51 30.50 15.25
CA VAL C 217 4.16 29.75 14.17
C VAL C 217 3.49 29.93 12.82
N ALA C 218 2.34 30.59 12.74
CA ALA C 218 1.84 30.97 11.42
C ALA C 218 2.65 32.10 10.80
N TYR C 219 3.45 32.83 11.61
CA TYR C 219 4.15 34.02 11.16
C TYR C 219 5.66 33.89 11.09
N GLN C 220 6.25 32.99 11.87
CA GLN C 220 7.68 32.72 11.82
C GLN C 220 7.89 31.22 11.97
N PRO C 221 8.95 30.68 11.36
CA PRO C 221 9.18 29.23 11.47
C PRO C 221 9.46 28.81 12.90
N TRP C 222 8.91 27.67 13.26
CA TRP C 222 9.41 26.89 14.37
C TRP C 222 10.20 25.72 13.78
N ILE C 223 11.41 25.50 14.27
CA ILE C 223 12.22 24.39 13.81
C ILE C 223 11.96 23.24 14.76
N TRP C 224 11.43 22.13 14.24
CA TRP C 224 10.86 21.10 15.08
C TRP C 224 11.88 20.01 15.40
N THR C 225 11.95 19.68 16.69
CA THR C 225 12.64 18.51 17.23
C THR C 225 11.60 17.58 17.82
N ALA C 226 11.84 16.27 17.73
CA ALA C 226 10.91 15.28 18.25
C ALA C 226 11.31 14.89 19.66
N GLY C 227 10.37 14.99 20.60
CA GLY C 227 10.55 14.57 21.98
C GLY C 227 9.83 13.26 22.26
N ASN C 228 9.97 12.80 23.51
CA ASN C 228 9.39 11.50 23.85
C ASN C 228 7.88 11.51 23.89
N HIS C 229 7.25 12.66 24.09
CA HIS C 229 5.80 12.68 24.04
C HIS C 229 5.27 12.61 22.61
N GLU C 230 6.15 12.75 21.61
CA GLU C 230 5.77 12.57 20.23
C GLU C 230 5.82 11.11 19.80
N ILE C 231 6.48 10.25 20.57
CA ILE C 231 6.61 8.85 20.16
C ILE C 231 5.23 8.21 20.04
N GLU C 232 4.42 8.36 21.09
CA GLU C 232 3.06 7.84 21.14
C GLU C 232 3.03 6.38 20.71
N PHE C 233 3.89 5.59 21.33
CA PHE C 233 3.88 4.14 21.16
C PHE C 233 2.86 3.56 22.13
N ALA C 234 1.80 2.96 21.60
CA ALA C 234 0.68 2.48 22.40
C ALA C 234 0.12 1.19 21.83
N PRO C 235 0.86 0.08 21.92
CA PRO C 235 0.35 -1.20 21.41
C PRO C 235 -0.91 -1.66 22.10
N GLU C 236 -1.20 -1.14 23.30
CA GLU C 236 -2.40 -1.50 24.03
C GLU C 236 -3.66 -1.00 23.31
N ILE C 237 -3.55 0.04 22.49
CA ILE C 237 -4.63 0.45 21.60
C ILE C 237 -4.25 0.22 20.13
N ASN C 238 -3.27 -0.63 19.87
CA ASN C 238 -2.86 -0.97 18.49
C ASN C 238 -2.38 0.27 17.73
N GLU C 239 -1.64 1.14 18.41
CA GLU C 239 -0.98 2.29 17.78
C GLU C 239 0.52 2.14 18.01
N THR C 240 1.22 1.60 17.02
CA THR C 240 2.59 1.13 17.23
C THR C 240 3.61 1.81 16.31
N GLU C 241 3.23 2.84 15.55
CA GLU C 241 4.17 3.56 14.70
C GLU C 241 4.68 4.77 15.47
N PRO C 242 5.95 4.82 15.85
CA PRO C 242 6.44 5.99 16.59
C PRO C 242 6.24 7.27 15.78
N PHE C 243 5.88 8.34 16.49
CA PHE C 243 5.79 9.68 15.95
C PHE C 243 4.66 9.85 14.94
N LYS C 244 3.69 8.93 14.90
CA LYS C 244 2.68 8.99 13.85
C LYS C 244 1.93 10.31 13.84
N PRO C 245 1.24 10.73 14.92
CA PRO C 245 0.48 11.98 14.84
C PRO C 245 1.35 13.21 14.59
N PHE C 246 2.54 13.22 15.22
CA PHE C 246 3.45 14.34 15.05
C PHE C 246 3.96 14.41 13.62
N SER C 247 4.28 13.27 13.01
CA SER C 247 4.89 13.29 11.69
C SER C 247 3.87 13.60 10.61
N TYR C 248 2.58 13.30 10.84
CA TYR C 248 1.55 13.74 9.89
C TYR C 248 1.35 15.25 9.96
N ARG C 249 1.45 15.81 11.17
CA ARG C 249 1.06 17.20 11.41
C ARG C 249 2.19 18.20 11.23
N TYR C 250 3.44 17.78 11.38
CA TYR C 250 4.60 18.69 11.37
C TYR C 250 5.64 18.11 10.43
N HIS C 251 5.81 18.75 9.28
CA HIS C 251 6.76 18.28 8.29
C HIS C 251 8.03 19.11 8.38
N VAL C 252 9.13 18.51 7.95
CA VAL C 252 10.43 19.19 7.99
C VAL C 252 11.16 18.95 6.69
N PRO C 253 12.10 19.91 6.29
CA PRO C 253 12.83 19.80 5.02
C PRO C 253 14.02 18.84 5.09
N TYR C 254 13.74 17.61 5.54
CA TYR C 254 14.85 16.72 5.90
C TYR C 254 15.60 16.21 4.68
N GLU C 255 14.93 16.08 3.54
CA GLU C 255 15.61 15.70 2.32
C GLU C 255 16.63 16.74 1.87
N ALA C 256 16.48 18.01 2.29
CA ALA C 256 17.43 19.05 1.90
C ALA C 256 18.84 18.76 2.38
N SER C 257 18.98 18.04 3.50
CA SER C 257 20.28 17.65 4.01
C SER C 257 20.56 16.16 3.79
N GLN C 258 19.84 15.55 2.85
CA GLN C 258 20.05 14.15 2.49
C GLN C 258 19.80 13.20 3.66
N SER C 259 19.02 13.63 4.64
CA SER C 259 18.49 12.70 5.63
C SER C 259 17.44 11.81 4.97
N THR C 260 17.34 10.58 5.46
CA THR C 260 16.29 9.66 5.04
C THR C 260 15.12 9.64 5.99
N SER C 261 15.07 10.56 6.96
CA SER C 261 14.05 10.54 8.01
C SER C 261 13.76 11.95 8.50
N PRO C 262 12.50 12.27 8.79
CA PRO C 262 12.18 13.61 9.28
C PRO C 262 12.66 13.90 10.70
N PHE C 263 13.05 12.90 11.47
CA PHE C 263 13.39 13.13 12.86
C PHE C 263 14.84 13.54 13.09
N TRP C 264 15.67 13.52 12.05
CA TRP C 264 16.97 14.19 12.11
C TRP C 264 17.23 14.87 10.78
N TYR C 265 17.75 16.09 10.84
CA TYR C 265 17.95 16.90 9.66
C TYR C 265 18.71 18.16 10.05
N SER C 266 19.15 18.92 9.05
CA SER C 266 19.82 20.17 9.32
C SER C 266 19.28 21.27 8.42
N ILE C 267 19.43 22.51 8.87
CA ILE C 267 19.10 23.68 8.07
C ILE C 267 20.15 24.75 8.38
N LYS C 268 20.27 25.68 7.45
CA LYS C 268 21.08 26.87 7.64
C LYS C 268 20.17 28.09 7.61
N ARG C 269 20.35 29.01 8.54
CA ARG C 269 19.57 30.23 8.55
C ARG C 269 20.47 31.36 9.04
N ALA C 270 20.61 32.39 8.22
CA ALA C 270 21.55 33.47 8.48
C ALA C 270 22.93 32.89 8.74
N SER C 271 23.47 33.11 9.94
CA SER C 271 24.81 32.68 10.28
C SER C 271 24.83 31.39 11.09
N ALA C 272 23.73 30.67 11.14
CA ALA C 272 23.63 29.48 11.97
C ALA C 272 23.48 28.25 11.09
N HIS C 273 24.19 27.20 11.47
CA HIS C 273 23.96 25.85 10.96
C HIS C 273 23.36 25.06 12.11
N ILE C 274 22.11 24.62 11.95
CA ILE C 274 21.35 23.95 12.99
C ILE C 274 21.20 22.48 12.63
N ILE C 275 21.65 21.61 13.51
CA ILE C 275 21.52 20.17 13.36
C ILE C 275 20.49 19.68 14.37
N VAL C 276 19.45 19.02 13.87
CA VAL C 276 18.36 18.50 14.69
C VAL C 276 18.50 16.99 14.78
N LEU C 277 18.46 16.46 16.00
CA LEU C 277 18.70 15.04 16.22
C LEU C 277 17.50 14.42 16.91
N SER C 278 17.42 13.09 16.84
CA SER C 278 16.30 12.33 17.38
C SER C 278 16.80 11.46 18.53
N SER C 279 16.55 11.91 19.76
CA SER C 279 16.96 11.14 20.92
C SER C 279 16.30 9.76 20.96
N TYR C 280 15.15 9.60 20.30
CA TYR C 280 14.35 8.37 20.40
C TYR C 280 14.30 7.59 19.09
N SER C 281 15.27 7.79 18.21
CA SER C 281 15.54 6.95 17.07
C SER C 281 16.89 6.25 17.27
N ALA C 282 17.16 5.25 16.41
CA ALA C 282 18.42 4.53 16.49
C ALA C 282 19.62 5.46 16.28
N TYR C 283 20.70 5.21 17.03
CA TYR C 283 21.92 5.99 16.82
C TYR C 283 23.16 5.14 17.04
N GLY C 284 23.03 3.82 16.99
CA GLY C 284 24.21 2.97 17.01
C GLY C 284 25.05 3.16 15.77
N ARG C 285 26.30 2.69 15.86
CA ARG C 285 27.21 2.81 14.74
C ARG C 285 26.60 2.16 13.50
N GLY C 286 26.67 2.85 12.37
CA GLY C 286 26.12 2.35 11.12
C GLY C 286 24.63 2.56 10.94
N THR C 287 23.94 3.17 11.89
CA THR C 287 22.53 3.43 11.69
C THR C 287 22.35 4.66 10.79
N PRO C 288 21.19 4.81 10.17
CA PRO C 288 20.92 6.04 9.38
C PRO C 288 21.26 7.34 10.12
N GLN C 289 20.76 7.55 11.33
CA GLN C 289 21.00 8.82 12.00
C GLN C 289 22.49 9.01 12.28
N TYR C 290 23.11 7.98 12.87
CA TYR C 290 24.55 8.00 13.10
C TYR C 290 25.31 8.34 11.82
N THR C 291 25.04 7.59 10.75
CA THR C 291 25.72 7.81 9.47
C THR C 291 25.45 9.20 8.93
N TRP C 292 24.20 9.67 9.00
CA TRP C 292 23.89 11.00 8.48
C TRP C 292 24.62 12.09 9.26
N LEU C 293 24.52 12.05 10.59
CA LEU C 293 25.19 13.06 11.39
C LEU C 293 26.69 13.06 11.13
N LYS C 294 27.28 11.86 11.02
CA LYS C 294 28.71 11.75 10.76
C LYS C 294 29.10 12.47 9.48
N LYS C 295 28.30 12.32 8.42
CA LYS C 295 28.54 13.07 7.19
C LYS C 295 28.21 14.54 7.38
N GLU C 296 27.14 14.85 8.11
CA GLU C 296 26.65 16.22 8.17
C GLU C 296 27.68 17.16 8.80
N LEU C 297 28.39 16.69 9.84
CA LEU C 297 29.38 17.56 10.48
C LEU C 297 30.51 17.92 9.52
N ARG C 298 30.86 17.01 8.60
CA ARG C 298 31.87 17.31 7.59
C ARG C 298 31.42 18.37 6.60
N LYS C 299 30.12 18.60 6.44
CA LYS C 299 29.66 19.62 5.52
C LYS C 299 29.58 20.99 6.15
N VAL C 300 29.87 21.13 7.44
CA VAL C 300 29.71 22.42 8.09
C VAL C 300 30.84 23.34 7.67
N LYS C 301 30.49 24.54 7.20
CA LYS C 301 31.47 25.56 6.86
C LYS C 301 31.33 26.74 7.81
N ARG C 302 32.28 26.89 8.73
CA ARG C 302 32.14 27.93 9.75
C ARG C 302 32.44 29.31 9.20
N SER C 303 33.07 29.40 8.02
CA SER C 303 33.22 30.69 7.36
C SER C 303 31.96 31.11 6.63
N GLU C 304 31.00 30.19 6.45
CA GLU C 304 29.69 30.56 5.93
C GLU C 304 28.63 30.65 7.03
N THR C 305 28.54 29.65 7.92
CA THR C 305 27.68 29.74 9.09
C THR C 305 28.51 29.46 10.35
N PRO C 306 29.07 30.50 10.97
CA PRO C 306 29.98 30.28 12.11
C PRO C 306 29.29 29.71 13.37
N TRP C 307 27.97 29.79 13.48
CA TRP C 307 27.24 29.31 14.65
C TRP C 307 26.72 27.91 14.38
N LEU C 308 27.27 26.94 15.07
CA LEU C 308 26.84 25.55 14.95
C LEU C 308 25.99 25.22 16.18
N ILE C 309 24.72 24.95 15.94
CA ILE C 309 23.72 24.71 16.98
C ILE C 309 23.18 23.30 16.78
N VAL C 310 23.15 22.51 17.86
CA VAL C 310 22.56 21.17 17.83
C VAL C 310 21.32 21.18 18.71
N LEU C 311 20.25 20.58 18.22
CA LEU C 311 19.02 20.42 18.97
C LEU C 311 18.78 18.94 19.20
N MET C 312 18.33 18.61 20.40
CA MET C 312 17.97 17.24 20.71
C MET C 312 16.97 17.32 21.86
N HIS C 313 16.17 16.27 22.03
CA HIS C 313 15.20 16.40 23.11
C HIS C 313 15.84 16.14 24.47
N SER C 314 16.57 15.02 24.60
CA SER C 314 17.08 14.58 25.89
C SER C 314 18.47 15.16 26.14
N PRO C 315 18.70 15.88 27.24
CA PRO C 315 20.00 16.54 27.45
C PRO C 315 21.13 15.55 27.74
N LEU C 316 22.30 15.83 27.16
CA LEU C 316 23.48 15.02 27.45
C LEU C 316 24.10 15.39 28.80
N TYR C 317 23.98 16.66 29.19
CA TYR C 317 24.36 17.11 30.53
C TYR C 317 23.11 17.59 31.25
N ASN C 318 22.84 17.02 32.42
CA ASN C 318 21.62 17.31 33.17
C ASN C 318 21.86 16.97 34.64
N SER C 319 21.80 17.98 35.51
CA SER C 319 22.06 17.77 36.93
C SER C 319 20.78 17.79 37.77
N TYR C 320 19.62 17.64 37.14
CA TYR C 320 18.38 17.43 37.87
C TYR C 320 18.18 15.94 38.09
N ASN C 321 17.44 15.60 39.16
CA ASN C 321 17.13 14.19 39.41
C ASN C 321 16.26 13.60 38.30
N HIS C 322 15.23 14.33 37.88
CA HIS C 322 14.33 13.80 36.86
C HIS C 322 15.11 13.61 35.56
N HIS C 323 15.04 12.39 35.03
CA HIS C 323 15.72 12.00 33.79
C HIS C 323 17.23 12.03 33.91
N PHE C 324 17.75 12.09 35.14
CA PHE C 324 19.20 12.12 35.31
C PHE C 324 19.86 10.97 34.57
N MET C 325 20.88 11.31 33.78
CA MET C 325 21.72 10.40 32.98
C MET C 325 20.98 9.65 31.89
N GLU C 326 19.73 10.01 31.58
CA GLU C 326 19.07 9.45 30.41
C GLU C 326 19.87 9.73 29.14
N GLY C 327 20.54 10.87 29.07
CA GLY C 327 21.31 11.24 27.90
C GLY C 327 22.64 10.53 27.73
N GLU C 328 22.96 9.56 28.58
CA GLU C 328 24.27 8.94 28.54
C GLU C 328 24.50 8.15 27.26
N ALA C 329 23.47 7.47 26.76
CA ALA C 329 23.66 6.62 25.60
C ALA C 329 24.06 7.46 24.40
N MET C 330 23.29 8.49 24.08
CA MET C 330 23.64 9.35 22.96
C MET C 330 24.97 10.05 23.20
N ARG C 331 25.29 10.37 24.47
CA ARG C 331 26.55 11.06 24.75
C ARG C 331 27.74 10.20 24.36
N THR C 332 27.74 8.92 24.75
CA THR C 332 28.84 8.04 24.38
C THR C 332 29.07 8.06 22.88
N LYS C 333 27.99 8.19 22.09
CA LYS C 333 28.11 8.15 20.64
C LYS C 333 28.55 9.50 20.08
N PHE C 334 27.98 10.59 20.55
CA PHE C 334 28.10 11.84 19.81
C PHE C 334 28.89 12.94 20.50
N GLU C 335 29.18 12.84 21.80
CA GLU C 335 29.83 13.97 22.46
C GLU C 335 31.19 14.27 21.82
N ALA C 336 31.96 13.22 21.53
CA ALA C 336 33.29 13.44 20.97
C ALA C 336 33.24 14.13 19.62
N TRP C 337 32.13 13.95 18.88
CA TRP C 337 32.00 14.62 17.59
C TRP C 337 31.71 16.09 17.79
N PHE C 338 30.83 16.40 18.74
CA PHE C 338 30.51 17.77 19.08
C PHE C 338 31.76 18.55 19.47
N VAL C 339 32.67 17.88 20.17
CA VAL C 339 33.91 18.54 20.56
C VAL C 339 34.83 18.66 19.35
N LYS C 340 34.97 17.58 18.60
CA LYS C 340 35.81 17.59 17.41
C LYS C 340 35.44 18.75 16.52
N TYR C 341 34.14 19.00 16.35
CA TYR C 341 33.63 20.00 15.43
C TYR C 341 33.29 21.32 16.10
N LYS C 342 33.60 21.48 17.39
CA LYS C 342 33.44 22.75 18.10
C LYS C 342 32.02 23.29 17.96
N VAL C 343 31.04 22.43 18.20
CA VAL C 343 29.65 22.88 18.30
C VAL C 343 29.57 24.00 19.32
N ASP C 344 28.92 25.10 18.96
CA ASP C 344 28.84 26.23 19.87
C ASP C 344 27.88 25.97 21.05
N VAL C 345 26.71 25.39 20.77
CA VAL C 345 25.68 25.16 21.80
C VAL C 345 24.91 23.90 21.46
N VAL C 346 24.52 23.16 22.50
CA VAL C 346 23.56 22.07 22.38
C VAL C 346 22.35 22.44 23.23
N PHE C 347 21.18 22.55 22.60
CA PHE C 347 19.93 22.84 23.30
C PHE C 347 19.10 21.57 23.45
N ALA C 348 18.51 21.39 24.63
CA ALA C 348 17.66 20.24 24.90
C ALA C 348 16.51 20.65 25.83
N GLY C 349 15.46 19.84 25.82
CA GLY C 349 14.34 20.02 26.72
C GLY C 349 14.21 18.87 27.69
N HIS C 350 13.06 18.19 27.66
CA HIS C 350 12.81 16.96 28.41
C HIS C 350 12.73 17.22 29.92
N VAL C 351 13.78 17.79 30.51
CA VAL C 351 13.76 18.19 31.90
C VAL C 351 12.99 19.50 32.03
N HIS C 352 12.04 19.55 32.96
CA HIS C 352 11.10 20.67 33.01
C HIS C 352 11.67 21.80 33.87
N ALA C 353 12.74 22.39 33.36
CA ALA C 353 13.52 23.39 34.10
C ALA C 353 14.60 23.98 33.21
N TYR C 354 15.44 24.84 33.77
CA TYR C 354 16.47 25.54 33.03
C TYR C 354 17.83 25.22 33.61
N GLU C 355 18.77 24.87 32.73
CA GLU C 355 20.15 24.68 33.14
C GLU C 355 21.06 25.14 32.02
N ARG C 356 22.17 25.77 32.41
CA ARG C 356 23.25 26.13 31.49
C ARG C 356 24.55 25.55 32.03
N SER C 357 25.20 24.70 31.23
CA SER C 357 26.44 24.08 31.64
C SER C 357 27.62 25.02 31.40
N GLU C 358 28.75 24.66 31.98
CA GLU C 358 30.04 25.14 31.55
C GLU C 358 30.45 24.43 30.25
N ARG C 359 31.48 24.93 29.60
CA ARG C 359 32.06 24.21 28.46
C ARG C 359 32.90 23.06 28.98
N VAL C 360 32.36 21.84 28.89
CA VAL C 360 32.99 20.64 29.42
C VAL C 360 32.91 19.52 28.38
N SER C 361 33.82 18.56 28.52
CA SER C 361 33.71 17.31 27.79
C SER C 361 34.05 16.17 28.75
N ASN C 362 33.61 14.98 28.39
CA ASN C 362 33.75 13.77 29.18
C ASN C 362 33.94 12.63 28.19
N ILE C 363 35.00 12.76 27.38
CA ILE C 363 35.24 11.95 26.20
C ILE C 363 36.54 11.18 26.28
N ALA C 364 37.23 11.20 27.42
CA ALA C 364 38.53 10.58 27.59
C ALA C 364 38.45 9.22 28.26
N TYR C 365 37.25 8.73 28.52
CA TYR C 365 37.08 7.48 29.25
C TYR C 365 37.40 6.28 28.35
N LYS C 366 38.03 5.25 28.94
CA LYS C 366 38.43 4.05 28.19
C LYS C 366 38.21 2.78 29.03
N ILE C 367 37.12 2.74 29.81
CA ILE C 367 36.71 1.60 30.63
C ILE C 367 37.60 1.43 31.85
N THR C 368 38.91 1.26 31.63
CA THR C 368 39.87 0.99 32.71
C THR C 368 40.81 2.14 33.02
N ASN C 369 40.90 3.16 32.17
CA ASN C 369 41.78 4.26 32.49
C ASN C 369 41.23 5.16 33.61
N GLY C 370 39.98 4.97 34.04
CA GLY C 370 39.47 5.71 35.16
C GLY C 370 39.09 7.15 34.89
N LEU C 371 39.12 7.60 33.63
CA LEU C 371 38.95 9.01 33.27
C LEU C 371 37.50 9.26 32.89
N CYS C 372 36.65 9.45 33.92
CA CYS C 372 35.22 9.58 33.67
C CYS C 372 34.65 10.87 34.26
N THR C 373 35.49 11.88 34.51
CA THR C 373 35.03 13.14 35.04
C THR C 373 34.99 14.20 33.96
N PRO C 374 33.88 14.93 33.82
CA PRO C 374 33.87 16.07 32.90
C PRO C 374 34.94 17.07 33.30
N VAL C 375 35.49 17.75 32.30
CA VAL C 375 36.64 18.61 32.47
C VAL C 375 36.43 19.84 31.59
N LYS C 376 36.94 20.98 32.06
CA LYS C 376 36.82 22.19 31.27
C LYS C 376 37.47 21.98 29.91
N ASP C 377 36.77 22.40 28.85
CA ASP C 377 37.24 22.13 27.48
C ASP C 377 36.68 23.23 26.59
N GLN C 378 37.56 24.11 26.12
CA GLN C 378 37.16 25.25 25.34
C GLN C 378 36.84 24.89 23.89
N SER C 379 37.04 23.64 23.49
CA SER C 379 36.53 23.17 22.21
C SER C 379 35.10 22.64 22.30
N ALA C 380 34.55 22.51 23.51
CA ALA C 380 33.25 21.89 23.74
C ALA C 380 32.12 22.90 23.59
N PRO C 381 30.90 22.42 23.34
CA PRO C 381 29.73 23.28 23.40
C PRO C 381 29.31 23.57 24.83
N VAL C 382 28.46 24.59 24.96
CA VAL C 382 27.68 24.78 26.17
C VAL C 382 26.38 24.00 26.01
N TYR C 383 26.03 23.24 27.04
CA TYR C 383 24.81 22.45 27.04
C TYR C 383 23.74 23.22 27.81
N ILE C 384 22.63 23.51 27.14
CA ILE C 384 21.56 24.27 27.77
C ILE C 384 20.30 23.43 27.77
N THR C 385 19.72 23.25 28.96
CA THR C 385 18.41 22.64 29.14
C THR C 385 17.37 23.75 29.22
N ILE C 386 16.38 23.69 28.35
CA ILE C 386 15.47 24.82 28.22
C ILE C 386 14.06 24.25 28.08
N GLY C 387 13.80 23.13 28.76
CA GLY C 387 12.53 22.45 28.62
C GLY C 387 11.46 22.92 29.58
N ASP C 388 11.43 24.22 29.85
CA ASP C 388 10.60 24.75 30.93
C ASP C 388 9.48 25.68 30.43
N ALA C 389 8.96 25.45 29.21
CA ALA C 389 7.96 26.35 28.65
C ALA C 389 6.57 26.18 29.28
N GLY C 390 6.32 25.12 30.03
CA GLY C 390 5.04 25.05 30.71
C GLY C 390 4.46 23.67 30.80
N ASN C 391 4.73 22.84 29.80
CA ASN C 391 4.14 21.51 29.66
C ASN C 391 2.69 21.50 30.15
N TYR C 392 2.37 20.59 31.05
CA TYR C 392 1.04 20.52 31.67
C TYR C 392 1.03 21.12 33.09
N GLY C 393 1.98 22.02 33.38
CA GLY C 393 1.94 22.80 34.59
C GLY C 393 2.91 22.41 35.68
N VAL C 394 3.80 21.46 35.44
CA VAL C 394 4.66 20.90 36.47
C VAL C 394 6.11 21.27 36.21
N ILE C 395 6.83 21.63 37.28
CA ILE C 395 8.23 21.98 37.24
C ILE C 395 9.03 20.80 37.79
N ASP C 396 10.23 20.57 37.25
CA ASP C 396 11.17 19.65 37.87
C ASP C 396 12.06 20.46 38.82
N SER C 397 11.88 20.25 40.12
CA SER C 397 12.63 21.04 41.10
C SER C 397 13.76 20.29 41.79
N ASN C 398 13.70 18.96 41.90
CA ASN C 398 14.74 18.25 42.62
C ASN C 398 16.01 18.19 41.81
N MET C 399 17.12 18.62 42.42
CA MET C 399 18.42 18.72 41.76
C MET C 399 19.44 17.85 42.46
N ILE C 400 20.41 17.36 41.68
CA ILE C 400 21.57 16.69 42.24
C ILE C 400 22.31 17.67 43.14
N GLN C 401 22.73 17.19 44.32
CA GLN C 401 23.46 18.04 45.23
C GLN C 401 24.82 17.44 45.56
N PRO C 402 25.88 18.24 45.61
CA PRO C 402 25.80 19.66 45.27
C PRO C 402 25.77 19.88 43.75
N GLN C 403 25.51 21.11 43.34
CA GLN C 403 25.62 21.49 41.94
C GLN C 403 26.98 21.05 41.40
N PRO C 404 27.03 20.14 40.43
CA PRO C 404 28.33 19.73 39.88
C PRO C 404 29.04 20.90 39.22
N GLU C 405 30.36 20.76 39.11
CA GLU C 405 31.18 21.82 38.52
C GLU C 405 30.85 22.03 37.05
N TYR C 406 30.32 21.00 36.38
CA TYR C 406 29.98 21.18 34.98
C TYR C 406 28.75 22.05 34.77
N SER C 407 28.03 22.38 35.84
CA SER C 407 26.78 23.12 35.77
C SER C 407 27.02 24.57 36.17
N ALA C 408 26.75 25.49 35.26
CA ALA C 408 27.01 26.89 35.58
C ALA C 408 25.84 27.54 36.32
N PHE C 409 24.61 27.20 35.95
CA PHE C 409 23.43 27.88 36.45
C PHE C 409 22.25 26.97 36.22
N ARG C 410 21.39 26.83 37.23
CA ARG C 410 20.19 26.00 37.04
C ARG C 410 19.05 26.58 37.86
N GLU C 411 17.83 26.46 37.35
CA GLU C 411 16.68 26.94 38.11
C GLU C 411 15.40 26.26 37.65
N ALA C 412 14.53 25.99 38.63
CA ALA C 412 13.20 25.43 38.39
C ALA C 412 12.15 26.55 38.31
N SER C 413 12.19 27.25 37.18
CA SER C 413 11.16 28.21 36.83
C SER C 413 10.76 27.98 35.38
N PHE C 414 9.51 28.29 35.07
CA PHE C 414 9.02 28.27 33.71
C PHE C 414 9.61 29.43 32.93
N GLY C 415 9.87 29.21 31.65
CA GLY C 415 10.34 30.31 30.83
C GLY C 415 10.80 29.83 29.46
N HIS C 416 11.59 30.68 28.82
CA HIS C 416 12.06 30.46 27.47
C HIS C 416 13.41 31.13 27.31
N GLY C 417 14.10 30.82 26.21
CA GLY C 417 15.40 31.39 25.98
C GLY C 417 15.43 32.18 24.68
N MET C 418 16.45 33.02 24.50
CA MET C 418 16.71 33.68 23.23
C MET C 418 18.19 33.57 22.95
N PHE C 419 18.53 33.12 21.74
CA PHE C 419 19.91 33.07 21.27
C PHE C 419 20.04 34.16 20.21
N ASP C 420 20.69 35.26 20.58
CA ASP C 420 20.72 36.47 19.76
C ASP C 420 22.11 36.67 19.14
N ILE C 421 22.29 36.16 17.93
CA ILE C 421 23.57 36.25 17.25
C ILE C 421 23.83 37.68 16.82
N LYS C 422 24.94 38.25 17.30
CA LYS C 422 25.34 39.59 16.89
C LYS C 422 26.26 39.57 15.67
N ASN C 423 27.11 38.57 15.57
CA ASN C 423 28.05 38.49 14.47
C ASN C 423 28.84 37.20 14.60
N ARG C 424 29.93 37.08 13.85
CA ARG C 424 30.67 35.84 13.87
C ARG C 424 31.36 35.58 15.21
N THR C 425 31.58 36.59 16.04
CA THR C 425 32.28 36.33 17.29
C THR C 425 31.35 36.21 18.49
N HIS C 426 30.27 37.00 18.54
CA HIS C 426 29.45 37.14 19.74
C HIS C 426 28.02 36.73 19.45
N ALA C 427 27.46 35.92 20.34
CA ALA C 427 26.03 35.66 20.39
C ALA C 427 25.58 35.78 21.84
N HIS C 428 24.52 36.52 22.08
CA HIS C 428 24.02 36.76 23.41
C HIS C 428 22.87 35.81 23.69
N PHE C 429 23.02 34.99 24.72
CA PHE C 429 21.94 34.13 25.18
C PHE C 429 21.33 34.68 26.46
N SER C 430 20.01 34.75 26.50
CA SER C 430 19.30 35.22 27.68
C SER C 430 18.16 34.27 27.99
N TRP C 431 17.86 34.13 29.28
CA TRP C 431 16.76 33.31 29.77
C TRP C 431 15.78 34.21 30.50
N ASN C 432 14.51 34.14 30.11
CA ASN C 432 13.47 34.98 30.70
C ASN C 432 12.49 34.09 31.43
N ARG C 433 12.17 34.48 32.67
CA ARG C 433 11.26 33.74 33.53
C ARG C 433 9.84 34.25 33.37
N ASN C 434 8.89 33.34 33.55
CA ASN C 434 7.48 33.74 33.53
C ASN C 434 7.14 34.67 34.69
N GLN C 435 7.68 34.41 35.87
CA GLN C 435 7.36 35.31 36.98
C GLN C 435 7.99 36.69 36.84
N ASP C 436 8.76 36.97 35.79
CA ASP C 436 9.43 38.26 35.63
C ASP C 436 8.74 39.09 34.56
N GLY C 437 9.13 40.37 34.48
CA GLY C 437 8.72 41.19 33.36
C GLY C 437 9.38 40.73 32.08
N VAL C 438 8.72 41.01 30.94
CA VAL C 438 9.16 40.41 29.69
C VAL C 438 10.52 40.91 29.22
N ALA C 439 11.04 42.02 29.74
CA ALA C 439 12.38 42.47 29.37
C ALA C 439 13.45 41.96 30.31
N VAL C 440 13.09 41.19 31.32
CA VAL C 440 13.98 40.81 32.39
C VAL C 440 14.69 39.52 32.02
N GLU C 441 16.02 39.52 32.10
CA GLU C 441 16.84 38.35 31.87
C GLU C 441 17.33 37.87 33.23
N ALA C 442 16.75 36.78 33.73
CA ALA C 442 17.25 36.21 34.99
C ALA C 442 18.62 35.56 34.79
N ASP C 443 18.90 35.07 33.59
CA ASP C 443 20.23 34.54 33.27
C ASP C 443 20.65 35.03 31.90
N SER C 444 21.92 35.40 31.80
CA SER C 444 22.40 36.15 30.66
C SER C 444 23.88 35.81 30.51
N VAL C 445 24.34 35.65 29.28
CA VAL C 445 25.69 35.16 29.04
C VAL C 445 26.05 35.41 27.58
N TRP C 446 27.28 35.82 27.36
CA TRP C 446 27.78 35.99 26.01
C TRP C 446 28.42 34.68 25.55
N PHE C 447 27.96 34.20 24.40
CA PHE C 447 28.62 33.11 23.68
C PHE C 447 29.72 33.69 22.80
N PHE C 448 30.94 33.23 23.01
CA PHE C 448 32.05 33.54 22.13
C PHE C 448 32.24 32.36 21.19
N ASN C 449 32.26 32.65 19.89
CA ASN C 449 32.17 31.63 18.86
C ASN C 449 33.33 30.65 18.98
N ARG C 450 33.03 29.35 18.87
CA ARG C 450 34.08 28.36 19.04
C ARG C 450 35.11 28.39 17.91
N HIS C 451 34.74 28.87 16.74
CA HIS C 451 35.64 28.88 15.60
C HIS C 451 36.38 30.20 15.44
N TRP C 452 35.70 31.32 15.64
CA TRP C 452 36.26 32.65 15.42
C TRP C 452 36.73 33.32 16.71
N TYR C 453 36.26 32.87 17.88
CA TYR C 453 36.59 33.60 19.08
C TYR C 453 36.54 32.71 20.31
N PRO C 454 37.24 31.59 20.31
CA PRO C 454 37.02 30.57 21.36
C PRO C 454 37.70 30.95 22.68
N VAL C 455 37.08 31.86 23.42
CA VAL C 455 37.61 32.27 24.71
C VAL C 455 36.61 31.87 25.79
N ASP C 456 37.09 31.73 27.02
CA ASP C 456 36.30 31.32 28.18
C ASP C 456 35.03 32.15 28.38
N ASP C 457 33.87 31.51 28.20
CA ASP C 457 32.60 32.16 28.44
C ASP C 457 31.72 31.35 29.40
N ASN D 35 2.18 -19.28 -35.28
CA ASN D 35 3.56 -18.93 -34.96
C ASN D 35 4.43 -18.66 -36.18
N ARG D 36 4.33 -17.44 -36.72
CA ARG D 36 5.34 -16.89 -37.60
C ARG D 36 6.14 -15.80 -36.87
N ASP D 37 6.11 -15.83 -35.53
CA ASP D 37 6.80 -14.83 -34.74
C ASP D 37 8.28 -14.87 -35.05
N MET D 38 8.90 -13.70 -35.00
CA MET D 38 10.32 -13.62 -35.29
C MET D 38 11.11 -14.23 -34.13
N PRO D 39 12.22 -14.90 -34.43
CA PRO D 39 13.02 -15.50 -33.37
C PRO D 39 13.78 -14.44 -32.59
N LEU D 40 14.13 -14.80 -31.35
CA LEU D 40 14.69 -13.84 -30.39
C LEU D 40 16.00 -13.22 -30.87
N ASP D 41 16.75 -13.91 -31.74
CA ASP D 41 18.00 -13.33 -32.21
C ASP D 41 17.83 -12.51 -33.49
N SER D 42 16.61 -12.10 -33.82
CA SER D 42 16.40 -11.27 -34.99
C SER D 42 16.98 -9.88 -34.79
N ASP D 43 17.39 -9.27 -35.91
CA ASP D 43 18.02 -7.95 -35.85
C ASP D 43 17.12 -6.90 -35.22
N VAL D 44 15.80 -6.98 -35.47
CA VAL D 44 14.88 -6.02 -34.89
C VAL D 44 14.80 -6.12 -33.37
N PHE D 45 15.37 -7.17 -32.77
CA PHE D 45 15.39 -7.31 -31.33
C PHE D 45 16.75 -7.01 -30.72
N ARG D 46 17.66 -6.42 -31.50
CA ARG D 46 18.99 -6.07 -31.01
C ARG D 46 18.90 -5.19 -29.76
N VAL D 47 19.75 -5.47 -28.78
CA VAL D 47 19.85 -4.65 -27.57
C VAL D 47 20.84 -3.52 -27.84
N PRO D 48 20.46 -2.27 -27.65
CA PRO D 48 21.41 -1.16 -27.78
C PRO D 48 22.62 -1.39 -26.90
N PRO D 49 23.83 -1.20 -27.45
CA PRO D 49 25.05 -1.52 -26.71
C PRO D 49 25.37 -0.46 -25.67
N GLY D 50 26.18 -0.86 -24.70
CA GLY D 50 26.64 0.08 -23.70
C GLY D 50 25.95 -0.16 -22.38
N TYR D 51 26.66 0.14 -21.29
CA TYR D 51 26.15 -0.21 -19.98
C TYR D 51 24.85 0.54 -19.69
N ASN D 52 23.80 -0.22 -19.42
CA ASN D 52 22.48 0.31 -19.03
C ASN D 52 21.86 1.18 -20.13
N ALA D 53 22.22 0.89 -21.38
CA ALA D 53 21.69 1.64 -22.51
C ALA D 53 20.16 1.59 -22.48
N PRO D 54 19.48 2.72 -22.58
CA PRO D 54 18.02 2.70 -22.69
C PRO D 54 17.57 1.95 -23.94
N GLN D 55 16.63 1.04 -23.77
CA GLN D 55 15.98 0.33 -24.86
C GLN D 55 14.47 0.53 -24.77
N GLN D 56 13.77 0.07 -25.80
CA GLN D 56 12.31 0.15 -25.84
C GLN D 56 11.85 1.59 -25.65
N VAL D 57 12.56 2.52 -26.28
CA VAL D 57 12.19 3.92 -26.19
C VAL D 57 10.91 4.16 -26.98
N HIS D 58 9.96 4.87 -26.38
CA HIS D 58 8.72 5.18 -27.07
C HIS D 58 8.10 6.43 -26.48
N ILE D 59 7.37 7.14 -27.32
CA ILE D 59 6.84 8.45 -26.97
C ILE D 59 5.36 8.49 -27.28
N THR D 60 4.63 9.30 -26.52
CA THR D 60 3.24 9.58 -26.85
C THR D 60 2.91 10.99 -26.38
N GLN D 61 1.79 11.53 -26.88
CA GLN D 61 1.38 12.86 -26.47
C GLN D 61 1.19 12.90 -24.96
N GLY D 62 1.65 13.97 -24.33
CA GLY D 62 1.63 14.04 -22.87
C GLY D 62 0.59 14.99 -22.29
N ASP D 63 -0.09 15.74 -23.16
CA ASP D 63 -1.13 16.65 -22.71
C ASP D 63 -2.38 16.51 -23.57
N LEU D 64 -3.32 17.44 -23.43
CA LEU D 64 -4.55 17.38 -24.21
C LEU D 64 -4.35 17.88 -25.63
N VAL D 65 -3.50 18.88 -25.84
CA VAL D 65 -3.49 19.61 -27.10
C VAL D 65 -2.22 19.42 -27.91
N GLY D 66 -1.14 18.91 -27.33
CA GLY D 66 0.02 18.56 -28.14
C GLY D 66 1.32 19.26 -27.76
N ARG D 67 1.32 20.01 -26.68
CA ARG D 67 2.52 20.69 -26.21
C ARG D 67 3.34 19.85 -25.24
N ALA D 68 2.99 18.58 -25.07
CA ALA D 68 3.67 17.73 -24.11
C ALA D 68 3.85 16.34 -24.71
N MET D 69 4.89 15.65 -24.23
CA MET D 69 5.29 14.34 -24.72
C MET D 69 5.66 13.49 -23.52
N ILE D 70 5.11 12.28 -23.44
CA ILE D 70 5.55 11.29 -22.47
C ILE D 70 6.65 10.48 -23.12
N ILE D 71 7.81 10.47 -22.50
CA ILE D 71 8.98 9.75 -23.00
C ILE D 71 9.15 8.53 -22.12
N SER D 72 9.13 7.36 -22.74
CA SER D 72 9.16 6.11 -22.01
C SER D 72 10.33 5.25 -22.48
N TRP D 73 10.95 4.51 -21.55
CA TRP D 73 12.02 3.59 -21.92
C TRP D 73 12.30 2.65 -20.77
N VAL D 74 13.15 1.65 -21.04
CA VAL D 74 13.47 0.58 -20.11
C VAL D 74 14.99 0.46 -20.00
N THR D 75 15.51 0.53 -18.78
CA THR D 75 16.91 0.15 -18.53
C THR D 75 16.94 -1.19 -17.82
N MET D 76 17.91 -2.02 -18.20
CA MET D 76 17.97 -3.41 -17.76
C MET D 76 19.06 -3.72 -16.77
N ASP D 77 20.08 -2.88 -16.67
CA ASP D 77 21.22 -3.20 -15.83
C ASP D 77 21.11 -2.64 -14.42
N GLU D 78 20.45 -1.50 -14.26
CA GLU D 78 20.19 -0.90 -12.96
C GLU D 78 19.15 0.20 -13.17
N PRO D 79 18.53 0.70 -12.07
CA PRO D 79 17.46 1.70 -12.20
C PRO D 79 17.78 2.83 -13.18
N GLY D 80 18.98 3.41 -13.11
CA GLY D 80 19.28 4.51 -14.00
C GLY D 80 18.46 5.75 -13.66
N SER D 81 18.73 6.84 -14.32
CA SER D 81 18.02 8.08 -14.04
C SER D 81 16.81 8.21 -14.95
N SER D 82 15.70 8.70 -14.39
CA SER D 82 14.51 8.98 -15.18
C SER D 82 14.52 10.36 -15.82
N ALA D 83 15.67 11.02 -15.87
CA ALA D 83 15.74 12.35 -16.45
C ALA D 83 15.86 12.31 -17.97
N VAL D 84 15.28 13.31 -18.63
CA VAL D 84 15.31 13.45 -20.08
C VAL D 84 15.86 14.82 -20.42
N ARG D 85 16.96 14.86 -21.17
CA ARG D 85 17.52 16.11 -21.64
C ARG D 85 16.98 16.36 -23.04
N TYR D 86 16.47 17.56 -23.27
CA TYR D 86 15.80 17.85 -24.51
C TYR D 86 16.01 19.30 -24.87
N TRP D 87 15.96 19.58 -26.17
CA TRP D 87 16.15 20.92 -26.70
C TRP D 87 15.62 20.96 -28.12
N SER D 88 15.07 22.10 -28.50
CA SER D 88 14.58 22.24 -29.87
C SER D 88 15.74 22.36 -30.85
N GLU D 89 15.53 21.90 -32.08
CA GLU D 89 16.54 22.13 -33.11
C GLU D 89 16.68 23.62 -33.39
N LYS D 90 15.59 24.35 -33.26
CA LYS D 90 15.56 25.81 -33.30
C LYS D 90 16.65 26.38 -32.42
N ASN D 91 16.41 26.42 -31.11
CA ASN D 91 17.33 27.03 -30.15
C ASN D 91 17.91 25.95 -29.25
N GLY D 92 19.24 25.88 -29.20
CA GLY D 92 19.90 24.91 -28.36
C GLY D 92 19.95 25.29 -26.89
N ARG D 93 18.79 25.46 -26.25
CA ARG D 93 18.70 25.69 -24.81
C ARG D 93 18.38 24.36 -24.14
N LYS D 94 19.41 23.65 -23.67
CA LYS D 94 19.22 22.29 -23.15
C LYS D 94 18.54 22.32 -21.79
N ARG D 95 17.40 21.62 -21.70
CA ARG D 95 16.60 21.51 -20.49
C ARG D 95 16.55 20.07 -20.00
N ILE D 96 16.17 19.89 -18.74
CA ILE D 96 16.05 18.56 -18.15
C ILE D 96 14.62 18.39 -17.65
N ALA D 97 14.00 17.27 -18.03
CA ALA D 97 12.75 16.84 -17.45
C ALA D 97 12.99 15.63 -16.56
N LYS D 98 12.39 15.63 -15.38
CA LYS D 98 12.53 14.54 -14.42
C LYS D 98 11.24 13.74 -14.38
N GLY D 99 11.38 12.41 -14.36
CA GLY D 99 10.26 11.50 -14.45
C GLY D 99 10.23 10.52 -13.30
N LYS D 100 9.64 9.35 -13.56
CA LYS D 100 9.40 8.35 -12.53
C LYS D 100 9.78 6.97 -13.06
N MET D 101 10.29 6.14 -12.16
CA MET D 101 10.69 4.77 -12.46
C MET D 101 9.76 3.80 -11.76
N SER D 102 9.42 2.71 -12.43
CA SER D 102 8.59 1.69 -11.82
C SER D 102 9.07 0.33 -12.32
N THR D 103 8.67 -0.72 -11.58
CA THR D 103 8.96 -2.10 -11.94
C THR D 103 7.72 -2.93 -11.69
N TYR D 104 7.64 -4.09 -12.32
CA TYR D 104 6.58 -5.03 -12.02
C TYR D 104 7.12 -6.45 -12.11
N ARG D 105 6.35 -7.39 -11.59
CA ARG D 105 6.60 -8.81 -11.78
C ARG D 105 5.37 -9.41 -12.44
N PHE D 106 5.57 -10.53 -13.14
CA PHE D 106 4.45 -11.28 -13.71
C PHE D 106 4.83 -12.74 -13.66
N PHE D 107 4.14 -13.52 -12.82
CA PHE D 107 4.50 -14.91 -12.56
C PHE D 107 5.99 -14.94 -12.21
N ASN D 108 6.79 -15.73 -12.93
CA ASN D 108 8.21 -15.84 -12.64
C ASN D 108 9.07 -14.86 -13.46
N TYR D 109 8.44 -13.94 -14.19
CA TYR D 109 9.14 -12.87 -14.88
C TYR D 109 9.32 -11.65 -13.98
N SER D 110 10.50 -11.05 -14.01
CA SER D 110 10.79 -9.80 -13.33
C SER D 110 11.20 -8.74 -14.34
N SER D 111 10.53 -7.59 -14.30
CA SER D 111 10.76 -6.56 -15.30
C SER D 111 12.09 -5.84 -15.04
N GLY D 112 12.60 -5.21 -16.11
CA GLY D 112 13.63 -4.20 -15.98
C GLY D 112 13.07 -2.92 -15.39
N PHE D 113 13.80 -1.83 -15.50
CA PHE D 113 13.43 -0.58 -14.86
C PHE D 113 12.76 0.34 -15.86
N ILE D 114 11.48 0.63 -15.61
CA ILE D 114 10.62 1.29 -16.58
C ILE D 114 10.55 2.77 -16.24
N HIS D 115 10.84 3.61 -17.22
CA HIS D 115 10.87 5.05 -17.02
C HIS D 115 9.76 5.68 -17.85
N HIS D 116 9.01 6.60 -17.23
CA HIS D 116 8.04 7.45 -17.90
C HIS D 116 8.31 8.87 -17.46
N THR D 117 8.54 9.76 -18.42
CA THR D 117 8.86 11.16 -18.13
C THR D 117 8.10 12.04 -19.09
N THR D 118 7.36 13.01 -18.56
CA THR D 118 6.63 13.94 -19.40
C THR D 118 7.45 15.20 -19.61
N ILE D 119 7.71 15.52 -20.86
CA ILE D 119 8.22 16.83 -21.25
C ILE D 119 7.02 17.75 -21.49
N ARG D 120 6.92 18.84 -20.73
CA ARG D 120 5.80 19.76 -20.86
C ARG D 120 6.21 21.12 -21.45
N LYS D 121 5.20 21.88 -21.87
CA LYS D 121 5.37 23.27 -22.33
C LYS D 121 6.20 23.40 -23.60
N LEU D 122 6.10 22.44 -24.52
CA LEU D 122 6.86 22.50 -25.76
C LEU D 122 6.25 23.50 -26.73
N LYS D 123 7.08 23.98 -27.66
CA LYS D 123 6.62 24.84 -28.75
C LYS D 123 5.93 24.00 -29.83
N TYR D 124 4.88 24.56 -30.41
CA TYR D 124 4.19 23.87 -31.50
C TYR D 124 5.04 23.82 -32.75
N ASN D 125 4.84 22.76 -33.53
CA ASN D 125 5.40 22.65 -34.87
C ASN D 125 6.93 22.80 -34.87
N THR D 126 7.57 22.10 -33.93
CA THR D 126 8.98 22.29 -33.63
C THR D 126 9.63 20.93 -33.45
N LYS D 127 10.76 20.71 -34.13
CA LYS D 127 11.56 19.52 -33.90
C LYS D 127 12.37 19.67 -32.63
N TYR D 128 12.27 18.68 -31.76
CA TYR D 128 13.03 18.61 -30.52
C TYR D 128 13.95 17.40 -30.55
N TYR D 129 15.10 17.53 -29.92
CA TYR D 129 15.93 16.39 -29.63
C TYR D 129 15.74 16.02 -28.17
N TYR D 130 15.84 14.74 -27.86
CA TYR D 130 15.83 14.32 -26.47
C TYR D 130 16.80 13.17 -26.29
N GLU D 131 17.36 13.07 -25.07
CA GLU D 131 18.35 12.04 -24.74
C GLU D 131 17.94 11.38 -23.44
N VAL D 132 18.04 10.04 -23.42
CA VAL D 132 17.73 9.25 -22.24
C VAL D 132 18.95 8.40 -21.91
N GLY D 133 18.97 7.86 -20.68
CA GLY D 133 20.14 7.14 -20.21
C GLY D 133 21.27 8.02 -19.77
N LEU D 134 20.95 9.15 -19.13
CA LEU D 134 21.93 10.18 -18.80
C LEU D 134 23.05 9.61 -17.93
N ARG D 135 22.69 8.95 -16.83
CA ARG D 135 23.70 8.49 -15.89
C ARG D 135 24.73 7.58 -16.55
N ASN D 136 24.33 6.78 -17.55
CA ASN D 136 25.23 5.77 -18.10
C ASN D 136 25.37 5.94 -19.60
N THR D 137 24.89 4.96 -20.37
CA THR D 137 24.92 5.06 -21.82
C THR D 137 23.76 5.91 -22.32
N THR D 138 24.06 7.01 -23.03
CA THR D 138 23.03 7.91 -23.50
C THR D 138 22.61 7.55 -24.92
N ARG D 139 21.32 7.69 -25.22
CA ARG D 139 20.81 7.59 -26.57
C ARG D 139 19.96 8.82 -26.89
N ARG D 140 20.06 9.25 -28.14
CA ARG D 140 19.46 10.49 -28.60
C ARG D 140 18.40 10.18 -29.65
N PHE D 141 17.27 10.86 -29.56
CA PHE D 141 16.19 10.73 -30.53
C PHE D 141 15.65 12.12 -30.82
N SER D 142 14.56 12.16 -31.59
CA SER D 142 13.90 13.41 -31.89
C SER D 142 12.43 13.16 -32.18
N PHE D 143 11.68 14.23 -32.19
CA PHE D 143 10.28 14.20 -32.55
C PHE D 143 9.90 15.61 -32.93
N ILE D 144 8.77 15.74 -33.61
CA ILE D 144 8.30 17.06 -34.03
C ILE D 144 6.91 17.27 -33.45
N THR D 145 6.74 18.35 -32.70
CA THR D 145 5.44 18.65 -32.14
C THR D 145 4.45 18.99 -33.25
N PRO D 146 3.16 18.73 -33.03
CA PRO D 146 2.16 19.10 -34.03
C PRO D 146 1.95 20.61 -34.02
N PRO D 147 1.27 21.14 -35.04
CA PRO D 147 0.84 22.54 -34.97
C PRO D 147 -0.22 22.70 -33.89
N GLN D 148 -0.43 23.96 -33.51
CA GLN D 148 -1.51 24.29 -32.59
C GLN D 148 -2.82 23.74 -33.14
N THR D 149 -3.68 23.27 -32.23
CA THR D 149 -4.96 22.75 -32.70
C THR D 149 -5.70 23.84 -33.48
N GLY D 150 -6.42 23.43 -34.52
CA GLY D 150 -7.05 24.40 -35.37
C GLY D 150 -7.91 23.75 -36.44
N LEU D 151 -8.82 24.57 -36.97
CA LEU D 151 -9.87 24.08 -37.86
C LEU D 151 -9.29 23.44 -39.12
N ASP D 152 -8.30 24.10 -39.75
CA ASP D 152 -7.84 23.71 -41.08
C ASP D 152 -6.39 23.25 -41.06
N VAL D 153 -5.93 22.74 -39.92
CA VAL D 153 -4.57 22.21 -39.79
C VAL D 153 -4.49 20.82 -40.43
N PRO D 154 -3.60 20.61 -41.40
CA PRO D 154 -3.48 19.29 -42.01
C PRO D 154 -2.59 18.36 -41.20
N TYR D 155 -2.88 17.06 -41.26
CA TYR D 155 -2.10 16.12 -40.48
C TYR D 155 -2.35 14.70 -40.98
N THR D 156 -1.29 13.91 -40.99
CA THR D 156 -1.37 12.54 -41.48
C THR D 156 -1.22 11.55 -40.32
N PHE D 157 -2.20 10.67 -40.19
CA PHE D 157 -2.24 9.70 -39.11
C PHE D 157 -2.02 8.32 -39.72
N GLY D 158 -1.03 7.61 -39.20
CA GLY D 158 -0.92 6.20 -39.50
C GLY D 158 -1.94 5.42 -38.69
N LEU D 159 -2.51 4.40 -39.32
CA LEU D 159 -3.43 3.50 -38.65
C LEU D 159 -2.86 2.10 -38.64
N ILE D 160 -2.67 1.54 -37.44
CA ILE D 160 -2.05 0.24 -37.26
C ILE D 160 -2.81 -0.48 -36.16
N GLY D 161 -3.09 -1.77 -36.37
CA GLY D 161 -3.77 -2.58 -35.40
C GLY D 161 -3.27 -4.01 -35.34
N ASP D 162 -3.22 -4.60 -34.13
CA ASP D 162 -2.89 -6.01 -33.95
C ASP D 162 -1.54 -6.32 -34.59
N LEU D 163 -0.52 -5.55 -34.20
CA LEU D 163 0.77 -5.58 -34.88
C LEU D 163 1.53 -6.87 -34.58
N GLY D 164 1.77 -7.15 -33.30
CA GLY D 164 2.51 -8.33 -32.96
C GLY D 164 3.93 -8.24 -33.45
N GLN D 165 4.54 -9.40 -33.68
CA GLN D 165 5.96 -9.43 -33.98
C GLN D 165 6.30 -10.62 -34.87
N SER D 166 5.43 -10.90 -35.84
CA SER D 166 5.75 -11.84 -36.88
C SER D 166 6.60 -11.14 -37.96
N PHE D 167 7.00 -11.89 -38.99
CA PHE D 167 7.70 -11.26 -40.11
C PHE D 167 6.74 -10.37 -40.89
N ASP D 168 5.47 -10.77 -40.96
CA ASP D 168 4.41 -9.90 -41.46
C ASP D 168 4.37 -8.57 -40.71
N SER D 169 4.44 -8.64 -39.36
CA SER D 169 4.47 -7.43 -38.54
C SER D 169 5.59 -6.49 -38.95
N ASN D 170 6.81 -7.03 -39.10
CA ASN D 170 7.95 -6.22 -39.55
C ASN D 170 7.71 -5.63 -40.95
N THR D 171 7.01 -6.33 -41.83
CA THR D 171 6.75 -5.78 -43.15
C THR D 171 5.79 -4.60 -43.06
N THR D 172 4.70 -4.75 -42.31
CA THR D 172 3.74 -3.65 -42.15
C THR D 172 4.43 -2.40 -41.63
N LEU D 173 5.27 -2.57 -40.61
CA LEU D 173 5.96 -1.41 -40.04
C LEU D 173 6.90 -0.77 -41.05
N SER D 174 7.50 -1.58 -41.93
CA SER D 174 8.34 -1.03 -43.00
C SER D 174 7.51 -0.20 -43.96
N HIS D 175 6.36 -0.74 -44.38
CA HIS D 175 5.48 -0.01 -45.30
C HIS D 175 5.02 1.30 -44.70
N TYR D 176 4.75 1.33 -43.39
CA TYR D 176 4.34 2.59 -42.79
C TYR D 176 5.47 3.61 -42.87
N GLU D 177 6.66 3.23 -42.41
CA GLU D 177 7.77 4.17 -42.36
C GLU D 177 8.29 4.53 -43.76
N LEU D 178 8.00 3.71 -44.77
CA LEU D 178 8.34 4.03 -46.14
C LEU D 178 7.22 4.73 -46.87
N SER D 179 6.10 5.00 -46.22
CA SER D 179 4.95 5.56 -46.91
C SER D 179 5.31 6.91 -47.49
N PRO D 180 5.01 7.16 -48.78
CA PRO D 180 5.19 8.52 -49.31
C PRO D 180 4.22 9.52 -48.69
N LYS D 181 3.07 9.08 -48.19
CA LYS D 181 2.20 10.00 -47.49
C LYS D 181 2.78 10.44 -46.14
N LYS D 182 3.85 9.79 -45.66
CA LYS D 182 4.61 10.23 -44.49
C LYS D 182 3.74 10.46 -43.26
N GLY D 183 3.53 9.41 -42.47
CA GLY D 183 2.74 9.52 -41.26
C GLY D 183 3.46 10.31 -40.18
N GLN D 184 2.68 11.04 -39.38
CA GLN D 184 3.24 11.89 -38.35
C GLN D 184 2.90 11.42 -36.95
N THR D 185 1.97 10.49 -36.81
CA THR D 185 1.48 9.93 -35.56
C THR D 185 0.72 8.64 -35.90
N VAL D 186 0.91 7.61 -35.08
CA VAL D 186 0.19 6.35 -35.27
C VAL D 186 -0.97 6.30 -34.29
N LEU D 187 -2.15 5.97 -34.81
CA LEU D 187 -3.29 5.58 -34.00
C LEU D 187 -3.29 4.06 -33.93
N PHE D 188 -3.08 3.51 -32.74
CA PHE D 188 -2.90 2.08 -32.57
C PHE D 188 -4.15 1.50 -31.90
N VAL D 189 -4.86 0.64 -32.62
CA VAL D 189 -6.19 0.24 -32.18
C VAL D 189 -6.12 -1.03 -31.35
N GLY D 190 -4.94 -1.39 -30.89
CA GLY D 190 -4.82 -2.38 -29.85
C GLY D 190 -4.26 -3.70 -30.36
N ASP D 191 -3.93 -4.54 -29.37
CA ASP D 191 -3.18 -5.78 -29.50
C ASP D 191 -1.77 -5.48 -29.95
N LEU D 192 -0.87 -5.34 -28.98
CA LEU D 192 0.49 -4.89 -29.22
C LEU D 192 1.41 -6.08 -29.46
N SER D 193 1.81 -6.75 -28.37
CA SER D 193 2.91 -7.71 -28.42
C SER D 193 2.49 -9.14 -28.66
N TYR D 194 1.23 -9.51 -28.36
CA TYR D 194 0.79 -10.90 -28.35
C TYR D 194 1.67 -11.78 -27.47
N ALA D 195 2.35 -11.16 -26.49
CA ALA D 195 3.14 -11.92 -25.52
C ALA D 195 2.30 -12.93 -24.75
N ASP D 196 0.98 -12.71 -24.64
CA ASP D 196 0.14 -13.60 -23.84
C ASP D 196 -0.12 -14.92 -24.53
N ARG D 197 0.37 -15.12 -25.74
CA ARG D 197 0.27 -16.42 -26.41
CA ARG D 197 0.26 -16.42 -26.38
C ARG D 197 1.40 -17.37 -26.00
N TYR D 198 2.45 -16.84 -25.40
CA TYR D 198 3.57 -17.64 -24.96
C TYR D 198 3.26 -18.27 -23.60
N PRO D 199 3.95 -19.36 -23.26
CA PRO D 199 3.78 -19.96 -21.92
C PRO D 199 4.00 -18.92 -20.82
N ASN D 200 3.02 -18.83 -19.91
CA ASN D 200 3.00 -17.85 -18.84
C ASN D 200 3.06 -16.40 -19.33
N HIS D 201 2.64 -16.17 -20.58
CA HIS D 201 2.65 -14.85 -21.22
C HIS D 201 4.05 -14.28 -21.36
N ASP D 202 5.04 -15.17 -21.46
CA ASP D 202 6.46 -14.84 -21.43
C ASP D 202 6.73 -13.37 -21.75
N ASN D 203 6.76 -12.54 -20.70
CA ASN D 203 6.86 -11.10 -20.86
C ASN D 203 8.16 -10.65 -21.52
N VAL D 204 9.10 -11.57 -21.77
CA VAL D 204 10.21 -11.19 -22.63
C VAL D 204 9.69 -10.77 -23.99
N ARG D 205 8.55 -11.33 -24.42
CA ARG D 205 8.00 -10.95 -25.71
C ARG D 205 7.38 -9.55 -25.70
N TRP D 206 7.20 -8.95 -24.52
CA TRP D 206 6.93 -7.53 -24.40
C TRP D 206 8.21 -6.71 -24.62
N ASP D 207 9.31 -7.12 -23.98
CA ASP D 207 10.56 -6.38 -24.12
C ASP D 207 11.04 -6.42 -25.57
N THR D 208 10.87 -7.56 -26.20
CA THR D 208 11.29 -7.72 -27.57
C THR D 208 10.46 -6.85 -28.51
N TRP D 209 9.14 -6.74 -28.25
CA TRP D 209 8.27 -5.89 -29.07
C TRP D 209 8.60 -4.41 -28.90
N GLY D 210 8.92 -4.00 -27.67
CA GLY D 210 9.32 -2.63 -27.44
C GLY D 210 10.56 -2.26 -28.23
N ARG D 211 11.56 -3.14 -28.25
CA ARG D 211 12.77 -2.87 -29.03
C ARG D 211 12.49 -2.84 -30.52
N PHE D 212 11.53 -3.65 -30.98
CA PHE D 212 11.24 -3.75 -32.40
C PHE D 212 10.48 -2.53 -32.90
N THR D 213 9.48 -2.09 -32.15
CA THR D 213 8.71 -0.90 -32.52
C THR D 213 9.48 0.38 -32.31
N GLU D 214 10.62 0.33 -31.61
CA GLU D 214 11.31 1.57 -31.23
C GLU D 214 11.67 2.42 -32.44
N ARG D 215 12.05 1.79 -33.57
CA ARG D 215 12.52 2.55 -34.73
C ARG D 215 11.46 3.47 -35.30
N SER D 216 10.18 3.23 -35.00
CA SER D 216 9.13 4.19 -35.28
C SER D 216 8.75 5.01 -34.05
N VAL D 217 8.38 4.34 -32.95
CA VAL D 217 7.68 5.04 -31.87
C VAL D 217 8.62 5.86 -30.98
N ALA D 218 9.93 5.76 -31.15
CA ALA D 218 10.82 6.67 -30.44
C ALA D 218 10.85 8.06 -31.07
N TYR D 219 10.36 8.20 -32.31
CA TYR D 219 10.43 9.45 -33.04
C TYR D 219 9.07 10.10 -33.29
N GLN D 220 7.99 9.35 -33.14
CA GLN D 220 6.67 9.95 -33.30
C GLN D 220 5.70 9.23 -32.37
N PRO D 221 4.71 9.93 -31.85
CA PRO D 221 3.80 9.30 -30.89
C PRO D 221 3.00 8.19 -31.55
N TRP D 222 2.76 7.14 -30.79
CA TRP D 222 1.68 6.20 -31.05
C TRP D 222 0.63 6.39 -29.96
N ILE D 223 -0.63 6.45 -30.36
CA ILE D 223 -1.74 6.65 -29.44
C ILE D 223 -2.31 5.28 -29.11
N TRP D 224 -2.25 4.89 -27.82
CA TRP D 224 -2.47 3.50 -27.43
C TRP D 224 -3.93 3.20 -27.11
N THR D 225 -4.45 2.16 -27.75
CA THR D 225 -5.70 1.54 -27.38
C THR D 225 -5.43 0.17 -26.82
N ALA D 226 -6.13 -0.18 -25.74
CA ALA D 226 -5.96 -1.50 -25.14
C ALA D 226 -6.82 -2.51 -25.90
N GLY D 227 -6.18 -3.58 -26.38
CA GLY D 227 -6.88 -4.69 -26.98
C GLY D 227 -7.01 -5.83 -25.99
N ASN D 228 -7.60 -6.93 -26.45
CA ASN D 228 -7.85 -8.03 -25.53
C ASN D 228 -6.59 -8.80 -25.18
N HIS D 229 -5.57 -8.78 -26.03
CA HIS D 229 -4.28 -9.38 -25.67
C HIS D 229 -3.53 -8.58 -24.64
N GLU D 230 -4.02 -7.40 -24.29
CA GLU D 230 -3.48 -6.66 -23.16
C GLU D 230 -4.16 -7.01 -21.85
N ILE D 231 -5.35 -7.62 -21.87
CA ILE D 231 -6.06 -7.96 -20.62
C ILE D 231 -5.16 -8.78 -19.72
N GLU D 232 -4.54 -9.82 -20.27
CA GLU D 232 -3.60 -10.70 -19.55
C GLU D 232 -4.15 -11.11 -18.18
N PHE D 233 -5.41 -11.54 -18.20
CA PHE D 233 -6.08 -12.07 -17.01
C PHE D 233 -5.80 -13.56 -16.94
N ALA D 234 -4.94 -13.97 -16.02
CA ALA D 234 -4.45 -15.35 -15.94
C ALA D 234 -4.55 -15.85 -14.49
N PRO D 235 -5.76 -16.13 -14.02
CA PRO D 235 -5.91 -16.60 -12.63
C PRO D 235 -5.20 -17.92 -12.38
N GLU D 236 -5.05 -18.77 -13.39
CA GLU D 236 -4.36 -20.03 -13.18
C GLU D 236 -2.97 -19.81 -12.61
N ILE D 237 -2.24 -18.80 -13.10
CA ILE D 237 -0.91 -18.49 -12.57
C ILE D 237 -0.95 -17.28 -11.62
N ASN D 238 -2.12 -16.98 -11.06
CA ASN D 238 -2.29 -15.93 -10.06
C ASN D 238 -2.00 -14.53 -10.62
N GLU D 239 -2.33 -14.30 -11.88
CA GLU D 239 -2.26 -12.96 -12.46
C GLU D 239 -3.69 -12.53 -12.75
N THR D 240 -4.28 -11.77 -11.83
CA THR D 240 -5.70 -11.46 -11.89
C THR D 240 -6.00 -9.99 -12.14
N GLU D 241 -4.98 -9.15 -12.35
CA GLU D 241 -5.21 -7.72 -12.51
C GLU D 241 -5.15 -7.36 -13.99
N PRO D 242 -6.27 -7.02 -14.62
CA PRO D 242 -6.26 -6.81 -16.08
C PRO D 242 -5.34 -5.68 -16.50
N PHE D 243 -4.66 -5.90 -17.65
CA PHE D 243 -3.83 -4.92 -18.32
C PHE D 243 -2.54 -4.58 -17.56
N LYS D 244 -2.11 -5.42 -16.61
CA LYS D 244 -0.97 -5.04 -15.77
C LYS D 244 0.31 -4.78 -16.58
N PRO D 245 0.83 -5.74 -17.36
CA PRO D 245 2.08 -5.45 -18.10
C PRO D 245 1.91 -4.27 -19.04
N PHE D 246 0.80 -4.23 -19.78
CA PHE D 246 0.54 -3.11 -20.67
C PHE D 246 0.52 -1.79 -19.90
N SER D 247 -0.26 -1.72 -18.81
CA SER D 247 -0.38 -0.45 -18.10
C SER D 247 0.95 0.02 -17.52
N TYR D 248 1.84 -0.91 -17.12
CA TYR D 248 3.15 -0.51 -16.61
C TYR D 248 4.03 0.07 -17.71
N ARG D 249 4.00 -0.54 -18.89
CA ARG D 249 4.92 -0.17 -19.95
C ARG D 249 4.43 1.00 -20.80
N TYR D 250 3.13 1.20 -20.94
CA TYR D 250 2.62 2.21 -21.86
C TYR D 250 1.70 3.16 -21.11
N HIS D 251 2.19 4.36 -20.84
CA HIS D 251 1.38 5.38 -20.18
C HIS D 251 0.66 6.22 -21.22
N VAL D 252 -0.43 6.83 -20.78
CA VAL D 252 -1.27 7.70 -21.60
C VAL D 252 -1.70 8.88 -20.76
N PRO D 253 -1.91 10.05 -21.40
CA PRO D 253 -2.21 11.25 -20.58
C PRO D 253 -3.70 11.33 -20.26
N TYR D 254 -4.21 10.28 -19.62
CA TYR D 254 -5.66 10.15 -19.46
C TYR D 254 -6.21 11.22 -18.53
N GLU D 255 -5.38 11.73 -17.61
CA GLU D 255 -5.81 12.80 -16.72
C GLU D 255 -6.14 14.07 -17.49
N ALA D 256 -5.51 14.26 -18.65
CA ALA D 256 -5.64 15.51 -19.38
C ALA D 256 -7.06 15.74 -19.86
N SER D 257 -7.84 14.68 -20.05
CA SER D 257 -9.26 14.77 -20.39
C SER D 257 -10.16 14.41 -19.21
N GLN D 258 -9.64 14.55 -18.00
CA GLN D 258 -10.37 14.26 -16.75
C GLN D 258 -10.91 12.84 -16.73
N SER D 259 -10.24 11.95 -17.46
CA SER D 259 -10.53 10.53 -17.28
C SER D 259 -9.89 10.07 -15.98
N THR D 260 -10.50 9.07 -15.34
CA THR D 260 -9.92 8.49 -14.15
C THR D 260 -9.23 7.17 -14.44
N SER D 261 -9.04 6.83 -15.71
CA SER D 261 -8.44 5.55 -16.06
C SER D 261 -7.71 5.63 -17.39
N PRO D 262 -6.54 5.00 -17.47
CA PRO D 262 -5.75 5.03 -18.71
C PRO D 262 -6.38 4.30 -19.89
N PHE D 263 -7.47 3.59 -19.72
CA PHE D 263 -7.97 2.76 -20.80
C PHE D 263 -8.98 3.48 -21.67
N TRP D 264 -9.48 4.63 -21.22
CA TRP D 264 -10.26 5.53 -22.05
C TRP D 264 -9.78 6.95 -21.80
N TYR D 265 -9.69 7.74 -22.86
CA TYR D 265 -9.12 9.08 -22.78
C TYR D 265 -9.23 9.70 -24.17
N SER D 266 -8.98 11.00 -24.23
CA SER D 266 -9.00 11.73 -25.48
C SER D 266 -7.80 12.67 -25.54
N ILE D 267 -7.33 12.90 -26.77
CA ILE D 267 -6.34 13.92 -27.07
C ILE D 267 -6.86 14.71 -28.26
N LYS D 268 -6.36 15.94 -28.39
CA LYS D 268 -6.57 16.76 -29.57
C LYS D 268 -5.23 17.00 -30.23
N ARG D 269 -5.18 16.86 -31.55
CA ARG D 269 -3.92 16.96 -32.27
C ARG D 269 -4.21 17.55 -33.64
N ALA D 270 -3.62 18.71 -33.93
CA ALA D 270 -3.87 19.40 -35.19
C ALA D 270 -5.37 19.62 -35.30
N SER D 271 -6.06 19.04 -36.29
CA SER D 271 -7.49 19.25 -36.49
C SER D 271 -8.32 18.06 -36.01
N ALA D 272 -7.74 17.21 -35.18
CA ALA D 272 -8.38 15.96 -34.79
C ALA D 272 -8.67 15.97 -33.30
N HIS D 273 -9.87 15.51 -32.96
CA HIS D 273 -10.24 15.15 -31.59
C HIS D 273 -10.40 13.64 -31.57
N ILE D 274 -9.53 12.96 -30.84
CA ILE D 274 -9.43 11.49 -30.86
C ILE D 274 -9.91 10.94 -29.53
N ILE D 275 -10.80 9.96 -29.60
CA ILE D 275 -11.38 9.36 -28.40
C ILE D 275 -11.02 7.87 -28.41
N VAL D 276 -10.34 7.42 -27.36
CA VAL D 276 -9.94 6.03 -27.17
C VAL D 276 -10.89 5.40 -26.16
N LEU D 277 -11.55 4.34 -26.57
CA LEU D 277 -12.42 3.58 -25.68
C LEU D 277 -11.82 2.23 -25.37
N SER D 278 -12.30 1.63 -24.29
CA SER D 278 -11.83 0.35 -23.79
C SER D 278 -12.95 -0.68 -23.95
N SER D 279 -12.83 -1.54 -24.98
CA SER D 279 -13.81 -2.59 -25.17
C SER D 279 -13.89 -3.55 -24.00
N TYR D 280 -12.81 -3.68 -23.23
CA TYR D 280 -12.77 -4.70 -22.20
C TYR D 280 -12.77 -4.10 -20.78
N SER D 281 -13.21 -2.85 -20.66
CA SER D 281 -13.62 -2.27 -19.40
C SER D 281 -15.14 -2.14 -19.36
N ALA D 282 -15.63 -1.66 -18.22
CA ALA D 282 -17.05 -1.46 -18.03
C ALA D 282 -17.56 -0.28 -18.84
N TYR D 283 -18.73 -0.44 -19.44
CA TYR D 283 -19.37 0.68 -20.13
C TYR D 283 -20.88 0.71 -19.90
N GLY D 284 -21.39 -0.04 -18.92
CA GLY D 284 -22.79 0.09 -18.56
C GLY D 284 -23.12 1.48 -18.07
N ARG D 285 -24.42 1.81 -18.10
CA ARG D 285 -24.87 3.12 -17.65
CA ARG D 285 -24.86 3.12 -17.65
C ARG D 285 -24.46 3.35 -16.19
N GLY D 286 -23.87 4.52 -15.93
CA GLY D 286 -23.36 4.87 -14.63
C GLY D 286 -21.89 4.56 -14.42
N THR D 287 -21.32 3.66 -15.23
CA THR D 287 -19.94 3.28 -15.01
C THR D 287 -19.01 4.44 -15.36
N PRO D 288 -17.77 4.40 -14.84
CA PRO D 288 -16.81 5.47 -15.17
C PRO D 288 -16.62 5.73 -16.65
N GLN D 289 -16.28 4.71 -17.45
CA GLN D 289 -16.05 4.94 -18.86
C GLN D 289 -17.28 5.54 -19.52
N TYR D 290 -18.44 4.90 -19.32
CA TYR D 290 -19.69 5.39 -19.89
C TYR D 290 -19.93 6.83 -19.50
N THR D 291 -19.84 7.13 -18.20
CA THR D 291 -20.00 8.49 -17.73
C THR D 291 -19.01 9.42 -18.39
N TRP D 292 -17.75 8.98 -18.52
CA TRP D 292 -16.72 9.80 -19.12
C TRP D 292 -17.04 10.12 -20.58
N LEU D 293 -17.47 9.12 -21.35
CA LEU D 293 -17.72 9.34 -22.77
C LEU D 293 -18.89 10.30 -22.98
N LYS D 294 -19.93 10.18 -22.15
CA LYS D 294 -21.07 11.09 -22.22
C LYS D 294 -20.63 12.55 -22.14
N LYS D 295 -19.79 12.87 -21.16
CA LYS D 295 -19.36 14.26 -20.96
C LYS D 295 -18.29 14.67 -21.97
N GLU D 296 -17.45 13.74 -22.43
CA GLU D 296 -16.37 14.12 -23.34
C GLU D 296 -16.92 14.56 -24.70
N LEU D 297 -17.96 13.88 -25.19
CA LEU D 297 -18.53 14.28 -26.47
C LEU D 297 -19.07 15.71 -26.40
N ARG D 298 -19.66 16.09 -25.26
CA ARG D 298 -20.14 17.46 -25.09
C ARG D 298 -19.01 18.49 -25.17
N LYS D 299 -17.78 18.08 -24.90
CA LYS D 299 -16.66 19.00 -24.97
C LYS D 299 -16.05 19.11 -26.35
N VAL D 300 -16.48 18.27 -27.30
CA VAL D 300 -15.89 18.32 -28.64
C VAL D 300 -16.34 19.59 -29.34
N LYS D 301 -15.38 20.32 -29.91
CA LYS D 301 -15.66 21.54 -30.66
C LYS D 301 -15.21 21.35 -32.11
N ARG D 302 -16.18 21.09 -33.00
CA ARG D 302 -15.85 20.88 -34.40
C ARG D 302 -15.36 22.14 -35.08
N SER D 303 -15.59 23.31 -34.48
CA SER D 303 -15.01 24.52 -35.04
C SER D 303 -13.52 24.66 -34.73
N GLU D 304 -12.99 23.87 -33.79
CA GLU D 304 -11.55 23.81 -33.55
C GLU D 304 -10.93 22.48 -33.99
N THR D 305 -11.60 21.34 -33.76
CA THR D 305 -11.13 20.04 -34.25
C THR D 305 -12.27 19.43 -35.05
N PRO D 306 -12.32 19.70 -36.37
CA PRO D 306 -13.45 19.19 -37.17
C PRO D 306 -13.45 17.68 -37.31
N TRP D 307 -12.31 17.03 -37.23
CA TRP D 307 -12.25 15.57 -37.39
C TRP D 307 -12.36 14.92 -36.02
N LEU D 308 -13.46 14.19 -35.83
CA LEU D 308 -13.80 13.50 -34.61
C LEU D 308 -13.58 12.02 -34.90
N ILE D 309 -12.62 11.44 -34.21
CA ILE D 309 -12.12 10.10 -34.48
C ILE D 309 -12.25 9.30 -33.22
N VAL D 310 -12.80 8.09 -33.33
CA VAL D 310 -12.92 7.19 -32.20
C VAL D 310 -12.04 5.98 -32.42
N LEU D 311 -11.29 5.60 -31.39
CA LEU D 311 -10.48 4.40 -31.39
C LEU D 311 -11.03 3.41 -30.37
N MET D 312 -11.15 2.15 -30.80
CA MET D 312 -11.55 1.07 -29.92
C MET D 312 -11.01 -0.22 -30.53
N HIS D 313 -10.88 -1.28 -29.71
CA HIS D 313 -10.26 -2.48 -30.24
C HIS D 313 -11.25 -3.32 -31.04
N SER D 314 -12.41 -3.60 -30.45
CA SER D 314 -13.32 -4.57 -31.03
C SER D 314 -14.33 -3.86 -31.93
N PRO D 315 -14.45 -4.25 -33.20
CA PRO D 315 -15.27 -3.45 -34.13
C PRO D 315 -16.76 -3.55 -33.84
N LEU D 316 -17.47 -2.42 -34.01
CA LEU D 316 -18.93 -2.43 -33.87
C LEU D 316 -19.61 -2.92 -35.13
N TYR D 317 -18.93 -2.79 -36.28
CA TYR D 317 -19.40 -3.28 -37.57
C TYR D 317 -18.31 -4.18 -38.12
N ASN D 318 -18.68 -5.41 -38.44
CA ASN D 318 -17.73 -6.45 -38.82
C ASN D 318 -18.50 -7.55 -39.53
N SER D 319 -18.16 -7.80 -40.80
CA SER D 319 -18.80 -8.89 -41.52
C SER D 319 -17.89 -10.11 -41.66
N TYR D 320 -16.83 -10.20 -40.87
CA TYR D 320 -16.02 -11.40 -40.79
C TYR D 320 -16.64 -12.39 -39.81
N ASN D 321 -16.37 -13.67 -40.02
CA ASN D 321 -16.80 -14.68 -39.05
C ASN D 321 -16.08 -14.53 -37.72
N HIS D 322 -14.77 -14.32 -37.77
CA HIS D 322 -14.01 -14.17 -36.54
C HIS D 322 -14.52 -12.97 -35.77
N HIS D 323 -14.97 -13.21 -34.54
CA HIS D 323 -15.44 -12.16 -33.62
C HIS D 323 -16.72 -11.47 -34.11
N PHE D 324 -17.44 -12.07 -35.05
CA PHE D 324 -18.73 -11.53 -35.49
C PHE D 324 -19.61 -11.22 -34.30
N MET D 325 -20.11 -9.98 -34.25
CA MET D 325 -21.09 -9.50 -33.28
C MET D 325 -20.54 -9.35 -31.88
N GLU D 326 -19.24 -9.51 -31.67
CA GLU D 326 -18.65 -9.24 -30.36
C GLU D 326 -18.78 -7.78 -29.98
N GLY D 327 -18.91 -6.89 -30.94
CA GLY D 327 -19.11 -5.49 -30.68
C GLY D 327 -20.54 -5.07 -30.38
N GLU D 328 -21.50 -6.00 -30.43
CA GLU D 328 -22.90 -5.62 -30.25
C GLU D 328 -23.11 -4.90 -28.91
N ALA D 329 -22.51 -5.43 -27.84
CA ALA D 329 -22.76 -4.90 -26.51
C ALA D 329 -22.36 -3.43 -26.42
N MET D 330 -21.13 -3.10 -26.77
CA MET D 330 -20.73 -1.69 -26.80
C MET D 330 -21.57 -0.90 -27.80
N ARG D 331 -21.92 -1.52 -28.93
CA ARG D 331 -22.71 -0.84 -29.94
C ARG D 331 -24.06 -0.37 -29.38
N THR D 332 -24.76 -1.24 -28.67
CA THR D 332 -26.06 -0.86 -28.13
C THR D 332 -25.95 0.33 -27.18
N LYS D 333 -24.80 0.49 -26.54
CA LYS D 333 -24.62 1.58 -25.60
C LYS D 333 -24.17 2.84 -26.31
N PHE D 334 -23.27 2.74 -27.30
CA PHE D 334 -22.57 3.93 -27.78
C PHE D 334 -22.90 4.34 -29.20
N GLU D 335 -23.52 3.48 -30.02
CA GLU D 335 -23.68 3.82 -31.43
C GLU D 335 -24.50 5.10 -31.59
N ALA D 336 -25.62 5.21 -30.87
CA ALA D 336 -26.45 6.39 -31.02
C ALA D 336 -25.70 7.67 -30.66
N TRP D 337 -24.78 7.58 -29.71
CA TRP D 337 -23.95 8.73 -29.37
C TRP D 337 -23.05 9.13 -30.54
N PHE D 338 -22.46 8.13 -31.20
CA PHE D 338 -21.59 8.43 -32.34
C PHE D 338 -22.37 9.17 -33.41
N VAL D 339 -23.57 8.68 -33.70
CA VAL D 339 -24.40 9.31 -34.72
C VAL D 339 -24.82 10.70 -34.26
N LYS D 340 -25.31 10.79 -33.02
CA LYS D 340 -25.72 12.09 -32.48
C LYS D 340 -24.61 13.13 -32.59
N TYR D 341 -23.37 12.75 -32.28
CA TYR D 341 -22.26 13.69 -32.36
C TYR D 341 -21.55 13.69 -33.71
N LYS D 342 -22.08 12.95 -34.68
CA LYS D 342 -21.52 12.95 -36.02
C LYS D 342 -20.01 12.66 -36.00
N VAL D 343 -19.67 11.53 -35.37
CA VAL D 343 -18.29 11.05 -35.43
C VAL D 343 -17.95 10.81 -36.90
N ASP D 344 -16.74 11.19 -37.30
CA ASP D 344 -16.35 11.03 -38.69
C ASP D 344 -15.99 9.58 -39.00
N VAL D 345 -15.19 8.96 -38.13
CA VAL D 345 -14.70 7.60 -38.39
C VAL D 345 -14.37 6.94 -37.07
N VAL D 346 -14.71 5.65 -36.97
CA VAL D 346 -14.34 4.80 -35.84
C VAL D 346 -13.41 3.72 -36.35
N PHE D 347 -12.20 3.66 -35.79
CA PHE D 347 -11.23 2.65 -36.16
C PHE D 347 -11.21 1.54 -35.11
N ALA D 348 -11.23 0.30 -35.55
CA ALA D 348 -11.07 -0.83 -34.68
C ALA D 348 -10.01 -1.76 -35.24
N GLY D 349 -9.70 -2.80 -34.48
CA GLY D 349 -8.82 -3.86 -34.93
C GLY D 349 -9.45 -5.21 -34.65
N HIS D 350 -8.73 -6.07 -33.93
CA HIS D 350 -9.30 -7.29 -33.36
C HIS D 350 -9.55 -8.36 -34.43
N VAL D 351 -10.26 -8.01 -35.51
CA VAL D 351 -10.32 -8.87 -36.68
C VAL D 351 -9.06 -8.63 -37.51
N HIS D 352 -8.37 -9.74 -37.82
CA HIS D 352 -7.08 -9.70 -38.49
C HIS D 352 -7.29 -9.65 -40.01
N ALA D 353 -7.89 -8.57 -40.45
CA ALA D 353 -8.25 -8.35 -41.84
C ALA D 353 -8.61 -6.88 -41.98
N TYR D 354 -9.06 -6.50 -43.16
CA TYR D 354 -9.40 -5.11 -43.45
C TYR D 354 -10.87 -5.05 -43.82
N GLU D 355 -11.59 -4.08 -43.26
CA GLU D 355 -12.96 -3.85 -43.68
C GLU D 355 -13.28 -2.38 -43.52
N ARG D 356 -14.06 -1.86 -44.47
CA ARG D 356 -14.57 -0.49 -44.45
C ARG D 356 -16.08 -0.54 -44.67
N SER D 357 -16.84 0.06 -43.77
CA SER D 357 -18.28 0.03 -43.88
C SER D 357 -18.78 1.26 -44.66
N GLU D 358 -20.06 1.25 -45.01
CA GLU D 358 -20.77 2.45 -45.42
C GLU D 358 -21.14 3.28 -44.20
N ARG D 359 -21.62 4.50 -44.44
CA ARG D 359 -22.11 5.34 -43.35
C ARG D 359 -23.52 4.87 -43.02
N VAL D 360 -23.64 4.09 -41.95
CA VAL D 360 -24.91 3.47 -41.58
C VAL D 360 -25.11 3.62 -40.08
N SER D 361 -26.38 3.51 -39.68
CA SER D 361 -26.76 3.45 -38.28
C SER D 361 -27.71 2.27 -38.08
N ASN D 362 -27.78 1.80 -36.84
CA ASN D 362 -28.72 0.74 -36.46
C ASN D 362 -29.25 1.09 -35.07
N ILE D 363 -29.88 2.26 -34.95
CA ILE D 363 -30.21 2.84 -33.66
C ILE D 363 -31.71 2.98 -33.46
N ALA D 364 -32.53 2.46 -34.36
CA ALA D 364 -33.98 2.62 -34.31
C ALA D 364 -34.67 1.50 -33.52
N TYR D 365 -33.94 0.46 -33.14
CA TYR D 365 -34.52 -0.74 -32.55
C TYR D 365 -35.17 -0.47 -31.20
N LYS D 366 -36.38 -1.01 -31.00
CA LYS D 366 -37.09 -0.85 -29.74
C LYS D 366 -37.64 -2.19 -29.24
N ILE D 367 -36.97 -3.29 -29.60
CA ILE D 367 -37.31 -4.66 -29.19
C ILE D 367 -38.52 -5.19 -29.96
N THR D 368 -39.63 -4.46 -29.97
CA THR D 368 -40.84 -4.95 -30.60
C THR D 368 -41.20 -4.20 -31.89
N ASN D 369 -40.45 -3.19 -32.29
CA ASN D 369 -40.80 -2.45 -33.50
C ASN D 369 -40.17 -3.04 -34.75
N GLY D 370 -39.35 -4.09 -34.62
CA GLY D 370 -38.75 -4.74 -35.78
C GLY D 370 -37.71 -3.96 -36.54
N LEU D 371 -37.28 -2.78 -36.05
CA LEU D 371 -36.35 -1.92 -36.78
C LEU D 371 -34.92 -2.32 -36.39
N CYS D 372 -34.44 -3.39 -37.01
CA CYS D 372 -33.14 -3.93 -36.65
C CYS D 372 -32.15 -3.98 -37.80
N THR D 373 -32.50 -3.48 -38.98
CA THR D 373 -31.52 -3.51 -40.04
C THR D 373 -30.77 -2.18 -40.13
N PRO D 374 -29.45 -2.20 -40.34
CA PRO D 374 -28.74 -0.95 -40.58
C PRO D 374 -29.23 -0.25 -41.84
N VAL D 375 -29.30 1.07 -41.78
CA VAL D 375 -29.70 1.89 -42.90
C VAL D 375 -28.63 2.95 -43.11
N LYS D 376 -28.57 3.49 -44.32
CA LYS D 376 -27.62 4.56 -44.58
C LYS D 376 -27.99 5.79 -43.76
N ASP D 377 -26.96 6.48 -43.26
CA ASP D 377 -27.17 7.56 -42.31
C ASP D 377 -25.99 8.51 -42.44
N GLN D 378 -26.23 9.69 -42.98
CA GLN D 378 -25.16 10.64 -43.24
C GLN D 378 -24.67 11.36 -41.98
N SER D 379 -25.25 11.09 -40.81
CA SER D 379 -24.65 11.49 -39.53
C SER D 379 -23.79 10.39 -38.92
N ALA D 380 -23.84 9.19 -39.44
CA ALA D 380 -23.09 8.09 -38.86
C ALA D 380 -21.63 8.15 -39.30
N PRO D 381 -20.72 7.61 -38.49
CA PRO D 381 -19.33 7.46 -38.93
C PRO D 381 -19.19 6.34 -39.96
N VAL D 382 -18.03 6.33 -40.60
CA VAL D 382 -17.53 5.14 -41.27
C VAL D 382 -16.80 4.29 -40.23
N TYR D 383 -17.05 2.98 -40.27
CA TYR D 383 -16.38 2.03 -39.39
C TYR D 383 -15.34 1.24 -40.17
N ILE D 384 -14.08 1.36 -39.77
CA ILE D 384 -12.99 0.68 -40.46
C ILE D 384 -12.33 -0.29 -39.49
N THR D 385 -12.27 -1.55 -39.91
CA THR D 385 -11.45 -2.56 -39.25
C THR D 385 -10.08 -2.54 -39.89
N ILE D 386 -9.04 -2.38 -39.06
CA ILE D 386 -7.69 -2.27 -39.57
C ILE D 386 -6.78 -3.07 -38.65
N GLY D 387 -7.23 -4.25 -38.24
CA GLY D 387 -6.46 -5.11 -37.37
C GLY D 387 -5.55 -6.09 -38.11
N ASP D 388 -4.97 -5.65 -39.23
CA ASP D 388 -4.30 -6.56 -40.15
C ASP D 388 -2.82 -6.26 -40.29
N ALA D 389 -2.20 -5.74 -39.25
CA ALA D 389 -0.79 -5.36 -39.33
C ALA D 389 0.18 -6.52 -39.19
N GLY D 390 -0.30 -7.72 -38.84
CA GLY D 390 0.56 -8.89 -38.86
C GLY D 390 0.35 -9.88 -37.73
N ASN D 391 0.05 -9.36 -36.54
CA ASN D 391 -0.12 -10.16 -35.33
C ASN D 391 0.94 -11.27 -35.25
N TYR D 392 0.53 -12.53 -35.07
CA TYR D 392 1.49 -13.63 -35.07
C TYR D 392 1.50 -14.35 -36.42
N GLY D 393 1.08 -13.66 -37.47
CA GLY D 393 1.19 -14.19 -38.81
C GLY D 393 -0.04 -14.89 -39.35
N VAL D 394 -1.21 -14.64 -38.78
CA VAL D 394 -2.45 -15.27 -39.20
C VAL D 394 -3.40 -14.21 -39.74
N ILE D 395 -4.06 -14.50 -40.86
CA ILE D 395 -5.06 -13.62 -41.43
C ILE D 395 -6.43 -14.27 -41.21
N ASP D 396 -7.43 -13.43 -40.92
CA ASP D 396 -8.83 -13.86 -40.83
C ASP D 396 -9.44 -13.74 -42.21
N SER D 397 -9.69 -14.87 -42.87
CA SER D 397 -10.19 -14.86 -44.24
C SER D 397 -11.65 -15.25 -44.37
N ASN D 398 -12.25 -15.90 -43.37
CA ASN D 398 -13.62 -16.37 -43.52
C ASN D 398 -14.59 -15.20 -43.28
N MET D 399 -15.32 -14.80 -44.34
CA MET D 399 -16.28 -13.69 -44.30
C MET D 399 -17.71 -14.21 -44.40
N ILE D 400 -18.63 -13.46 -43.79
CA ILE D 400 -20.05 -13.70 -43.98
C ILE D 400 -20.41 -13.42 -45.43
N GLN D 401 -21.09 -14.39 -46.08
CA GLN D 401 -21.48 -14.28 -47.47
C GLN D 401 -23.00 -14.42 -47.61
N PRO D 402 -23.65 -13.57 -48.42
CA PRO D 402 -22.96 -12.56 -49.22
C PRO D 402 -22.51 -11.35 -48.40
N GLN D 403 -21.69 -10.50 -48.99
CA GLN D 403 -21.24 -9.32 -48.28
C GLN D 403 -22.43 -8.43 -47.94
N PRO D 404 -22.66 -8.14 -46.66
CA PRO D 404 -23.83 -7.35 -46.29
C PRO D 404 -23.79 -5.94 -46.84
N GLU D 405 -24.96 -5.32 -46.82
CA GLU D 405 -25.15 -4.00 -47.41
C GLU D 405 -24.29 -2.95 -46.69
N TYR D 406 -24.16 -3.06 -45.36
CA TYR D 406 -23.38 -2.07 -44.62
C TYR D 406 -21.89 -2.13 -44.89
N SER D 407 -21.41 -3.19 -45.53
CA SER D 407 -19.98 -3.38 -45.76
C SER D 407 -19.62 -2.80 -47.13
N ALA D 408 -18.80 -1.75 -47.13
CA ALA D 408 -18.42 -1.15 -48.40
C ALA D 408 -17.32 -1.95 -49.08
N PHE D 409 -16.28 -2.32 -48.34
CA PHE D 409 -15.12 -3.01 -48.88
C PHE D 409 -14.43 -3.75 -47.74
N ARG D 410 -13.84 -4.89 -48.07
CA ARG D 410 -13.22 -5.78 -47.09
C ARG D 410 -12.28 -6.74 -47.80
N GLU D 411 -11.11 -6.97 -47.23
CA GLU D 411 -10.16 -7.89 -47.85
C GLU D 411 -9.26 -8.51 -46.79
N ALA D 412 -9.08 -9.83 -46.87
CA ALA D 412 -8.19 -10.54 -45.95
C ALA D 412 -6.75 -10.48 -46.44
N SER D 413 -6.10 -9.32 -46.22
CA SER D 413 -4.67 -9.19 -46.45
C SER D 413 -4.04 -8.33 -45.36
N PHE D 414 -2.77 -8.64 -45.04
CA PHE D 414 -1.99 -7.83 -44.12
C PHE D 414 -1.79 -6.41 -44.67
N GLY D 415 -1.68 -5.43 -43.76
CA GLY D 415 -1.46 -4.08 -44.21
C GLY D 415 -1.63 -3.06 -43.10
N HIS D 416 -1.67 -1.79 -43.51
CA HIS D 416 -1.88 -0.66 -42.64
C HIS D 416 -2.67 0.41 -43.40
N GLY D 417 -3.12 1.43 -42.67
CA GLY D 417 -3.87 2.53 -43.25
C GLY D 417 -3.24 3.87 -42.92
N MET D 418 -3.79 4.91 -43.56
CA MET D 418 -3.33 6.29 -43.43
C MET D 418 -4.55 7.19 -43.49
N PHE D 419 -4.75 8.00 -42.46
CA PHE D 419 -5.83 8.99 -42.44
C PHE D 419 -5.17 10.36 -42.61
N ASP D 420 -5.23 10.86 -43.82
CA ASP D 420 -4.50 12.06 -44.22
C ASP D 420 -5.49 13.23 -44.24
N ILE D 421 -5.43 14.07 -43.22
CA ILE D 421 -6.32 15.23 -43.14
C ILE D 421 -5.75 16.35 -44.00
N LYS D 422 -6.53 16.81 -44.97
CA LYS D 422 -6.15 17.97 -45.79
C LYS D 422 -6.65 19.28 -45.20
N ASN D 423 -7.85 19.30 -44.64
CA ASN D 423 -8.49 20.54 -44.19
C ASN D 423 -9.80 20.17 -43.50
N ARG D 424 -10.60 21.20 -43.19
CA ARG D 424 -11.83 20.97 -42.42
C ARG D 424 -12.86 20.14 -43.17
N THR D 425 -12.79 20.02 -44.49
CA THR D 425 -13.82 19.30 -45.23
C THR D 425 -13.38 17.95 -45.77
N HIS D 426 -12.08 17.72 -45.95
CA HIS D 426 -11.57 16.57 -46.68
C HIS D 426 -10.49 15.87 -45.89
N ALA D 427 -10.59 14.54 -45.83
CA ALA D 427 -9.49 13.70 -45.42
C ALA D 427 -9.46 12.51 -46.36
N HIS D 428 -8.25 12.05 -46.69
CA HIS D 428 -8.08 10.91 -47.58
C HIS D 428 -7.61 9.73 -46.74
N PHE D 429 -8.35 8.63 -46.82
CA PHE D 429 -7.97 7.39 -46.18
C PHE D 429 -7.49 6.42 -47.24
N SER D 430 -6.43 5.68 -46.93
CA SER D 430 -5.89 4.70 -47.87
C SER D 430 -5.42 3.46 -47.13
N TRP D 431 -5.58 2.31 -47.78
CA TRP D 431 -5.16 1.03 -47.25
C TRP D 431 -4.04 0.47 -48.12
N ASN D 432 -2.86 0.32 -47.52
CA ASN D 432 -1.69 -0.21 -48.20
C ASN D 432 -1.48 -1.64 -47.75
N ARG D 433 -1.39 -2.56 -48.71
CA ARG D 433 -1.17 -3.98 -48.42
C ARG D 433 0.33 -4.28 -48.37
N ASN D 434 0.68 -5.31 -47.60
CA ASN D 434 2.07 -5.75 -47.51
C ASN D 434 2.56 -6.37 -48.82
N GLN D 435 1.66 -6.97 -49.62
CA GLN D 435 2.08 -7.52 -50.90
C GLN D 435 2.22 -6.46 -51.99
N ASP D 436 1.63 -5.28 -51.83
CA ASP D 436 1.83 -4.25 -52.84
C ASP D 436 3.10 -3.47 -52.54
N GLY D 437 3.51 -2.65 -53.49
CA GLY D 437 4.58 -1.71 -53.22
C GLY D 437 4.10 -0.61 -52.29
N VAL D 438 5.07 0.04 -51.65
CA VAL D 438 4.73 0.93 -50.53
C VAL D 438 3.90 2.13 -50.96
N ALA D 439 3.86 2.44 -52.25
CA ALA D 439 3.09 3.56 -52.73
C ALA D 439 1.71 3.15 -53.26
N VAL D 440 1.38 1.86 -53.23
CA VAL D 440 0.13 1.39 -53.80
C VAL D 440 -0.96 1.38 -52.73
N GLU D 441 -2.11 1.92 -53.09
CA GLU D 441 -3.30 1.93 -52.24
C GLU D 441 -4.28 0.93 -52.83
N ALA D 442 -4.53 -0.16 -52.11
CA ALA D 442 -5.51 -1.15 -52.57
C ALA D 442 -6.94 -0.72 -52.33
N ASP D 443 -7.17 0.16 -51.36
CA ASP D 443 -8.45 0.81 -51.15
C ASP D 443 -8.13 2.25 -50.79
N SER D 444 -9.01 3.18 -51.20
CA SER D 444 -8.83 4.56 -50.81
C SER D 444 -10.13 5.33 -51.02
N VAL D 445 -10.54 6.07 -50.00
CA VAL D 445 -11.76 6.87 -50.06
C VAL D 445 -11.47 8.27 -49.55
N TRP D 446 -12.26 9.22 -50.04
CA TRP D 446 -12.29 10.55 -49.47
C TRP D 446 -13.33 10.57 -48.35
N PHE D 447 -12.91 11.01 -47.17
CA PHE D 447 -13.84 11.30 -46.10
C PHE D 447 -14.27 12.75 -46.23
N PHE D 448 -15.57 12.98 -46.25
CA PHE D 448 -16.12 14.32 -46.25
C PHE D 448 -16.58 14.62 -44.84
N ASN D 449 -16.10 15.73 -44.28
CA ASN D 449 -16.27 16.01 -42.86
C ASN D 449 -17.75 16.08 -42.49
N ARG D 450 -18.13 15.31 -41.47
CA ARG D 450 -19.54 15.23 -41.11
C ARG D 450 -20.08 16.54 -40.56
N HIS D 451 -19.23 17.40 -40.02
CA HIS D 451 -19.71 18.69 -39.56
C HIS D 451 -19.62 19.76 -40.64
N TRP D 452 -18.53 19.76 -41.41
CA TRP D 452 -18.27 20.84 -42.35
C TRP D 452 -18.70 20.51 -43.76
N TYR D 453 -18.89 19.25 -44.10
CA TYR D 453 -19.10 18.90 -45.50
C TYR D 453 -19.76 17.53 -45.63
N PRO D 454 -20.96 17.33 -45.07
CA PRO D 454 -21.45 15.93 -44.94
C PRO D 454 -22.18 15.36 -46.16
N VAL D 455 -21.42 14.93 -47.16
CA VAL D 455 -21.99 14.38 -48.39
C VAL D 455 -21.67 12.90 -48.49
N ASP D 456 -22.38 12.21 -49.41
CA ASP D 456 -22.35 10.76 -49.52
C ASP D 456 -20.99 10.22 -49.99
N ASP D 457 -20.04 10.00 -49.09
CA ASP D 457 -18.71 9.60 -49.53
C ASP D 457 -18.50 8.09 -49.62
#